data_4A53
#
_entry.id   4A53
#
_cell.length_a   1.000
_cell.length_b   1.000
_cell.length_c   1.000
_cell.angle_alpha   90.00
_cell.angle_beta   90.00
_cell.angle_gamma   90.00
#
_symmetry.space_group_name_H-M   'P 1'
#
_entity_poly.entity_id   1
_entity_poly.type   'polypeptide(L)'
_entity_poly.pdbx_seq_one_letter_code
;GAMGMSVADFYGSNVEVLLNNDSKARGVITNFDSSNSILQLRLANDSTKSIVTKDIKDLRILPKNEIMPKNGTKSPSTNS
TKLKSAETYSSKNKWSMDCDEEFDFAANLEKFDKKQVFAEFREKD
;
_entity_poly.pdbx_strand_id   A
#
# COMPACT_ATOMS: atom_id res chain seq x y z
N GLY A 1 -11.60 18.56 6.92
CA GLY A 1 -11.45 19.88 6.25
C GLY A 1 -10.71 19.70 4.92
N ALA A 2 -10.44 20.78 4.23
CA ALA A 2 -9.71 20.69 2.92
C ALA A 2 -8.24 21.06 3.11
N MET A 3 -7.35 20.35 2.47
CA MET A 3 -5.90 20.65 2.59
C MET A 3 -5.24 20.63 1.21
N GLY A 4 -4.19 21.40 1.03
CA GLY A 4 -3.48 21.43 -0.29
C GLY A 4 -2.76 20.11 -0.52
N MET A 5 -2.84 19.57 -1.72
CA MET A 5 -2.18 18.26 -2.01
C MET A 5 -1.28 18.39 -3.25
N SER A 6 -0.33 17.50 -3.39
CA SER A 6 0.58 17.55 -4.57
C SER A 6 0.50 16.25 -5.36
N VAL A 7 0.88 16.28 -6.62
CA VAL A 7 0.82 15.04 -7.46
C VAL A 7 1.77 13.97 -6.91
N ALA A 8 2.87 14.39 -6.33
CA ALA A 8 3.85 13.40 -5.74
C ALA A 8 3.19 12.59 -4.61
N ASP A 9 2.25 13.18 -3.91
CA ASP A 9 1.53 12.45 -2.82
C ASP A 9 0.74 11.26 -3.39
N PHE A 10 0.13 11.44 -4.54
CA PHE A 10 -0.62 10.31 -5.19
C PHE A 10 0.37 9.25 -5.68
N TYR A 11 1.51 9.66 -6.17
CA TYR A 11 2.55 8.67 -6.61
C TYR A 11 3.11 7.91 -5.41
N GLY A 12 3.08 6.60 -5.45
CA GLY A 12 3.59 5.78 -4.32
C GLY A 12 2.54 5.63 -3.21
N SER A 13 1.34 6.15 -3.41
CA SER A 13 0.26 5.95 -2.41
C SER A 13 -0.49 4.63 -2.70
N ASN A 14 -1.11 4.05 -1.71
CA ASN A 14 -1.89 2.80 -1.93
C ASN A 14 -3.37 3.12 -2.13
N VAL A 15 -3.89 2.87 -3.30
CA VAL A 15 -5.34 3.12 -3.57
C VAL A 15 -5.96 1.88 -4.22
N GLU A 16 -7.26 1.78 -4.22
CA GLU A 16 -7.93 0.67 -4.96
C GLU A 16 -8.84 1.26 -6.04
N VAL A 17 -8.97 0.59 -7.15
CA VAL A 17 -9.84 1.11 -8.25
C VAL A 17 -10.71 -0.02 -8.80
N LEU A 18 -11.94 0.29 -9.16
CA LEU A 18 -12.73 -0.72 -9.93
C LEU A 18 -12.58 -0.44 -11.42
N LEU A 19 -12.39 -1.47 -12.19
CA LEU A 19 -12.32 -1.28 -13.68
C LEU A 19 -13.73 -1.31 -14.27
N ASN A 20 -13.85 -1.04 -15.55
CA ASN A 20 -15.20 -0.97 -16.21
C ASN A 20 -15.99 -2.26 -16.02
N ASN A 21 -15.32 -3.36 -15.75
CA ASN A 21 -16.04 -4.66 -15.58
C ASN A 21 -16.33 -4.95 -14.10
N ASP A 22 -16.40 -3.92 -13.27
CA ASP A 22 -16.79 -4.10 -11.83
C ASP A 22 -15.82 -5.08 -11.13
N SER A 23 -14.61 -5.19 -11.60
CA SER A 23 -13.56 -5.93 -10.85
C SER A 23 -12.73 -4.94 -10.03
N LYS A 24 -12.34 -5.32 -8.85
CA LYS A 24 -11.60 -4.35 -7.97
C LYS A 24 -10.13 -4.77 -7.81
N ALA A 25 -9.23 -3.82 -7.85
CA ALA A 25 -7.79 -4.14 -7.60
C ALA A 25 -7.14 -3.01 -6.78
N ARG A 26 -6.18 -3.33 -5.96
CA ARG A 26 -5.52 -2.28 -5.12
C ARG A 26 -3.99 -2.47 -5.14
N GLY A 27 -3.26 -1.40 -4.94
CA GLY A 27 -1.77 -1.51 -4.86
C GLY A 27 -1.17 -0.13 -4.65
N VAL A 28 0.14 -0.05 -4.58
CA VAL A 28 0.81 1.28 -4.43
C VAL A 28 1.17 1.82 -5.81
N ILE A 29 0.88 3.07 -6.08
CA ILE A 29 1.17 3.65 -7.43
C ILE A 29 2.69 3.70 -7.68
N THR A 30 3.11 3.33 -8.87
CA THR A 30 4.56 3.31 -9.18
C THR A 30 4.87 4.15 -10.43
N ASN A 31 3.89 4.48 -11.25
CA ASN A 31 4.16 5.39 -12.40
C ASN A 31 2.87 6.07 -12.88
N PHE A 32 3.00 7.26 -13.44
CA PHE A 32 1.82 7.94 -14.05
C PHE A 32 2.28 8.80 -15.23
N ASP A 33 1.60 8.72 -16.35
CA ASP A 33 2.04 9.47 -17.56
C ASP A 33 0.92 10.40 -18.03
N SER A 34 1.19 11.68 -18.13
CA SER A 34 0.13 12.65 -18.52
C SER A 34 -0.20 12.53 -20.01
N SER A 35 0.77 12.14 -20.81
CA SER A 35 0.54 12.09 -22.31
C SER A 35 -0.55 11.06 -22.65
N ASN A 36 -0.50 9.91 -22.05
CA ASN A 36 -1.52 8.85 -22.36
C ASN A 36 -2.24 8.38 -21.08
N SER A 37 -2.00 9.03 -19.95
CA SER A 37 -2.68 8.63 -18.66
C SER A 37 -2.50 7.13 -18.39
N ILE A 38 -1.28 6.70 -18.14
CA ILE A 38 -1.02 5.25 -17.85
C ILE A 38 -0.50 5.09 -16.42
N LEU A 39 -1.06 4.16 -15.68
CA LEU A 39 -0.70 4.04 -14.23
C LEU A 39 -0.22 2.61 -13.92
N GLN A 40 0.96 2.49 -13.37
CA GLN A 40 1.44 1.16 -12.89
C GLN A 40 1.17 1.04 -11.39
N LEU A 41 0.52 -0.02 -10.98
CA LEU A 41 0.26 -0.23 -9.53
C LEU A 41 1.08 -1.40 -9.00
N ARG A 42 1.85 -1.18 -7.96
CA ARG A 42 2.63 -2.30 -7.35
C ARG A 42 2.08 -2.61 -5.94
N LEU A 43 1.63 -3.83 -5.74
CA LEU A 43 0.96 -4.18 -4.45
C LEU A 43 1.92 -4.95 -3.54
N ALA A 44 1.64 -4.96 -2.26
CA ALA A 44 2.61 -5.51 -1.25
C ALA A 44 2.76 -7.04 -1.36
N ASN A 45 2.03 -7.68 -2.26
CA ASN A 45 2.25 -9.14 -2.51
C ASN A 45 3.35 -9.36 -3.56
N ASP A 46 4.28 -8.43 -3.71
CA ASP A 46 5.39 -8.59 -4.71
C ASP A 46 4.81 -8.70 -6.13
N SER A 47 3.67 -8.11 -6.38
CA SER A 47 3.06 -8.17 -7.75
C SER A 47 2.84 -6.76 -8.29
N THR A 48 3.15 -6.53 -9.54
CA THR A 48 2.94 -5.18 -10.15
C THR A 48 2.23 -5.31 -11.49
N LYS A 49 1.42 -4.35 -11.84
CA LYS A 49 0.65 -4.41 -13.12
C LYS A 49 0.51 -3.02 -13.74
N SER A 50 0.67 -2.92 -15.04
CA SER A 50 0.50 -1.60 -15.72
C SER A 50 -0.92 -1.49 -16.29
N ILE A 51 -1.68 -0.52 -15.85
CA ILE A 51 -3.09 -0.37 -16.33
C ILE A 51 -3.32 1.07 -16.79
N VAL A 52 -3.87 1.26 -17.96
CA VAL A 52 -4.19 2.64 -18.44
C VAL A 52 -5.39 3.18 -17.66
N THR A 53 -5.33 4.41 -17.23
CA THR A 53 -6.40 4.96 -16.33
C THR A 53 -7.76 4.99 -17.03
N LYS A 54 -7.78 5.04 -18.35
CA LYS A 54 -9.08 5.17 -19.09
C LYS A 54 -10.01 4.00 -18.75
N ASP A 55 -9.47 2.87 -18.35
CA ASP A 55 -10.33 1.73 -17.92
C ASP A 55 -10.64 1.80 -16.41
N ILE A 56 -10.37 2.92 -15.76
CA ILE A 56 -10.80 3.07 -14.33
C ILE A 56 -12.30 3.39 -14.29
N LYS A 57 -13.08 2.49 -13.76
CA LYS A 57 -14.52 2.80 -13.51
C LYS A 57 -14.68 3.62 -12.24
N ASP A 58 -13.92 3.28 -11.21
CA ASP A 58 -14.10 3.98 -9.89
C ASP A 58 -12.80 3.94 -9.08
N LEU A 59 -12.56 4.94 -8.26
CA LEU A 59 -11.29 5.03 -7.50
C LEU A 59 -11.55 5.23 -6.00
N ARG A 60 -10.74 4.64 -5.16
CA ARG A 60 -10.81 4.93 -3.69
C ARG A 60 -9.41 4.84 -3.08
N ILE A 61 -9.20 5.46 -1.94
CA ILE A 61 -7.88 5.35 -1.25
C ILE A 61 -8.05 4.59 0.07
N LEU A 62 -7.23 3.59 0.29
CA LEU A 62 -7.38 2.75 1.53
C LEU A 62 -6.63 3.38 2.71
N PRO A 63 -7.16 3.22 3.91
CA PRO A 63 -6.51 3.82 5.10
C PRO A 63 -5.19 3.12 5.41
N LYS A 64 -4.10 3.84 5.34
CA LYS A 64 -2.76 3.24 5.66
C LYS A 64 -2.68 2.90 7.14
N ASN A 65 -3.22 3.75 7.98
CA ASN A 65 -3.19 3.49 9.46
C ASN A 65 -4.31 4.28 10.15
N GLU A 66 -4.61 3.93 11.38
CA GLU A 66 -5.68 4.67 12.12
C GLU A 66 -5.06 5.66 13.11
N ILE A 67 -5.45 6.91 13.01
CA ILE A 67 -4.87 7.95 13.93
C ILE A 67 -5.48 7.80 15.34
N MET A 68 -6.73 7.41 15.41
CA MET A 68 -7.40 7.29 16.73
C MET A 68 -7.53 5.81 17.13
N PRO A 69 -7.76 5.56 18.41
CA PRO A 69 -7.92 4.17 18.89
C PRO A 69 -9.20 3.55 18.32
N LYS A 70 -9.22 2.24 18.18
CA LYS A 70 -10.44 1.56 17.61
C LYS A 70 -11.41 1.20 18.73
N ASN A 71 -12.62 1.70 18.66
CA ASN A 71 -13.64 1.36 19.69
C ASN A 71 -14.30 0.02 19.38
N GLY A 72 -14.45 -0.31 18.12
CA GLY A 72 -15.09 -1.60 17.73
C GLY A 72 -16.27 -1.32 16.78
N THR A 73 -16.96 -0.23 16.98
CA THR A 73 -18.13 0.11 16.09
C THR A 73 -17.64 0.38 14.66
N LYS A 74 -16.46 0.93 14.52
CA LYS A 74 -15.94 1.24 13.15
C LYS A 74 -15.42 -0.03 12.48
N SER A 75 -15.44 -0.07 11.17
CA SER A 75 -14.96 -1.30 10.45
C SER A 75 -13.43 -1.37 10.48
N PRO A 76 -12.90 -2.54 10.18
CA PRO A 76 -11.42 -2.74 10.20
C PRO A 76 -10.76 -1.90 9.08
N SER A 77 -9.60 -1.35 9.34
CA SER A 77 -8.89 -0.55 8.30
C SER A 77 -8.48 -1.43 7.13
N THR A 78 -8.16 -2.68 7.38
CA THR A 78 -7.76 -3.60 6.29
C THR A 78 -8.49 -4.95 6.42
N ASN A 79 -8.42 -5.77 5.40
CA ASN A 79 -9.13 -7.09 5.46
C ASN A 79 -8.17 -8.17 5.98
N SER A 80 -8.55 -8.86 7.03
CA SER A 80 -7.67 -9.92 7.59
C SER A 80 -8.52 -11.06 8.17
N THR A 81 -7.93 -12.20 8.40
CA THR A 81 -8.69 -13.35 8.96
C THR A 81 -8.77 -13.25 10.49
N LYS A 82 -7.65 -13.28 11.16
CA LYS A 82 -7.64 -13.19 12.65
C LYS A 82 -6.48 -12.29 13.12
N LEU A 83 -6.73 -11.50 14.14
CA LEU A 83 -5.64 -10.63 14.69
C LEU A 83 -5.09 -11.21 15.99
N LYS A 84 -3.80 -11.10 16.21
CA LYS A 84 -3.19 -11.64 17.46
C LYS A 84 -3.16 -10.56 18.54
N SER A 85 -3.62 -10.87 19.72
CA SER A 85 -3.65 -9.86 20.83
C SER A 85 -2.22 -9.49 21.24
N ALA A 86 -1.30 -10.42 21.15
CA ALA A 86 0.12 -10.12 21.53
C ALA A 86 0.73 -9.12 20.54
N GLU A 87 0.32 -9.17 19.29
CA GLU A 87 0.87 -8.22 18.28
C GLU A 87 -0.14 -7.09 18.04
N THR A 88 0.35 -5.88 17.93
CA THR A 88 -0.56 -4.71 17.72
C THR A 88 0.18 -3.59 16.98
N TYR A 89 1.37 -3.26 17.41
CA TYR A 89 2.14 -2.16 16.76
C TYR A 89 3.36 -2.72 16.03
N SER A 90 3.72 -2.12 14.92
CA SER A 90 4.91 -2.61 14.14
C SER A 90 5.74 -1.42 13.66
N SER A 91 6.95 -1.69 13.19
CA SER A 91 7.85 -0.60 12.68
C SER A 91 7.94 0.58 13.67
N LYS A 92 8.97 0.59 14.50
CA LYS A 92 9.11 1.68 15.51
C LYS A 92 9.27 3.04 14.82
N ASN A 93 10.03 3.10 13.76
CA ASN A 93 10.24 4.38 13.03
C ASN A 93 9.25 4.49 11.85
N LYS A 94 9.44 3.69 10.83
CA LYS A 94 8.53 3.74 9.65
C LYS A 94 8.35 2.33 9.07
N TRP A 95 9.42 1.74 8.58
CA TRP A 95 9.33 0.38 7.98
C TRP A 95 10.54 -0.46 8.41
N SER A 96 10.63 -1.69 7.92
CA SER A 96 11.76 -2.57 8.29
C SER A 96 12.71 -2.75 7.10
N MET A 97 13.99 -2.92 7.37
CA MET A 97 14.98 -3.07 6.25
C MET A 97 14.72 -4.38 5.48
N ASP A 98 14.32 -5.41 6.18
CA ASP A 98 14.04 -6.71 5.49
C ASP A 98 12.62 -6.72 4.93
N CYS A 99 12.47 -7.14 3.68
CA CYS A 99 11.12 -7.18 3.03
C CYS A 99 10.40 -5.83 3.15
N ASP A 100 9.18 -5.75 2.67
CA ASP A 100 8.41 -4.46 2.78
C ASP A 100 7.67 -4.40 4.12
N GLU A 101 7.17 -5.52 4.59
CA GLU A 101 6.42 -5.53 5.89
C GLU A 101 6.91 -6.70 6.76
N GLU A 102 6.83 -6.56 8.06
CA GLU A 102 7.27 -7.65 8.97
C GLU A 102 6.08 -8.51 9.38
N PHE A 103 6.21 -9.81 9.30
CA PHE A 103 5.09 -10.73 9.68
C PHE A 103 5.64 -12.05 10.23
N ASP A 104 4.81 -12.82 10.90
CA ASP A 104 5.27 -14.12 11.51
C ASP A 104 6.52 -13.91 12.38
N PHE A 105 6.46 -12.97 13.30
CA PHE A 105 7.64 -12.68 14.18
C PHE A 105 8.01 -13.92 15.01
N ALA A 106 7.03 -14.62 15.52
CA ALA A 106 7.30 -15.86 16.34
C ALA A 106 8.31 -15.57 17.47
N ALA A 107 8.84 -16.60 18.08
CA ALA A 107 9.82 -16.40 19.18
C ALA A 107 11.26 -16.55 18.67
N ASN A 108 11.49 -16.24 17.41
CA ASN A 108 12.85 -16.36 16.79
C ASN A 108 13.39 -17.81 16.89
N LEU A 109 13.90 -18.20 18.04
CA LEU A 109 14.52 -19.56 18.17
C LEU A 109 13.46 -20.65 18.00
N GLU A 110 12.26 -20.40 18.48
CA GLU A 110 11.18 -21.43 18.39
C GLU A 110 10.15 -21.02 17.34
N LYS A 111 9.54 -21.99 16.68
CA LYS A 111 8.48 -21.70 15.65
C LYS A 111 9.01 -20.71 14.59
N PHE A 112 10.01 -21.11 13.84
CA PHE A 112 10.58 -20.22 12.78
C PHE A 112 9.53 -19.96 11.69
N ASP A 113 8.76 -20.95 11.36
CA ASP A 113 7.70 -20.79 10.30
C ASP A 113 6.63 -21.88 10.44
N LYS A 114 5.98 -21.94 11.59
CA LYS A 114 4.92 -22.98 11.82
C LYS A 114 5.44 -24.39 11.52
N LYS A 115 6.69 -24.65 11.84
CA LYS A 115 7.31 -26.00 11.59
C LYS A 115 7.12 -26.43 10.13
N GLN A 116 7.13 -25.48 9.22
CA GLN A 116 7.00 -25.83 7.77
C GLN A 116 7.93 -24.95 6.94
N VAL A 117 8.51 -25.50 5.89
CA VAL A 117 9.42 -24.70 5.02
C VAL A 117 9.15 -25.02 3.54
N PHE A 118 9.14 -24.01 2.70
CA PHE A 118 8.91 -24.24 1.25
C PHE A 118 10.23 -24.49 0.53
N ALA A 119 11.21 -23.65 0.77
CA ALA A 119 12.54 -23.83 0.09
C ALA A 119 13.59 -24.29 1.10
N GLU A 120 14.55 -25.07 0.66
CA GLU A 120 15.61 -25.57 1.59
C GLU A 120 16.89 -24.74 1.41
N PHE A 121 17.59 -24.45 2.48
CA PHE A 121 18.84 -23.65 2.38
C PHE A 121 19.70 -23.83 3.63
N ARG A 122 19.10 -23.82 4.79
CA ARG A 122 19.86 -23.99 6.08
C ARG A 122 21.03 -22.99 6.16
N GLU A 123 20.81 -21.86 6.76
CA GLU A 123 21.91 -20.82 6.88
C GLU A 123 23.02 -21.34 7.77
N LYS A 124 22.68 -22.05 8.83
CA LYS A 124 23.72 -22.60 9.75
C LYS A 124 23.38 -24.04 10.14
N ASP A 125 24.37 -24.79 10.57
CA ASP A 125 24.15 -26.23 10.98
C ASP A 125 23.48 -27.01 9.84
N GLY A 1 -9.27 20.62 3.32
CA GLY A 1 -8.03 20.11 2.66
C GLY A 1 -7.21 21.28 2.13
N ALA A 2 -6.23 21.01 1.31
CA ALA A 2 -5.38 22.10 0.74
C ALA A 2 -5.81 22.42 -0.69
N MET A 3 -5.84 23.68 -1.04
CA MET A 3 -6.26 24.07 -2.44
C MET A 3 -5.25 23.55 -3.46
N GLY A 4 -3.98 23.56 -3.12
CA GLY A 4 -2.92 23.07 -4.06
C GLY A 4 -2.61 21.61 -3.77
N MET A 5 -2.45 20.81 -4.80
CA MET A 5 -2.12 19.36 -4.59
C MET A 5 -0.86 19.00 -5.39
N SER A 6 -0.18 17.96 -4.99
CA SER A 6 1.06 17.53 -5.71
C SER A 6 0.92 16.10 -6.24
N VAL A 7 1.55 15.81 -7.35
CA VAL A 7 1.48 14.42 -7.93
C VAL A 7 2.17 13.42 -7.00
N ALA A 8 3.19 13.86 -6.28
CA ALA A 8 3.94 12.93 -5.37
C ALA A 8 3.01 12.36 -4.29
N ASP A 9 2.00 13.10 -3.92
CA ASP A 9 1.03 12.59 -2.87
C ASP A 9 0.30 11.35 -3.40
N PHE A 10 -0.07 11.35 -4.66
CA PHE A 10 -0.76 10.16 -5.25
C PHE A 10 0.27 9.12 -5.67
N TYR A 11 1.40 9.56 -6.18
CA TYR A 11 2.47 8.60 -6.61
C TYR A 11 3.07 7.90 -5.39
N GLY A 12 3.05 6.59 -5.39
CA GLY A 12 3.56 5.82 -4.20
C GLY A 12 2.48 5.67 -3.13
N SER A 13 1.30 6.21 -3.36
CA SER A 13 0.19 6.01 -2.37
C SER A 13 -0.56 4.71 -2.68
N ASN A 14 -1.09 4.06 -1.67
CA ASN A 14 -1.88 2.81 -1.90
C ASN A 14 -3.36 3.14 -2.07
N VAL A 15 -3.88 2.91 -3.25
CA VAL A 15 -5.34 3.16 -3.49
C VAL A 15 -5.97 1.94 -4.17
N GLU A 16 -7.27 1.85 -4.18
CA GLU A 16 -7.94 0.75 -4.95
C GLU A 16 -8.82 1.36 -6.04
N VAL A 17 -8.93 0.70 -7.16
CA VAL A 17 -9.82 1.21 -8.25
C VAL A 17 -10.66 0.07 -8.81
N LEU A 18 -11.90 0.33 -9.14
CA LEU A 18 -12.68 -0.70 -9.89
C LEU A 18 -12.63 -0.40 -11.38
N LEU A 19 -12.41 -1.40 -12.18
CA LEU A 19 -12.40 -1.18 -13.66
C LEU A 19 -13.83 -1.21 -14.21
N ASN A 20 -13.97 -0.95 -15.49
CA ASN A 20 -15.34 -0.87 -16.11
C ASN A 20 -16.13 -2.17 -15.90
N ASN A 21 -15.44 -3.27 -15.67
CA ASN A 21 -16.14 -4.59 -15.54
C ASN A 21 -16.31 -5.00 -14.07
N ASP A 22 -16.34 -4.04 -13.15
CA ASP A 22 -16.68 -4.34 -11.72
C ASP A 22 -15.68 -5.35 -11.13
N SER A 23 -14.49 -5.42 -11.66
CA SER A 23 -13.40 -6.17 -10.96
C SER A 23 -12.54 -5.19 -10.16
N LYS A 24 -12.25 -5.50 -8.93
CA LYS A 24 -11.58 -4.49 -8.05
C LYS A 24 -10.13 -4.92 -7.77
N ALA A 25 -9.21 -3.99 -7.85
CA ALA A 25 -7.79 -4.29 -7.50
C ALA A 25 -7.16 -3.09 -6.77
N ARG A 26 -6.19 -3.34 -5.91
CA ARG A 26 -5.55 -2.22 -5.16
C ARG A 26 -4.03 -2.42 -5.14
N GLY A 27 -3.29 -1.35 -4.93
CA GLY A 27 -1.81 -1.48 -4.82
C GLY A 27 -1.19 -0.10 -4.63
N VAL A 28 0.11 -0.01 -4.56
CA VAL A 28 0.79 1.32 -4.43
C VAL A 28 1.16 1.84 -5.82
N ILE A 29 0.85 3.09 -6.09
CA ILE A 29 1.14 3.65 -7.45
C ILE A 29 2.66 3.71 -7.70
N THR A 30 3.07 3.34 -8.88
CA THR A 30 4.53 3.33 -9.20
C THR A 30 4.85 4.16 -10.46
N ASN A 31 3.86 4.49 -11.27
CA ASN A 31 4.13 5.40 -12.43
C ASN A 31 2.85 6.08 -12.90
N PHE A 32 2.99 7.26 -13.46
CA PHE A 32 1.82 7.97 -14.08
C PHE A 32 2.29 8.82 -15.25
N ASP A 33 1.62 8.73 -16.37
CA ASP A 33 2.07 9.48 -17.59
C ASP A 33 0.94 10.40 -18.07
N SER A 34 1.21 11.68 -18.18
CA SER A 34 0.16 12.65 -18.59
C SER A 34 -0.14 12.53 -20.09
N SER A 35 0.85 12.15 -20.87
CA SER A 35 0.65 12.08 -22.36
C SER A 35 -0.41 11.04 -22.73
N ASN A 36 -0.38 9.89 -22.11
CA ASN A 36 -1.37 8.82 -22.42
C ASN A 36 -2.14 8.37 -21.16
N SER A 37 -1.91 9.01 -20.03
CA SER A 37 -2.63 8.63 -18.76
C SER A 37 -2.46 7.13 -18.47
N ILE A 38 -1.26 6.70 -18.18
CA ILE A 38 -1.02 5.25 -17.88
C ILE A 38 -0.50 5.10 -16.45
N LEU A 39 -1.08 4.18 -15.70
CA LEU A 39 -0.72 4.06 -14.25
C LEU A 39 -0.26 2.65 -13.93
N GLN A 40 0.93 2.52 -13.38
CA GLN A 40 1.39 1.18 -12.90
C GLN A 40 1.14 1.07 -11.40
N LEU A 41 0.50 0.00 -10.97
CA LEU A 41 0.24 -0.19 -9.51
C LEU A 41 1.06 -1.38 -8.98
N ARG A 42 1.83 -1.16 -7.95
CA ARG A 42 2.61 -2.28 -7.34
C ARG A 42 2.07 -2.59 -5.94
N LEU A 43 1.63 -3.81 -5.73
CA LEU A 43 0.98 -4.16 -4.43
C LEU A 43 1.96 -4.92 -3.52
N ALA A 44 1.70 -4.91 -2.23
CA ALA A 44 2.68 -5.46 -1.23
C ALA A 44 2.86 -6.98 -1.38
N ASN A 45 2.11 -7.63 -2.24
CA ASN A 45 2.34 -9.08 -2.52
C ASN A 45 3.41 -9.27 -3.61
N ASP A 46 4.36 -8.34 -3.73
CA ASP A 46 5.47 -8.50 -4.74
C ASP A 46 4.89 -8.63 -6.16
N SER A 47 3.74 -8.05 -6.40
CA SER A 47 3.15 -8.11 -7.77
C SER A 47 2.89 -6.70 -8.32
N THR A 48 3.21 -6.47 -9.57
CA THR A 48 3.00 -5.12 -10.17
C THR A 48 2.27 -5.26 -11.52
N LYS A 49 1.44 -4.30 -11.85
CA LYS A 49 0.68 -4.38 -13.13
C LYS A 49 0.52 -2.99 -13.75
N SER A 50 0.65 -2.89 -15.05
CA SER A 50 0.46 -1.58 -15.74
C SER A 50 -0.96 -1.47 -16.29
N ILE A 51 -1.71 -0.49 -15.85
CA ILE A 51 -3.12 -0.33 -16.33
C ILE A 51 -3.35 1.11 -16.78
N VAL A 52 -3.91 1.28 -17.96
CA VAL A 52 -4.22 2.66 -18.45
C VAL A 52 -5.41 3.21 -17.67
N THR A 53 -5.34 4.45 -17.26
CA THR A 53 -6.41 5.00 -16.35
C THR A 53 -7.78 5.03 -17.04
N LYS A 54 -7.80 5.07 -18.36
CA LYS A 54 -9.11 5.18 -19.09
C LYS A 54 -10.04 4.02 -18.73
N ASP A 55 -9.50 2.90 -18.34
CA ASP A 55 -10.37 1.76 -17.89
C ASP A 55 -10.70 1.86 -16.39
N ILE A 56 -10.39 2.97 -15.75
CA ILE A 56 -10.82 3.16 -14.33
C ILE A 56 -12.32 3.49 -14.28
N LYS A 57 -13.12 2.60 -13.74
CA LYS A 57 -14.56 2.94 -13.50
C LYS A 57 -14.70 3.74 -12.19
N ASP A 58 -13.95 3.37 -11.18
CA ASP A 58 -14.14 4.02 -9.83
C ASP A 58 -12.83 3.99 -9.03
N LEU A 59 -12.59 5.00 -8.23
CA LEU A 59 -11.31 5.09 -7.47
C LEU A 59 -11.57 5.31 -5.97
N ARG A 60 -10.74 4.72 -5.14
CA ARG A 60 -10.82 5.02 -3.67
C ARG A 60 -9.42 4.90 -3.04
N ILE A 61 -9.21 5.51 -1.91
CA ILE A 61 -7.89 5.39 -1.21
C ILE A 61 -8.06 4.57 0.07
N LEU A 62 -7.24 3.56 0.27
CA LEU A 62 -7.41 2.66 1.44
C LEU A 62 -6.66 3.23 2.67
N PRO A 63 -7.12 2.88 3.86
CA PRO A 63 -6.43 3.34 5.10
C PRO A 63 -5.00 2.80 5.16
N LYS A 64 -4.13 3.47 5.88
CA LYS A 64 -2.72 2.99 6.00
C LYS A 64 -2.60 2.03 7.18
N ASN A 65 -2.16 0.82 6.93
CA ASN A 65 -2.02 -0.19 8.04
C ASN A 65 -0.56 -0.63 8.18
N GLU A 66 -0.02 -0.53 9.37
CA GLU A 66 1.39 -0.97 9.59
C GLU A 66 1.42 -2.32 10.31
N ILE A 67 2.39 -3.15 9.99
CA ILE A 67 2.48 -4.49 10.64
C ILE A 67 3.85 -4.68 11.31
N MET A 68 3.93 -5.52 12.31
CA MET A 68 5.24 -5.76 13.00
C MET A 68 6.19 -6.53 12.08
N PRO A 69 7.48 -6.39 12.32
CA PRO A 69 8.50 -7.10 11.50
C PRO A 69 8.39 -8.62 11.71
N LYS A 70 8.51 -9.39 10.66
CA LYS A 70 8.43 -10.88 10.80
C LYS A 70 9.67 -11.53 10.20
N ASN A 71 10.17 -12.57 10.83
CA ASN A 71 11.38 -13.28 10.30
C ASN A 71 10.99 -14.66 9.77
N GLY A 72 11.43 -14.99 8.58
CA GLY A 72 11.10 -16.33 7.99
C GLY A 72 11.71 -16.44 6.60
N THR A 73 11.43 -17.51 5.89
CA THR A 73 11.98 -17.70 4.52
C THR A 73 10.85 -17.91 3.52
N LYS A 74 11.15 -17.81 2.25
CA LYS A 74 10.10 -18.01 1.20
C LYS A 74 10.15 -19.43 0.63
N SER A 75 10.63 -20.37 1.40
CA SER A 75 10.70 -21.79 0.90
C SER A 75 9.30 -22.41 0.84
N PRO A 76 8.60 -22.43 1.96
CA PRO A 76 7.24 -23.05 1.98
C PRO A 76 6.24 -22.20 1.18
N SER A 77 6.46 -20.91 1.12
CA SER A 77 5.53 -20.02 0.35
C SER A 77 6.06 -19.81 -1.08
N THR A 78 5.17 -19.63 -2.03
CA THR A 78 5.61 -19.43 -3.45
C THR A 78 4.90 -18.20 -4.04
N ASN A 79 5.40 -17.71 -5.16
CA ASN A 79 4.77 -16.51 -5.79
C ASN A 79 3.91 -16.92 -7.00
N SER A 80 3.51 -15.97 -7.80
CA SER A 80 2.60 -16.29 -8.96
C SER A 80 3.29 -17.19 -9.98
N THR A 81 4.60 -17.09 -10.09
CA THR A 81 5.34 -17.93 -11.08
C THR A 81 6.47 -18.69 -10.40
N LYS A 82 6.81 -19.85 -10.92
CA LYS A 82 7.91 -20.65 -10.31
C LYS A 82 9.28 -20.15 -10.80
N LEU A 83 9.34 -19.64 -12.00
CA LEU A 83 10.64 -19.13 -12.55
C LEU A 83 10.79 -17.64 -12.27
N LYS A 84 11.93 -17.23 -11.78
CA LYS A 84 12.14 -15.79 -11.45
C LYS A 84 12.92 -15.09 -12.57
N SER A 85 12.77 -15.54 -13.79
CA SER A 85 13.51 -14.91 -14.93
C SER A 85 13.01 -13.48 -15.18
N ALA A 86 11.75 -13.22 -14.92
CA ALA A 86 11.19 -11.86 -15.14
C ALA A 86 11.78 -10.88 -14.11
N GLU A 87 12.05 -11.34 -12.91
CA GLU A 87 12.60 -10.45 -11.86
C GLU A 87 14.11 -10.71 -11.68
N THR A 88 14.87 -9.66 -11.52
CA THR A 88 16.35 -9.83 -11.33
C THR A 88 16.80 -9.13 -10.05
N TYR A 89 17.97 -9.45 -9.56
CA TYR A 89 18.48 -8.80 -8.31
C TYR A 89 19.62 -7.83 -8.64
N SER A 90 19.61 -7.27 -9.82
CA SER A 90 20.70 -6.31 -10.23
C SER A 90 20.09 -4.97 -10.64
N SER A 91 20.79 -3.89 -10.40
CA SER A 91 20.27 -2.54 -10.79
C SER A 91 21.20 -1.89 -11.82
N LYS A 92 20.65 -1.04 -12.66
CA LYS A 92 21.49 -0.36 -13.69
C LYS A 92 21.78 1.08 -13.27
N ASN A 93 22.98 1.54 -13.49
CA ASN A 93 23.35 2.94 -13.10
C ASN A 93 23.66 3.77 -14.36
N LYS A 94 23.02 3.47 -15.45
CA LYS A 94 23.28 4.24 -16.72
C LYS A 94 22.34 5.44 -16.81
N TRP A 95 21.06 5.20 -16.98
CA TRP A 95 20.07 6.32 -17.06
C TRP A 95 19.11 6.28 -15.87
N SER A 96 18.78 7.42 -15.32
CA SER A 96 17.83 7.46 -14.16
C SER A 96 16.64 8.37 -14.48
N MET A 97 15.46 8.00 -14.05
CA MET A 97 14.26 8.85 -14.31
C MET A 97 13.81 9.53 -13.01
N ASP A 98 13.86 8.83 -11.92
CA ASP A 98 13.43 9.42 -10.61
C ASP A 98 14.64 9.97 -9.85
N CYS A 99 14.53 11.18 -9.35
CA CYS A 99 15.67 11.78 -8.58
C CYS A 99 15.19 12.18 -7.17
N ASP A 100 15.82 11.63 -6.16
CA ASP A 100 15.42 11.95 -4.75
C ASP A 100 16.32 13.05 -4.19
N GLU A 101 15.77 13.92 -3.38
CA GLU A 101 16.58 15.01 -2.77
C GLU A 101 16.87 14.71 -1.30
N GLU A 102 18.07 15.00 -0.85
CA GLU A 102 18.44 14.72 0.57
C GLU A 102 18.85 16.02 1.29
N PHE A 103 18.43 16.18 2.52
CA PHE A 103 18.81 17.41 3.29
C PHE A 103 19.60 17.02 4.54
N ASP A 104 20.45 17.89 5.02
CA ASP A 104 21.25 17.58 6.23
C ASP A 104 20.47 17.91 7.50
N PHE A 105 19.88 16.91 8.11
CA PHE A 105 19.10 17.14 9.37
C PHE A 105 18.87 15.82 10.12
N ALA A 106 19.36 15.72 11.33
CA ALA A 106 19.18 14.46 12.11
C ALA A 106 19.19 14.76 13.61
N ALA A 107 18.47 13.99 14.39
CA ALA A 107 18.44 14.21 15.86
C ALA A 107 19.37 13.19 16.56
N ASN A 108 19.11 11.93 16.38
CA ASN A 108 19.97 10.88 17.01
C ASN A 108 20.84 10.20 15.95
N LEU A 109 22.12 10.11 16.20
CA LEU A 109 23.04 9.48 15.20
C LEU A 109 23.46 8.08 15.68
N GLU A 110 23.30 7.08 14.85
CA GLU A 110 23.71 5.70 15.24
C GLU A 110 24.35 4.99 14.04
N LYS A 111 23.58 4.69 13.02
CA LYS A 111 24.15 4.04 11.80
C LYS A 111 23.70 4.78 10.53
N PHE A 112 23.43 6.06 10.64
CA PHE A 112 22.98 6.83 9.44
C PHE A 112 24.16 7.56 8.81
N ASP A 113 25.12 7.99 9.59
CA ASP A 113 26.29 8.73 9.04
C ASP A 113 27.37 7.74 8.58
N LYS A 114 27.65 7.72 7.29
CA LYS A 114 28.71 6.81 6.77
C LYS A 114 29.77 7.61 6.00
N LYS A 115 31.00 7.17 6.06
CA LYS A 115 32.09 7.91 5.35
C LYS A 115 32.31 7.31 3.95
N GLN A 116 32.30 8.13 2.94
CA GLN A 116 32.51 7.63 1.55
C GLN A 116 33.44 8.57 0.77
N VAL A 117 34.04 8.10 -0.29
CA VAL A 117 34.96 8.97 -1.10
C VAL A 117 34.34 9.22 -2.48
N PHE A 118 34.34 10.45 -2.92
CA PHE A 118 33.75 10.79 -4.26
C PHE A 118 34.86 11.20 -5.24
N ALA A 119 34.68 10.93 -6.50
CA ALA A 119 35.71 11.28 -7.52
C ALA A 119 35.37 12.64 -8.16
N GLU A 120 36.38 13.40 -8.52
CA GLU A 120 36.14 14.74 -9.13
C GLU A 120 36.36 14.68 -10.65
N PHE A 121 35.96 15.71 -11.36
CA PHE A 121 36.13 15.74 -12.85
C PHE A 121 35.54 14.49 -13.51
N ARG A 122 34.30 14.56 -13.94
CA ARG A 122 33.65 13.38 -14.58
C ARG A 122 33.71 13.49 -16.11
N GLU A 123 34.58 14.31 -16.64
CA GLU A 123 34.68 14.46 -18.13
C GLU A 123 35.87 13.66 -18.68
N LYS A 124 36.29 12.64 -17.97
CA LYS A 124 37.46 11.82 -18.44
C LYS A 124 37.10 11.07 -19.73
N ASP A 125 35.90 10.57 -19.81
CA ASP A 125 35.46 9.82 -21.04
C ASP A 125 34.23 10.48 -21.65
N GLY A 1 -12.00 22.06 0.43
CA GLY A 1 -11.23 23.27 0.00
C GLY A 1 -10.00 22.84 -0.79
N ALA A 2 -9.00 23.69 -0.86
CA ALA A 2 -7.76 23.33 -1.61
C ALA A 2 -6.76 22.64 -0.68
N MET A 3 -6.51 21.37 -0.91
CA MET A 3 -5.55 20.62 -0.04
C MET A 3 -4.12 21.16 -0.23
N GLY A 4 -3.78 21.54 -1.44
CA GLY A 4 -2.41 22.06 -1.70
C GLY A 4 -1.41 20.90 -1.72
N MET A 5 -1.79 19.80 -2.31
CA MET A 5 -0.88 18.61 -2.35
C MET A 5 -0.20 18.51 -3.72
N SER A 6 0.85 17.74 -3.81
CA SER A 6 1.58 17.59 -5.11
C SER A 6 1.38 16.18 -5.67
N VAL A 7 1.63 16.00 -6.95
CA VAL A 7 1.44 14.64 -7.57
C VAL A 7 2.40 13.63 -6.94
N ALA A 8 3.56 14.09 -6.51
CA ALA A 8 4.56 13.16 -5.88
C ALA A 8 3.97 12.51 -4.62
N ASP A 9 3.10 13.21 -3.93
CA ASP A 9 2.43 12.63 -2.72
C ASP A 9 1.55 11.44 -3.11
N PHE A 10 0.86 11.55 -4.23
CA PHE A 10 0.00 10.42 -4.70
C PHE A 10 0.87 9.23 -5.13
N TYR A 11 2.05 9.49 -5.64
CA TYR A 11 2.98 8.37 -6.02
C TYR A 11 3.41 7.59 -4.76
N GLY A 12 3.24 6.30 -4.78
CA GLY A 12 3.60 5.47 -3.59
C GLY A 12 2.39 5.34 -2.64
N SER A 13 1.26 5.90 -2.98
CA SER A 13 0.05 5.76 -2.10
C SER A 13 -0.71 4.48 -2.45
N ASN A 14 -1.38 3.89 -1.49
CA ASN A 14 -2.17 2.66 -1.77
C ASN A 14 -3.64 3.02 -1.99
N VAL A 15 -4.13 2.81 -3.19
CA VAL A 15 -5.57 3.09 -3.48
C VAL A 15 -6.21 1.87 -4.15
N GLU A 16 -7.52 1.82 -4.18
CA GLU A 16 -8.20 0.74 -4.96
C GLU A 16 -9.06 1.39 -6.06
N VAL A 17 -9.17 0.72 -7.20
CA VAL A 17 -10.02 1.26 -8.29
C VAL A 17 -10.86 0.13 -8.88
N LEU A 18 -12.10 0.39 -9.22
CA LEU A 18 -12.89 -0.63 -9.96
C LEU A 18 -12.83 -0.34 -11.46
N LEU A 19 -12.62 -1.35 -12.25
CA LEU A 19 -12.59 -1.15 -13.73
C LEU A 19 -14.02 -1.15 -14.28
N ASN A 20 -14.16 -0.93 -15.56
CA ASN A 20 -15.53 -0.85 -16.19
C ASN A 20 -16.33 -2.15 -15.97
N ASN A 21 -15.66 -3.24 -15.70
CA ASN A 21 -16.36 -4.55 -15.57
C ASN A 21 -16.60 -4.91 -14.09
N ASP A 22 -16.64 -3.92 -13.21
CA ASP A 22 -16.96 -4.18 -11.76
C ASP A 22 -15.96 -5.18 -11.16
N SER A 23 -14.77 -5.26 -11.71
CA SER A 23 -13.68 -6.03 -11.04
C SER A 23 -12.80 -5.07 -10.23
N LYS A 24 -12.51 -5.40 -9.01
CA LYS A 24 -11.82 -4.42 -8.11
C LYS A 24 -10.37 -4.84 -7.85
N ALA A 25 -9.46 -3.90 -7.86
CA ALA A 25 -8.03 -4.21 -7.53
C ALA A 25 -7.42 -3.08 -6.71
N ARG A 26 -6.50 -3.38 -5.84
CA ARG A 26 -5.88 -2.33 -4.96
C ARG A 26 -4.37 -2.56 -4.83
N GLY A 27 -3.61 -1.50 -4.71
CA GLY A 27 -2.13 -1.63 -4.57
C GLY A 27 -1.50 -0.25 -4.47
N VAL A 28 -0.19 -0.17 -4.48
CA VAL A 28 0.50 1.15 -4.33
C VAL A 28 0.77 1.75 -5.72
N ILE A 29 0.63 3.04 -5.85
CA ILE A 29 0.85 3.70 -7.18
C ILE A 29 2.36 3.92 -7.41
N THR A 30 2.83 3.69 -8.61
CA THR A 30 4.28 3.88 -8.90
C THR A 30 4.50 4.85 -10.08
N ASN A 31 3.64 4.82 -11.08
CA ASN A 31 3.91 5.63 -12.31
C ASN A 31 2.63 6.28 -12.84
N PHE A 32 2.76 7.43 -13.46
CA PHE A 32 1.59 8.09 -14.11
C PHE A 32 2.06 8.88 -15.32
N ASP A 33 1.40 8.74 -16.44
CA ASP A 33 1.85 9.42 -17.69
C ASP A 33 0.74 10.32 -18.23
N SER A 34 1.01 11.59 -18.40
CA SER A 34 -0.04 12.54 -18.86
C SER A 34 -0.31 12.37 -20.36
N SER A 35 0.68 11.98 -21.12
CA SER A 35 0.52 11.87 -22.60
C SER A 35 -0.47 10.75 -22.95
N ASN A 36 -0.42 9.65 -22.24
CA ASN A 36 -1.33 8.50 -22.54
C ASN A 36 -2.16 8.10 -21.31
N SER A 37 -2.01 8.80 -20.20
CA SER A 37 -2.77 8.44 -18.94
C SER A 37 -2.58 6.96 -18.59
N ILE A 38 -1.37 6.58 -18.23
CA ILE A 38 -1.09 5.15 -17.87
C ILE A 38 -0.60 5.08 -16.42
N LEU A 39 -1.14 4.16 -15.65
CA LEU A 39 -0.81 4.09 -14.20
C LEU A 39 -0.30 2.69 -13.84
N GLN A 40 0.87 2.61 -13.26
CA GLN A 40 1.37 1.29 -12.78
C GLN A 40 1.13 1.15 -11.27
N LEU A 41 0.54 0.06 -10.86
CA LEU A 41 0.31 -0.16 -9.40
C LEU A 41 1.20 -1.29 -8.89
N ARG A 42 2.06 -1.01 -7.94
CA ARG A 42 2.91 -2.07 -7.34
C ARG A 42 2.28 -2.59 -6.05
N LEU A 43 2.06 -3.87 -5.96
CA LEU A 43 1.32 -4.44 -4.79
C LEU A 43 2.30 -5.08 -3.80
N ALA A 44 1.95 -5.08 -2.53
CA ALA A 44 2.89 -5.55 -1.46
C ALA A 44 3.24 -7.05 -1.61
N ASN A 45 2.57 -7.76 -2.49
CA ASN A 45 2.93 -9.20 -2.74
C ASN A 45 4.06 -9.31 -3.79
N ASP A 46 4.94 -8.33 -3.88
CA ASP A 46 6.10 -8.41 -4.84
C ASP A 46 5.59 -8.53 -6.28
N SER A 47 4.41 -8.02 -6.56
CA SER A 47 3.87 -8.08 -7.96
C SER A 47 3.58 -6.68 -8.48
N THR A 48 3.86 -6.44 -9.75
CA THR A 48 3.60 -5.09 -10.34
C THR A 48 2.80 -5.22 -11.64
N LYS A 49 1.92 -4.29 -11.90
CA LYS A 49 1.08 -4.37 -13.14
C LYS A 49 0.83 -2.97 -13.71
N SER A 50 0.91 -2.83 -15.01
CA SER A 50 0.63 -1.51 -15.64
C SER A 50 -0.79 -1.48 -16.19
N ILE A 51 -1.59 -0.53 -15.75
CA ILE A 51 -3.00 -0.43 -16.24
C ILE A 51 -3.29 0.98 -16.73
N VAL A 52 -3.86 1.11 -17.90
CA VAL A 52 -4.20 2.48 -18.42
C VAL A 52 -5.42 3.01 -17.67
N THR A 53 -5.38 4.26 -17.29
CA THR A 53 -6.46 4.82 -16.42
C THR A 53 -7.82 4.84 -17.13
N LYS A 54 -7.82 4.86 -18.44
CA LYS A 54 -9.12 4.98 -19.20
C LYS A 54 -10.06 3.83 -18.84
N ASP A 55 -9.53 2.71 -18.40
CA ASP A 55 -10.42 1.59 -17.95
C ASP A 55 -10.79 1.75 -16.46
N ILE A 56 -10.48 2.87 -15.84
CA ILE A 56 -10.94 3.09 -14.43
C ILE A 56 -12.43 3.48 -14.42
N LYS A 57 -13.26 2.63 -13.88
CA LYS A 57 -14.69 3.01 -13.67
C LYS A 57 -14.84 3.83 -12.38
N ASP A 58 -14.13 3.44 -11.34
CA ASP A 58 -14.33 4.10 -10.01
C ASP A 58 -13.04 4.07 -9.19
N LEU A 59 -12.78 5.11 -8.44
CA LEU A 59 -11.50 5.19 -7.66
C LEU A 59 -11.78 5.40 -6.17
N ARG A 60 -10.98 4.80 -5.32
CA ARG A 60 -11.05 5.12 -3.85
C ARG A 60 -9.65 5.01 -3.22
N ILE A 61 -9.46 5.63 -2.09
CA ILE A 61 -8.15 5.51 -1.36
C ILE A 61 -8.37 4.76 -0.05
N LEU A 62 -7.57 3.75 0.22
CA LEU A 62 -7.80 2.91 1.43
C LEU A 62 -7.02 3.49 2.62
N PRO A 63 -7.65 3.52 3.78
CA PRO A 63 -6.99 4.08 4.99
C PRO A 63 -5.84 3.16 5.44
N LYS A 64 -4.66 3.70 5.64
CA LYS A 64 -3.49 2.89 6.10
C LYS A 64 -3.26 1.67 5.19
N ASN A 65 -2.29 0.86 5.49
CA ASN A 65 -2.02 -0.36 4.67
C ASN A 65 -3.05 -1.44 4.96
N GLU A 66 -3.46 -1.57 6.20
CA GLU A 66 -4.46 -2.62 6.58
C GLU A 66 -5.71 -1.96 7.18
N ILE A 67 -6.86 -2.56 6.99
CA ILE A 67 -8.12 -1.99 7.55
C ILE A 67 -8.77 -3.00 8.51
N MET A 68 -9.22 -2.55 9.65
CA MET A 68 -9.87 -3.47 10.64
C MET A 68 -11.36 -3.10 10.80
N PRO A 69 -12.16 -4.07 11.20
CA PRO A 69 -13.61 -3.83 11.38
C PRO A 69 -13.84 -2.91 12.58
N LYS A 70 -14.72 -1.93 12.43
CA LYS A 70 -15.01 -1.00 13.58
C LYS A 70 -15.71 -1.76 14.71
N ASN A 71 -16.59 -2.66 14.38
CA ASN A 71 -17.31 -3.45 15.42
C ASN A 71 -16.78 -4.88 15.48
N GLY A 72 -16.78 -5.47 16.65
CA GLY A 72 -16.25 -6.87 16.79
C GLY A 72 -17.16 -7.66 17.73
N THR A 73 -16.62 -8.65 18.40
CA THR A 73 -17.44 -9.48 19.35
C THR A 73 -17.19 -9.03 20.79
N LYS A 74 -16.92 -7.76 21.00
CA LYS A 74 -16.67 -7.24 22.39
C LYS A 74 -15.58 -8.04 23.10
N SER A 75 -14.48 -8.28 22.42
CA SER A 75 -13.36 -9.08 23.03
C SER A 75 -12.50 -8.17 23.94
N PRO A 76 -11.83 -8.78 24.89
CA PRO A 76 -10.99 -8.00 25.85
C PRO A 76 -9.79 -7.40 25.12
N SER A 77 -9.19 -8.13 24.21
CA SER A 77 -7.99 -7.62 23.49
C SER A 77 -7.78 -8.39 22.18
N THR A 78 -8.85 -8.68 21.47
CA THR A 78 -8.73 -9.40 20.17
C THR A 78 -9.23 -8.53 19.03
N ASN A 79 -8.60 -8.60 17.87
CA ASN A 79 -9.00 -7.76 16.69
C ASN A 79 -9.05 -6.27 17.07
N SER A 80 -8.06 -5.81 17.79
CA SER A 80 -8.02 -4.37 18.20
C SER A 80 -6.69 -3.74 17.80
N THR A 81 -6.65 -2.43 17.72
CA THR A 81 -5.38 -1.73 17.32
C THR A 81 -4.80 -0.98 18.52
N LYS A 82 -3.50 -0.98 18.65
CA LYS A 82 -2.85 -0.28 19.81
C LYS A 82 -2.59 1.19 19.46
N LEU A 83 -2.94 2.09 20.34
CA LEU A 83 -2.72 3.55 20.07
C LEU A 83 -1.52 4.05 20.88
N LYS A 84 -0.77 4.97 20.33
CA LYS A 84 0.45 5.50 21.04
C LYS A 84 0.04 6.16 22.37
N SER A 85 -1.12 6.77 22.41
CA SER A 85 -1.59 7.44 23.66
C SER A 85 -1.76 6.41 24.79
N ALA A 86 -2.14 5.20 24.45
CA ALA A 86 -2.32 4.14 25.50
C ALA A 86 -0.98 3.79 26.14
N GLU A 87 0.09 3.87 25.38
CA GLU A 87 1.43 3.54 25.94
C GLU A 87 2.16 4.82 26.35
N THR A 88 3.13 4.71 27.24
CA THR A 88 3.88 5.93 27.69
C THR A 88 4.67 6.55 26.52
N TYR A 89 5.25 5.72 25.69
CA TYR A 89 6.02 6.24 24.52
C TYR A 89 6.17 5.16 23.46
N SER A 90 6.86 4.09 23.77
CA SER A 90 7.06 2.98 22.78
C SER A 90 6.99 1.62 23.48
N SER A 91 6.43 0.63 22.82
CA SER A 91 6.37 -0.74 23.43
C SER A 91 7.77 -1.34 23.55
N LYS A 92 8.62 -1.05 22.60
CA LYS A 92 10.02 -1.60 22.65
C LYS A 92 11.00 -0.50 23.04
N ASN A 93 12.14 -0.87 23.56
CA ASN A 93 13.16 0.15 23.96
C ASN A 93 14.19 0.35 22.84
N LYS A 94 14.18 1.48 22.20
CA LYS A 94 15.15 1.75 21.10
C LYS A 94 16.29 2.64 21.61
N TRP A 95 17.47 2.46 21.07
CA TRP A 95 18.64 3.29 21.50
C TRP A 95 18.97 4.34 20.44
N SER A 96 19.10 5.58 20.85
CA SER A 96 19.43 6.67 19.87
C SER A 96 20.95 6.82 19.74
N MET A 97 21.69 6.59 20.80
CA MET A 97 23.18 6.71 20.74
C MET A 97 23.77 5.63 19.82
N ASP A 98 23.20 4.46 19.83
CA ASP A 98 23.72 3.34 18.98
C ASP A 98 23.07 3.40 17.58
N CYS A 99 23.86 3.28 16.55
CA CYS A 99 23.30 3.32 15.16
C CYS A 99 24.15 2.44 14.23
N ASP A 100 23.54 1.91 13.19
CA ASP A 100 24.30 1.04 12.23
C ASP A 100 24.50 1.78 10.90
N GLU A 101 25.55 1.44 10.19
CA GLU A 101 25.83 2.11 8.88
C GLU A 101 26.02 1.06 7.78
N GLU A 102 25.79 1.44 6.54
CA GLU A 102 25.96 0.47 5.42
C GLU A 102 27.25 0.76 4.66
N PHE A 103 27.88 -0.25 4.12
CA PHE A 103 29.16 -0.04 3.37
C PHE A 103 29.19 -0.91 2.11
N ASP A 104 30.07 -0.61 1.19
CA ASP A 104 30.16 -1.42 -0.07
C ASP A 104 31.61 -1.55 -0.51
N PHE A 105 31.87 -2.29 -1.57
CA PHE A 105 33.26 -2.47 -2.07
C PHE A 105 33.50 -1.61 -3.31
N ALA A 106 34.58 -0.85 -3.32
CA ALA A 106 34.88 0.01 -4.48
C ALA A 106 36.02 -0.59 -5.33
N ALA A 107 35.86 -0.58 -6.63
CA ALA A 107 36.93 -1.16 -7.51
C ALA A 107 37.85 -0.04 -8.00
N ASN A 108 37.32 1.13 -8.23
CA ASN A 108 38.17 2.28 -8.73
C ASN A 108 39.21 2.67 -7.68
N LEU A 109 38.86 2.54 -6.42
CA LEU A 109 39.83 2.90 -5.33
C LEU A 109 40.61 1.66 -4.88
N GLU A 110 41.87 1.81 -4.60
CA GLU A 110 42.70 0.65 -4.16
C GLU A 110 42.84 0.64 -2.63
N LYS A 111 42.90 -0.52 -2.04
CA LYS A 111 43.04 -0.61 -0.55
C LYS A 111 44.50 -0.91 -0.18
N PHE A 112 44.93 -0.47 0.98
CA PHE A 112 46.33 -0.72 1.41
C PHE A 112 46.40 -1.93 2.37
N ASP A 113 45.46 -2.82 2.27
CA ASP A 113 45.46 -4.02 3.18
C ASP A 113 46.14 -5.20 2.48
N LYS A 114 47.07 -5.85 3.17
CA LYS A 114 47.78 -7.01 2.56
C LYS A 114 47.69 -8.22 3.50
N LYS A 115 47.97 -9.40 2.97
CA LYS A 115 47.87 -10.67 3.78
C LYS A 115 46.41 -10.95 4.20
N GLN A 116 45.84 -10.11 5.03
CA GLN A 116 44.43 -10.35 5.49
C GLN A 116 43.46 -10.36 4.30
N VAL A 117 43.77 -9.63 3.26
CA VAL A 117 42.88 -9.61 2.06
C VAL A 117 43.34 -10.68 1.05
N PHE A 118 42.41 -11.39 0.46
CA PHE A 118 42.78 -12.45 -0.51
C PHE A 118 42.40 -12.04 -1.93
N ALA A 119 43.09 -12.56 -2.92
CA ALA A 119 42.77 -12.20 -4.34
C ALA A 119 41.39 -12.73 -4.73
N GLU A 120 41.00 -13.86 -4.19
CA GLU A 120 39.66 -14.44 -4.51
C GLU A 120 38.65 -14.04 -3.44
N PHE A 121 37.39 -14.00 -3.80
CA PHE A 121 36.33 -13.61 -2.82
C PHE A 121 35.57 -14.84 -2.33
N ARG A 122 35.41 -14.98 -1.04
CA ARG A 122 34.68 -16.16 -0.48
C ARG A 122 33.56 -15.67 0.47
N GLU A 123 32.33 -15.95 0.14
CA GLU A 123 31.20 -15.52 1.02
C GLU A 123 29.93 -16.31 0.67
N LYS A 124 28.93 -16.26 1.53
CA LYS A 124 27.65 -16.98 1.25
C LYS A 124 26.96 -16.40 0.02
N ASP A 125 27.08 -15.10 -0.18
CA ASP A 125 26.43 -14.44 -1.36
C ASP A 125 24.93 -14.77 -1.44
N GLY A 1 -6.62 26.96 -3.52
CA GLY A 1 -6.45 28.30 -2.88
C GLY A 1 -5.09 28.36 -2.18
N ALA A 2 -5.09 28.38 -0.87
CA ALA A 2 -3.80 28.44 -0.11
C ALA A 2 -3.01 27.15 -0.29
N MET A 3 -3.69 26.03 -0.42
CA MET A 3 -3.00 24.73 -0.62
C MET A 3 -3.49 24.04 -1.90
N GLY A 4 -2.72 23.11 -2.41
CA GLY A 4 -3.13 22.41 -3.66
C GLY A 4 -2.70 20.94 -3.59
N MET A 5 -2.99 20.17 -4.61
CA MET A 5 -2.62 18.73 -4.60
C MET A 5 -1.37 18.51 -5.47
N SER A 6 -0.53 17.58 -5.08
CA SER A 6 0.71 17.30 -5.87
C SER A 6 0.72 15.84 -6.36
N VAL A 7 1.34 15.60 -7.48
CA VAL A 7 1.38 14.20 -8.03
C VAL A 7 2.20 13.29 -7.10
N ALA A 8 3.19 13.84 -6.43
CA ALA A 8 4.05 13.00 -5.53
C ALA A 8 3.21 12.39 -4.40
N ASP A 9 2.17 13.06 -3.98
CA ASP A 9 1.30 12.51 -2.89
C ASP A 9 0.61 11.22 -3.35
N PHE A 10 0.17 11.18 -4.59
CA PHE A 10 -0.49 9.94 -5.11
C PHE A 10 0.56 8.88 -5.43
N TYR A 11 1.74 9.29 -5.83
CA TYR A 11 2.83 8.30 -6.12
C TYR A 11 3.26 7.59 -4.82
N GLY A 12 3.27 6.27 -4.84
CA GLY A 12 3.60 5.51 -3.60
C GLY A 12 2.36 5.39 -2.70
N SER A 13 1.23 5.91 -3.11
CA SER A 13 -0.01 5.81 -2.27
C SER A 13 -0.73 4.49 -2.56
N ASN A 14 -1.28 3.87 -1.55
CA ASN A 14 -2.05 2.61 -1.76
C ASN A 14 -3.53 2.93 -1.96
N VAL A 15 -4.05 2.66 -3.14
CA VAL A 15 -5.48 2.98 -3.43
C VAL A 15 -6.15 1.78 -4.12
N GLU A 16 -7.45 1.76 -4.16
CA GLU A 16 -8.16 0.69 -4.93
C GLU A 16 -9.01 1.34 -6.03
N VAL A 17 -9.14 0.68 -7.16
CA VAL A 17 -9.99 1.22 -8.26
C VAL A 17 -10.87 0.10 -8.81
N LEU A 18 -12.10 0.41 -9.16
CA LEU A 18 -12.92 -0.58 -9.92
C LEU A 18 -12.82 -0.29 -11.41
N LEU A 19 -12.64 -1.31 -12.21
CA LEU A 19 -12.59 -1.11 -13.68
C LEU A 19 -14.02 -1.07 -14.25
N ASN A 20 -14.14 -0.82 -15.53
CA ASN A 20 -15.50 -0.69 -16.17
C ASN A 20 -16.35 -1.94 -15.94
N ASN A 21 -15.74 -3.07 -15.67
CA ASN A 21 -16.51 -4.34 -15.51
C ASN A 21 -16.70 -4.68 -14.02
N ASP A 22 -16.69 -3.68 -13.14
CA ASP A 22 -16.96 -3.92 -11.68
C ASP A 22 -15.97 -4.94 -11.11
N SER A 23 -14.80 -5.06 -11.69
CA SER A 23 -13.72 -5.86 -11.05
C SER A 23 -12.84 -4.93 -10.22
N LYS A 24 -12.53 -5.30 -9.00
CA LYS A 24 -11.85 -4.35 -8.07
C LYS A 24 -10.40 -4.79 -7.83
N ALA A 25 -9.48 -3.86 -7.87
CA ALA A 25 -8.06 -4.17 -7.55
C ALA A 25 -7.43 -3.02 -6.77
N ARG A 26 -6.43 -3.30 -5.95
CA ARG A 26 -5.78 -2.21 -5.15
C ARG A 26 -4.28 -2.45 -5.04
N GLY A 27 -3.52 -1.40 -4.88
CA GLY A 27 -2.04 -1.55 -4.75
C GLY A 27 -1.40 -0.17 -4.60
N VAL A 28 -0.09 -0.10 -4.57
CA VAL A 28 0.60 1.21 -4.36
C VAL A 28 0.99 1.82 -5.71
N ILE A 29 0.67 3.07 -5.93
CA ILE A 29 0.93 3.71 -7.26
C ILE A 29 2.45 3.91 -7.45
N THR A 30 2.93 3.71 -8.65
CA THR A 30 4.38 3.92 -8.93
C THR A 30 4.60 4.90 -10.09
N ASN A 31 3.75 4.88 -11.10
CA ASN A 31 4.03 5.71 -12.31
C ASN A 31 2.75 6.33 -12.86
N PHE A 32 2.86 7.47 -13.49
CA PHE A 32 1.68 8.10 -14.17
C PHE A 32 2.18 8.91 -15.38
N ASP A 33 1.53 8.75 -16.51
CA ASP A 33 1.98 9.46 -17.75
C ASP A 33 0.85 10.32 -18.29
N SER A 34 1.07 11.60 -18.41
CA SER A 34 0.01 12.52 -18.93
C SER A 34 -0.23 12.29 -20.43
N SER A 35 0.77 11.82 -21.14
CA SER A 35 0.62 11.62 -22.63
C SER A 35 -0.49 10.62 -22.94
N ASN A 36 -0.49 9.47 -22.30
CA ASN A 36 -1.54 8.45 -22.56
C ASN A 36 -2.27 8.06 -21.26
N SER A 37 -2.03 8.78 -20.18
CA SER A 37 -2.70 8.46 -18.86
C SER A 37 -2.51 6.97 -18.50
N ILE A 38 -1.29 6.57 -18.22
CA ILE A 38 -1.02 5.15 -17.87
C ILE A 38 -0.52 5.06 -16.42
N LEU A 39 -1.08 4.17 -15.64
CA LEU A 39 -0.74 4.11 -14.18
C LEU A 39 -0.20 2.71 -13.82
N GLN A 40 0.98 2.65 -13.27
CA GLN A 40 1.51 1.35 -12.78
C GLN A 40 1.26 1.21 -11.28
N LEU A 41 0.67 0.13 -10.87
CA LEU A 41 0.42 -0.11 -9.41
C LEU A 41 1.30 -1.24 -8.90
N ARG A 42 2.15 -0.97 -7.95
CA ARG A 42 3.00 -2.04 -7.35
C ARG A 42 2.37 -2.54 -6.05
N LEU A 43 2.13 -3.83 -5.96
CA LEU A 43 1.38 -4.38 -4.79
C LEU A 43 2.35 -5.03 -3.79
N ALA A 44 1.99 -5.01 -2.52
CA ALA A 44 2.91 -5.49 -1.45
C ALA A 44 3.21 -6.99 -1.58
N ASN A 45 2.51 -7.70 -2.45
CA ASN A 45 2.83 -9.14 -2.69
C ASN A 45 3.95 -9.29 -3.75
N ASP A 46 4.87 -8.34 -3.84
CA ASP A 46 6.01 -8.44 -4.81
C ASP A 46 5.49 -8.60 -6.25
N SER A 47 4.32 -8.04 -6.53
CA SER A 47 3.79 -8.12 -7.92
C SER A 47 3.55 -6.70 -8.47
N THR A 48 3.84 -6.48 -9.73
CA THR A 48 3.64 -5.13 -10.33
C THR A 48 2.83 -5.25 -11.63
N LYS A 49 1.96 -4.30 -11.88
CA LYS A 49 1.10 -4.37 -13.10
C LYS A 49 0.88 -2.96 -13.68
N SER A 50 0.97 -2.82 -14.98
CA SER A 50 0.70 -1.49 -15.61
C SER A 50 -0.72 -1.45 -16.16
N ILE A 51 -1.50 -0.50 -15.73
CA ILE A 51 -2.92 -0.40 -16.21
C ILE A 51 -3.19 1.01 -16.71
N VAL A 52 -3.85 1.14 -17.84
CA VAL A 52 -4.17 2.49 -18.38
C VAL A 52 -5.39 3.05 -17.64
N THR A 53 -5.34 4.30 -17.25
CA THR A 53 -6.43 4.88 -16.39
C THR A 53 -7.78 4.88 -17.10
N LYS A 54 -7.78 4.88 -18.41
CA LYS A 54 -9.08 4.98 -19.17
C LYS A 54 -10.02 3.83 -18.80
N ASP A 55 -9.48 2.72 -18.35
CA ASP A 55 -10.36 1.60 -17.87
C ASP A 55 -10.73 1.75 -16.39
N ILE A 56 -10.42 2.89 -15.78
CA ILE A 56 -10.87 3.13 -14.36
C ILE A 56 -12.35 3.53 -14.35
N LYS A 57 -13.19 2.68 -13.81
CA LYS A 57 -14.62 3.08 -13.59
C LYS A 57 -14.75 3.90 -12.30
N ASP A 58 -14.02 3.51 -11.27
CA ASP A 58 -14.21 4.18 -9.93
C ASP A 58 -12.91 4.11 -9.12
N LEU A 59 -12.63 5.14 -8.34
CA LEU A 59 -11.36 5.17 -7.56
C LEU A 59 -11.63 5.40 -6.07
N ARG A 60 -10.86 4.79 -5.22
CA ARG A 60 -10.93 5.09 -3.75
C ARG A 60 -9.54 4.95 -3.11
N ILE A 61 -9.33 5.57 -1.97
CA ILE A 61 -8.01 5.40 -1.27
C ILE A 61 -8.23 4.64 0.05
N LEU A 62 -7.45 3.62 0.29
CA LEU A 62 -7.66 2.77 1.51
C LEU A 62 -6.76 3.26 2.65
N PRO A 63 -7.18 3.01 3.87
CA PRO A 63 -6.38 3.44 5.05
C PRO A 63 -5.11 2.58 5.16
N LYS A 64 -4.08 2.94 4.43
CA LYS A 64 -2.80 2.16 4.49
C LYS A 64 -1.60 3.12 4.59
N ASN A 65 -0.49 2.63 5.10
CA ASN A 65 0.73 3.49 5.27
C ASN A 65 0.41 4.75 6.09
N GLU A 66 -0.37 4.60 7.14
CA GLU A 66 -0.72 5.78 7.99
C GLU A 66 0.52 6.33 8.71
N ILE A 67 1.45 5.46 9.04
CA ILE A 67 2.68 5.91 9.76
C ILE A 67 3.87 5.87 8.81
N MET A 68 4.74 6.85 8.90
CA MET A 68 5.94 6.89 7.99
C MET A 68 7.11 6.11 8.62
N PRO A 69 8.09 5.78 7.80
CA PRO A 69 9.26 5.01 8.31
C PRO A 69 10.06 5.84 9.31
N LYS A 70 10.08 7.15 9.15
CA LYS A 70 10.85 8.01 10.10
C LYS A 70 9.97 8.40 11.29
N ASN A 71 10.45 8.14 12.49
CA ASN A 71 9.66 8.48 13.71
C ASN A 71 10.00 9.89 14.19
N GLY A 72 11.24 10.30 14.03
CA GLY A 72 11.64 11.67 14.50
C GLY A 72 12.19 11.58 15.93
N THR A 73 13.40 11.12 16.09
CA THR A 73 13.99 10.99 17.46
C THR A 73 14.71 12.29 17.85
N LYS A 74 14.58 12.69 19.09
CA LYS A 74 15.27 13.94 19.55
C LYS A 74 16.65 13.62 20.09
N SER A 75 17.64 14.41 19.74
CA SER A 75 19.03 14.16 20.23
C SER A 75 19.58 15.41 20.96
N PRO A 76 19.30 15.49 22.25
CA PRO A 76 19.79 16.65 23.05
C PRO A 76 21.33 16.63 23.14
N SER A 77 21.92 15.46 23.14
CA SER A 77 23.41 15.36 23.21
C SER A 77 24.01 15.47 21.81
N THR A 78 25.32 15.52 21.72
CA THR A 78 26.00 15.64 20.38
C THR A 78 26.49 14.26 19.92
N ASN A 79 25.81 13.20 20.29
CA ASN A 79 26.21 11.84 19.86
C ASN A 79 25.35 11.37 18.69
N SER A 80 24.93 12.28 17.85
CA SER A 80 24.07 11.90 16.68
C SER A 80 24.83 11.00 15.71
N THR A 81 26.13 11.15 15.65
CA THR A 81 26.95 10.29 14.71
C THR A 81 26.86 8.81 15.14
N LYS A 82 26.81 8.55 16.44
CA LYS A 82 26.72 7.15 16.95
C LYS A 82 27.82 6.27 16.36
N LEU A 83 28.93 6.14 17.06
CA LEU A 83 30.06 5.29 16.54
C LEU A 83 29.64 3.83 16.47
N LYS A 84 28.81 3.39 17.41
CA LYS A 84 28.32 1.97 17.42
C LYS A 84 29.50 0.99 17.37
N SER A 85 30.53 1.25 18.13
CA SER A 85 31.72 0.33 18.16
C SER A 85 31.33 -1.04 18.69
N ALA A 86 30.43 -1.08 19.66
CA ALA A 86 29.97 -2.39 20.21
C ALA A 86 29.17 -3.16 19.17
N GLU A 87 28.44 -2.47 18.33
CA GLU A 87 27.62 -3.14 17.27
C GLU A 87 28.55 -3.83 16.25
N THR A 88 29.71 -3.27 16.00
CA THR A 88 30.67 -3.88 15.03
C THR A 88 31.16 -5.23 15.56
N TYR A 89 31.43 -5.31 16.84
CA TYR A 89 31.91 -6.61 17.44
C TYR A 89 30.78 -7.65 17.40
N SER A 90 29.57 -7.23 17.72
CA SER A 90 28.42 -8.18 17.69
C SER A 90 27.14 -7.44 17.30
N SER A 91 26.18 -8.15 16.75
CA SER A 91 24.90 -7.48 16.32
C SER A 91 23.71 -8.10 17.04
N LYS A 92 22.74 -7.29 17.41
CA LYS A 92 21.53 -7.82 18.11
C LYS A 92 20.26 -7.21 17.50
N ASN A 93 19.19 -7.97 17.45
CA ASN A 93 17.92 -7.44 16.88
C ASN A 93 16.90 -7.18 17.99
N LYS A 94 16.49 -5.95 18.16
CA LYS A 94 15.48 -5.61 19.22
C LYS A 94 14.14 -6.27 18.91
N TRP A 95 13.79 -6.34 17.65
CA TRP A 95 12.49 -6.96 17.26
C TRP A 95 12.72 -8.29 16.52
N SER A 96 11.91 -9.28 16.80
CA SER A 96 12.09 -10.60 16.12
C SER A 96 11.03 -10.77 15.01
N MET A 97 10.58 -9.69 14.43
CA MET A 97 9.53 -9.78 13.36
C MET A 97 10.10 -10.48 12.12
N ASP A 98 11.36 -10.28 11.83
CA ASP A 98 11.99 -10.92 10.63
C ASP A 98 12.91 -12.06 11.06
N CYS A 99 13.24 -12.95 10.14
CA CYS A 99 14.14 -14.09 10.49
C CYS A 99 15.58 -13.78 10.05
N ASP A 100 15.75 -13.33 8.82
CA ASP A 100 17.11 -13.01 8.31
C ASP A 100 17.13 -11.60 7.72
N GLU A 101 16.33 -11.36 6.71
CA GLU A 101 16.30 -10.00 6.07
C GLU A 101 15.02 -9.26 6.48
N GLU A 102 15.12 -8.00 6.78
CA GLU A 102 13.92 -7.20 7.18
C GLU A 102 12.98 -7.00 5.98
N PHE A 103 13.55 -6.76 4.82
CA PHE A 103 12.71 -6.55 3.60
C PHE A 103 13.56 -6.72 2.34
N ASP A 104 14.73 -6.13 2.30
CA ASP A 104 15.60 -6.21 1.09
C ASP A 104 16.12 -7.64 0.92
N PHE A 105 16.27 -8.09 -0.31
CA PHE A 105 16.79 -9.47 -0.56
C PHE A 105 17.87 -9.42 -1.65
N ALA A 106 18.69 -10.45 -1.73
CA ALA A 106 19.77 -10.48 -2.76
C ALA A 106 19.18 -10.61 -4.16
N ALA A 107 19.78 -9.99 -5.14
CA ALA A 107 19.27 -10.10 -6.55
C ALA A 107 19.43 -11.53 -7.07
N ASN A 108 20.47 -12.21 -6.66
CA ASN A 108 20.67 -13.62 -7.11
C ASN A 108 20.11 -14.60 -6.09
N LEU A 109 19.75 -15.79 -6.52
CA LEU A 109 19.18 -16.81 -5.58
C LEU A 109 20.24 -17.85 -5.22
N GLU A 110 20.43 -18.10 -3.95
CA GLU A 110 21.43 -19.13 -3.52
C GLU A 110 20.96 -20.53 -3.92
N LYS A 111 19.67 -20.77 -3.90
CA LYS A 111 19.13 -22.10 -4.28
C LYS A 111 18.70 -22.11 -5.74
N PHE A 112 18.37 -23.27 -6.28
CA PHE A 112 17.94 -23.35 -7.71
C PHE A 112 16.63 -22.57 -7.92
N ASP A 113 15.74 -22.63 -6.96
CA ASP A 113 14.45 -21.88 -7.08
C ASP A 113 13.94 -21.45 -5.70
N LYS A 114 14.84 -21.24 -4.76
CA LYS A 114 14.43 -20.83 -3.37
C LYS A 114 13.37 -21.78 -2.79
N LYS A 115 13.80 -22.82 -2.13
CA LYS A 115 12.83 -23.79 -1.53
C LYS A 115 12.52 -23.40 -0.08
N GLN A 116 11.26 -23.30 0.27
CA GLN A 116 10.88 -22.91 1.67
C GLN A 116 10.04 -24.02 2.31
N VAL A 117 10.17 -24.19 3.60
CA VAL A 117 9.36 -25.25 4.30
C VAL A 117 7.88 -24.83 4.40
N PHE A 118 7.60 -23.55 4.35
CA PHE A 118 6.19 -23.07 4.44
C PHE A 118 5.36 -23.60 3.27
N ALA A 119 5.94 -23.63 2.09
CA ALA A 119 5.19 -24.13 0.89
C ALA A 119 5.35 -25.65 0.76
N GLU A 120 4.41 -26.40 1.28
CA GLU A 120 4.49 -27.89 1.18
C GLU A 120 4.29 -28.33 -0.28
N PHE A 121 3.45 -27.64 -1.01
CA PHE A 121 3.20 -28.02 -2.43
C PHE A 121 3.90 -27.03 -3.37
N ARG A 122 4.29 -27.49 -4.53
CA ARG A 122 4.97 -26.59 -5.52
C ARG A 122 4.46 -26.85 -6.94
N GLU A 123 4.63 -25.90 -7.82
CA GLU A 123 4.14 -26.07 -9.23
C GLU A 123 5.28 -26.51 -10.15
N LYS A 124 6.26 -27.20 -9.63
CA LYS A 124 7.41 -27.65 -10.47
C LYS A 124 7.13 -29.04 -11.06
N ASP A 125 7.35 -29.21 -12.34
CA ASP A 125 7.10 -30.53 -12.99
C ASP A 125 8.43 -31.26 -13.22
N GLY A 1 0.17 31.48 -6.04
CA GLY A 1 -0.46 30.80 -4.88
C GLY A 1 0.04 29.35 -4.81
N ALA A 2 -0.34 28.63 -3.79
CA ALA A 2 0.12 27.20 -3.65
C ALA A 2 -1.03 26.25 -4.03
N MET A 3 -0.71 25.17 -4.69
CA MET A 3 -1.77 24.19 -5.10
C MET A 3 -2.40 23.54 -3.86
N GLY A 4 -1.62 23.32 -2.83
CA GLY A 4 -2.14 22.68 -1.59
C GLY A 4 -1.76 21.20 -1.56
N MET A 5 -1.70 20.57 -2.71
CA MET A 5 -1.31 19.12 -2.77
C MET A 5 -0.16 18.93 -3.76
N SER A 6 0.58 17.87 -3.62
CA SER A 6 1.73 17.61 -4.55
C SER A 6 1.53 16.26 -5.26
N VAL A 7 2.05 16.14 -6.46
CA VAL A 7 1.91 14.84 -7.22
C VAL A 7 2.68 13.73 -6.51
N ALA A 8 3.77 14.07 -5.86
CA ALA A 8 4.60 13.02 -5.17
C ALA A 8 3.79 12.32 -4.07
N ASP A 9 2.85 13.02 -3.47
CA ASP A 9 2.00 12.38 -2.41
C ASP A 9 1.16 11.25 -3.00
N PHE A 10 0.64 11.44 -4.19
CA PHE A 10 -0.18 10.37 -4.84
C PHE A 10 0.72 9.21 -5.28
N TYR A 11 1.95 9.50 -5.64
CA TYR A 11 2.90 8.41 -6.01
C TYR A 11 3.34 7.64 -4.76
N GLY A 12 3.27 6.33 -4.80
CA GLY A 12 3.63 5.52 -3.60
C GLY A 12 2.42 5.37 -2.67
N SER A 13 1.28 5.93 -3.02
CA SER A 13 0.07 5.79 -2.15
C SER A 13 -0.69 4.50 -2.51
N ASN A 14 -1.34 3.89 -1.55
CA ASN A 14 -2.14 2.66 -1.83
C ASN A 14 -3.60 3.04 -2.07
N VAL A 15 -4.09 2.82 -3.26
CA VAL A 15 -5.51 3.13 -3.57
C VAL A 15 -6.17 1.92 -4.24
N GLU A 16 -7.48 1.86 -4.26
CA GLU A 16 -8.17 0.77 -4.99
C GLU A 16 -9.04 1.37 -6.11
N VAL A 17 -9.16 0.66 -7.21
CA VAL A 17 -10.02 1.18 -8.33
C VAL A 17 -10.93 0.05 -8.84
N LEU A 18 -12.14 0.37 -9.22
CA LEU A 18 -12.95 -0.62 -9.98
C LEU A 18 -12.77 -0.37 -11.48
N LEU A 19 -12.61 -1.41 -12.24
CA LEU A 19 -12.54 -1.25 -13.71
C LEU A 19 -13.95 -1.28 -14.30
N ASN A 20 -14.07 -1.06 -15.59
CA ASN A 20 -15.43 -0.99 -16.24
C ASN A 20 -16.24 -2.27 -16.02
N ASN A 21 -15.57 -3.37 -15.71
CA ASN A 21 -16.29 -4.66 -15.53
C ASN A 21 -16.62 -4.91 -14.04
N ASP A 22 -16.70 -3.87 -13.24
CA ASP A 22 -17.12 -4.02 -11.80
C ASP A 22 -16.17 -4.97 -11.05
N SER A 23 -14.94 -5.09 -11.51
CA SER A 23 -13.92 -5.84 -10.72
C SER A 23 -13.03 -4.85 -9.98
N LYS A 24 -12.62 -5.17 -8.78
CA LYS A 24 -11.85 -4.18 -7.96
C LYS A 24 -10.38 -4.62 -7.83
N ALA A 25 -9.47 -3.67 -7.88
CA ALA A 25 -8.03 -3.99 -7.65
C ALA A 25 -7.40 -2.92 -6.75
N ARG A 26 -6.46 -3.30 -5.92
CA ARG A 26 -5.83 -2.31 -4.99
C ARG A 26 -4.31 -2.53 -4.91
N GLY A 27 -3.56 -1.47 -4.78
CA GLY A 27 -2.07 -1.60 -4.67
C GLY A 27 -1.44 -0.21 -4.56
N VAL A 28 -0.14 -0.15 -4.55
CA VAL A 28 0.54 1.19 -4.39
C VAL A 28 0.84 1.78 -5.78
N ILE A 29 0.64 3.06 -5.93
CA ILE A 29 0.85 3.71 -7.26
C ILE A 29 2.35 3.99 -7.48
N THR A 30 2.83 3.78 -8.68
CA THR A 30 4.29 4.04 -8.96
C THR A 30 4.47 4.99 -10.15
N ASN A 31 3.62 4.91 -11.16
CA ASN A 31 3.88 5.71 -12.41
C ASN A 31 2.59 6.36 -12.91
N PHE A 32 2.71 7.52 -13.51
CA PHE A 32 1.54 8.18 -14.15
C PHE A 32 2.01 9.01 -15.35
N ASP A 33 1.39 8.83 -16.48
CA ASP A 33 1.84 9.55 -17.72
C ASP A 33 0.70 10.39 -18.28
N SER A 34 0.89 11.67 -18.41
CA SER A 34 -0.18 12.57 -18.94
C SER A 34 -0.42 12.30 -20.44
N SER A 35 0.61 11.90 -21.15
CA SER A 35 0.48 11.71 -22.63
C SER A 35 -0.60 10.66 -22.96
N ASN A 36 -0.56 9.53 -22.30
CA ASN A 36 -1.59 8.48 -22.57
C ASN A 36 -2.33 8.07 -21.29
N SER A 37 -2.13 8.80 -20.20
CA SER A 37 -2.82 8.47 -18.90
C SER A 37 -2.60 6.98 -18.53
N ILE A 38 -1.39 6.60 -18.24
CA ILE A 38 -1.10 5.18 -17.88
C ILE A 38 -0.63 5.09 -16.42
N LEU A 39 -1.16 4.14 -15.68
CA LEU A 39 -0.84 4.05 -14.22
C LEU A 39 -0.29 2.66 -13.89
N GLN A 40 0.86 2.61 -13.28
CA GLN A 40 1.42 1.30 -12.82
C GLN A 40 1.23 1.16 -11.31
N LEU A 41 0.67 0.06 -10.87
CA LEU A 41 0.47 -0.15 -9.41
C LEU A 41 1.39 -1.27 -8.91
N ARG A 42 2.22 -0.97 -7.94
CA ARG A 42 3.07 -2.04 -7.31
C ARG A 42 2.37 -2.56 -6.05
N LEU A 43 2.15 -3.85 -5.99
CA LEU A 43 1.38 -4.43 -4.85
C LEU A 43 2.33 -5.09 -3.83
N ALA A 44 1.95 -5.07 -2.57
CA ALA A 44 2.87 -5.57 -1.49
C ALA A 44 3.15 -7.08 -1.61
N ASN A 45 2.48 -7.77 -2.51
CA ASN A 45 2.79 -9.22 -2.72
C ASN A 45 3.93 -9.39 -3.75
N ASP A 46 4.84 -8.42 -3.87
CA ASP A 46 5.99 -8.54 -4.83
C ASP A 46 5.47 -8.65 -6.27
N SER A 47 4.31 -8.10 -6.55
CA SER A 47 3.76 -8.17 -7.95
C SER A 47 3.60 -6.76 -8.52
N THR A 48 3.85 -6.59 -9.79
CA THR A 48 3.73 -5.24 -10.44
C THR A 48 2.74 -5.31 -11.61
N LYS A 49 2.00 -4.25 -11.83
CA LYS A 49 0.99 -4.25 -12.95
C LYS A 49 0.92 -2.88 -13.61
N SER A 50 0.76 -2.85 -14.91
CA SER A 50 0.59 -1.55 -15.62
C SER A 50 -0.80 -1.49 -16.26
N ILE A 51 -1.63 -0.57 -15.85
CA ILE A 51 -3.02 -0.48 -16.39
C ILE A 51 -3.30 0.95 -16.85
N VAL A 52 -3.82 1.11 -18.04
CA VAL A 52 -4.16 2.48 -18.53
C VAL A 52 -5.39 3.00 -17.79
N THR A 53 -5.36 4.24 -17.38
CA THR A 53 -6.45 4.79 -16.50
C THR A 53 -7.81 4.75 -17.21
N LYS A 54 -7.82 4.76 -18.53
CA LYS A 54 -9.12 4.82 -19.27
C LYS A 54 -10.04 3.65 -18.89
N ASP A 55 -9.47 2.56 -18.43
CA ASP A 55 -10.32 1.42 -17.95
C ASP A 55 -10.70 1.59 -16.46
N ILE A 56 -10.41 2.73 -15.87
CA ILE A 56 -10.86 2.97 -14.46
C ILE A 56 -12.35 3.35 -14.45
N LYS A 57 -13.18 2.51 -13.90
CA LYS A 57 -14.61 2.89 -13.69
C LYS A 57 -14.75 3.73 -12.41
N ASP A 58 -14.02 3.39 -11.38
CA ASP A 58 -14.18 4.11 -10.07
C ASP A 58 -12.90 4.06 -9.25
N LEU A 59 -12.64 5.09 -8.47
CA LEU A 59 -11.37 5.15 -7.68
C LEU A 59 -11.65 5.42 -6.20
N ARG A 60 -10.89 4.83 -5.33
CA ARG A 60 -10.97 5.18 -3.88
C ARG A 60 -9.57 5.08 -3.24
N ILE A 61 -9.37 5.73 -2.12
CA ILE A 61 -8.06 5.60 -1.40
C ILE A 61 -8.27 4.90 -0.06
N LEU A 62 -7.50 3.89 0.22
CA LEU A 62 -7.73 3.07 1.46
C LEU A 62 -6.89 3.63 2.63
N PRO A 63 -7.53 3.88 3.77
CA PRO A 63 -6.81 4.40 4.95
C PRO A 63 -5.87 3.32 5.50
N LYS A 64 -4.86 3.72 6.24
CA LYS A 64 -3.90 2.73 6.82
C LYS A 64 -4.43 2.23 8.17
N ASN A 65 -4.58 0.94 8.31
CA ASN A 65 -5.11 0.38 9.59
C ASN A 65 -3.97 0.13 10.59
N GLU A 66 -2.82 -0.23 10.09
CA GLU A 66 -1.66 -0.52 11.01
C GLU A 66 -0.60 0.58 10.88
N ILE A 67 -0.05 1.02 11.99
CA ILE A 67 1.02 2.06 11.95
C ILE A 67 2.28 1.54 12.66
N MET A 68 3.42 1.73 12.05
CA MET A 68 4.69 1.26 12.69
C MET A 68 5.43 2.43 13.34
N PRO A 69 5.60 2.39 14.65
CA PRO A 69 6.32 3.47 15.37
C PRO A 69 7.81 3.47 15.00
N LYS A 70 8.37 2.30 14.79
CA LYS A 70 9.83 2.20 14.45
C LYS A 70 10.13 2.86 13.11
N ASN A 71 9.22 2.72 12.16
CA ASN A 71 9.44 3.32 10.79
C ASN A 71 10.80 2.92 10.20
N GLY A 72 11.16 3.47 9.08
CA GLY A 72 12.49 3.14 8.46
C GLY A 72 13.48 4.27 8.77
N THR A 73 14.03 4.27 9.97
CA THR A 73 15.01 5.34 10.34
C THR A 73 16.31 5.17 9.56
N LYS A 74 16.69 3.95 9.28
CA LYS A 74 17.96 3.71 8.52
C LYS A 74 17.64 3.35 7.07
N SER A 75 18.44 3.83 6.15
CA SER A 75 18.21 3.52 4.70
C SER A 75 19.49 2.94 4.07
N PRO A 76 19.69 1.65 4.22
CA PRO A 76 20.89 0.98 3.66
C PRO A 76 20.92 1.11 2.13
N SER A 77 19.78 1.17 1.50
CA SER A 77 19.71 1.29 0.00
C SER A 77 20.56 0.21 -0.68
N THR A 78 19.96 -0.90 -1.04
CA THR A 78 20.72 -1.99 -1.71
C THR A 78 20.13 -2.29 -3.09
N ASN A 79 20.96 -2.60 -4.06
CA ASN A 79 20.48 -2.89 -5.45
C ASN A 79 19.70 -1.69 -6.02
N SER A 80 19.44 -1.71 -7.31
CA SER A 80 18.69 -0.58 -7.94
C SER A 80 17.34 -1.08 -8.48
N THR A 81 16.36 -0.22 -8.52
CA THR A 81 15.02 -0.62 -9.03
C THR A 81 14.98 -0.52 -10.57
N LYS A 82 14.30 -1.44 -11.21
CA LYS A 82 14.24 -1.43 -12.71
C LYS A 82 13.54 -0.15 -13.21
N LEU A 83 12.54 0.30 -12.49
CA LEU A 83 11.82 1.56 -12.89
C LEU A 83 12.25 2.72 -12.00
N LYS A 84 12.64 3.83 -12.58
CA LYS A 84 13.06 5.00 -11.77
C LYS A 84 12.53 6.29 -12.40
N SER A 85 12.16 7.25 -11.57
CA SER A 85 11.59 8.54 -12.10
C SER A 85 12.65 9.27 -12.94
N ALA A 86 13.90 9.18 -12.57
CA ALA A 86 14.99 9.85 -13.35
C ALA A 86 15.12 9.20 -14.73
N GLU A 87 14.84 7.93 -14.85
CA GLU A 87 14.93 7.20 -16.17
C GLU A 87 16.31 7.43 -16.82
N THR A 88 16.46 7.02 -18.06
CA THR A 88 17.78 7.19 -18.75
C THR A 88 17.86 8.57 -19.40
N TYR A 89 19.02 9.18 -19.37
CA TYR A 89 19.18 10.53 -19.99
C TYR A 89 19.73 10.41 -21.40
N SER A 90 19.13 11.10 -22.35
CA SER A 90 19.62 11.04 -23.76
C SER A 90 19.67 12.45 -24.36
N SER A 91 18.54 13.12 -24.46
CA SER A 91 18.51 14.49 -25.04
C SER A 91 17.86 15.46 -24.06
N LYS A 92 18.23 16.72 -24.11
CA LYS A 92 17.63 17.73 -23.18
C LYS A 92 16.96 18.84 -24.00
N ASN A 93 16.38 18.50 -25.14
CA ASN A 93 15.72 19.53 -25.99
C ASN A 93 14.53 20.17 -25.27
N LYS A 94 13.86 19.40 -24.45
CA LYS A 94 12.67 19.94 -23.71
C LYS A 94 13.09 20.47 -22.34
N TRP A 95 12.73 21.69 -22.03
CA TRP A 95 13.11 22.28 -20.70
C TRP A 95 11.92 22.18 -19.73
N SER A 96 10.77 22.65 -20.13
CA SER A 96 9.57 22.60 -19.24
C SER A 96 8.48 21.73 -19.87
N MET A 97 7.74 21.01 -19.06
CA MET A 97 6.65 20.13 -19.60
C MET A 97 5.54 20.98 -20.24
N ASP A 98 5.24 22.11 -19.66
CA ASP A 98 4.15 22.98 -20.21
C ASP A 98 4.73 23.96 -21.24
N CYS A 99 4.10 24.08 -22.38
CA CYS A 99 4.59 25.04 -23.42
C CYS A 99 3.65 26.24 -23.52
N ASP A 100 2.38 26.02 -23.33
CA ASP A 100 1.39 27.16 -23.43
C ASP A 100 1.16 27.80 -22.07
N GLU A 101 0.45 28.89 -22.02
CA GLU A 101 0.19 29.59 -20.72
C GLU A 101 -1.23 29.27 -20.24
N GLU A 102 -1.43 29.28 -18.94
CA GLU A 102 -2.79 28.97 -18.39
C GLU A 102 -3.62 30.25 -18.28
N PHE A 103 -4.91 30.14 -18.42
CA PHE A 103 -5.79 31.35 -18.35
C PHE A 103 -6.45 31.45 -16.97
N ASP A 104 -6.24 32.54 -16.29
CA ASP A 104 -6.85 32.72 -14.93
C ASP A 104 -6.83 34.21 -14.53
N PHE A 105 -7.67 34.59 -13.61
CA PHE A 105 -7.70 36.02 -13.15
C PHE A 105 -7.40 36.09 -11.65
N ALA A 106 -6.83 37.18 -11.20
CA ALA A 106 -6.53 37.33 -9.73
C ALA A 106 -7.84 37.45 -8.93
N ALA A 107 -8.85 38.05 -9.52
CA ALA A 107 -10.15 38.21 -8.80
C ALA A 107 -11.11 37.08 -9.18
N ASN A 108 -11.95 36.66 -8.26
CA ASN A 108 -12.92 35.56 -8.56
C ASN A 108 -14.31 36.13 -8.82
N LEU A 109 -14.98 35.62 -9.83
CA LEU A 109 -16.36 36.13 -10.16
C LEU A 109 -17.41 35.25 -9.47
N GLU A 110 -18.43 35.86 -8.92
CA GLU A 110 -19.49 35.07 -8.21
C GLU A 110 -20.25 34.18 -9.21
N LYS A 111 -20.55 32.97 -8.81
CA LYS A 111 -21.28 32.04 -9.73
C LYS A 111 -22.47 31.41 -9.00
N PHE A 112 -23.45 30.93 -9.74
CA PHE A 112 -24.65 30.30 -9.11
C PHE A 112 -24.92 28.93 -9.72
N ASP A 113 -25.71 28.11 -9.04
CA ASP A 113 -26.03 26.73 -9.55
C ASP A 113 -24.74 25.96 -9.86
N LYS A 114 -24.18 25.29 -8.89
CA LYS A 114 -22.93 24.51 -9.11
C LYS A 114 -23.23 23.01 -9.10
N LYS A 115 -22.58 22.24 -9.94
CA LYS A 115 -22.80 20.77 -9.97
C LYS A 115 -21.65 20.05 -9.27
N GLN A 116 -21.96 19.00 -8.53
CA GLN A 116 -20.88 18.24 -7.81
C GLN A 116 -19.95 17.56 -8.82
N VAL A 117 -20.49 17.06 -9.92
CA VAL A 117 -19.65 16.39 -10.94
C VAL A 117 -19.99 16.92 -12.34
N PHE A 118 -19.09 16.78 -13.29
CA PHE A 118 -19.36 17.26 -14.67
C PHE A 118 -19.69 16.09 -15.59
N ALA A 119 -20.80 16.17 -16.29
CA ALA A 119 -21.19 15.06 -17.21
C ALA A 119 -20.46 15.19 -18.55
N GLU A 120 -20.36 16.40 -19.06
CA GLU A 120 -19.68 16.61 -20.38
C GLU A 120 -18.18 16.31 -20.26
N PHE A 121 -17.58 16.65 -19.13
CA PHE A 121 -16.11 16.42 -18.92
C PHE A 121 -15.29 17.09 -20.03
N ARG A 122 -13.98 17.09 -19.91
CA ARG A 122 -13.12 17.72 -20.95
C ARG A 122 -11.77 17.00 -21.03
N GLU A 123 -11.16 16.96 -22.20
CA GLU A 123 -9.84 16.30 -22.35
C GLU A 123 -8.96 17.10 -23.32
N LYS A 124 -7.66 17.11 -23.09
CA LYS A 124 -6.74 17.84 -23.99
C LYS A 124 -6.02 16.86 -24.93
N ASP A 125 -5.62 15.72 -24.40
CA ASP A 125 -4.91 14.71 -25.24
C ASP A 125 -5.03 13.32 -24.61
N GLY A 1 -4.76 27.45 -10.03
CA GLY A 1 -3.33 27.06 -9.84
C GLY A 1 -3.21 26.02 -8.73
N ALA A 2 -2.40 25.01 -8.93
CA ALA A 2 -2.22 23.96 -7.89
C ALA A 2 -0.91 24.15 -7.14
N MET A 3 -0.89 23.89 -5.86
CA MET A 3 0.35 24.06 -5.06
C MET A 3 0.30 23.19 -3.80
N GLY A 4 -0.80 23.22 -3.10
CA GLY A 4 -0.94 22.40 -1.84
C GLY A 4 -0.91 20.91 -2.19
N MET A 5 -1.46 20.54 -3.33
CA MET A 5 -1.47 19.11 -3.73
C MET A 5 -0.36 18.84 -4.76
N SER A 6 0.37 17.77 -4.60
CA SER A 6 1.47 17.45 -5.56
C SER A 6 1.30 16.03 -6.11
N VAL A 7 1.75 15.79 -7.31
CA VAL A 7 1.63 14.42 -7.92
C VAL A 7 2.50 13.42 -7.14
N ALA A 8 3.61 13.88 -6.62
CA ALA A 8 4.53 12.95 -5.86
C ALA A 8 3.82 12.37 -4.63
N ASP A 9 2.88 13.10 -4.07
CA ASP A 9 2.13 12.57 -2.89
C ASP A 9 1.30 11.34 -3.28
N PHE A 10 0.72 11.35 -4.45
CA PHE A 10 -0.07 10.17 -4.93
C PHE A 10 0.86 9.01 -5.28
N TYR A 11 2.05 9.31 -5.74
CA TYR A 11 3.04 8.24 -6.05
C TYR A 11 3.48 7.53 -4.77
N GLY A 12 3.31 6.23 -4.71
CA GLY A 12 3.69 5.46 -3.48
C GLY A 12 2.48 5.33 -2.53
N SER A 13 1.36 5.91 -2.87
CA SER A 13 0.15 5.78 -1.99
C SER A 13 -0.63 4.51 -2.35
N ASN A 14 -1.34 3.95 -1.40
CA ASN A 14 -2.16 2.73 -1.70
C ASN A 14 -3.61 3.13 -1.98
N VAL A 15 -4.05 2.90 -3.19
CA VAL A 15 -5.47 3.21 -3.55
C VAL A 15 -6.11 2.00 -4.21
N GLU A 16 -7.42 1.94 -4.25
CA GLU A 16 -8.11 0.85 -4.99
C GLU A 16 -8.96 1.45 -6.12
N VAL A 17 -9.06 0.77 -7.23
CA VAL A 17 -9.92 1.27 -8.34
C VAL A 17 -10.77 0.12 -8.88
N LEU A 18 -12.00 0.40 -9.24
CA LEU A 18 -12.79 -0.64 -9.97
C LEU A 18 -12.71 -0.37 -11.47
N LEU A 19 -12.50 -1.40 -12.25
CA LEU A 19 -12.47 -1.21 -13.72
C LEU A 19 -13.88 -1.23 -14.29
N ASN A 20 -14.02 -1.01 -15.57
CA ASN A 20 -15.38 -0.93 -16.21
C ASN A 20 -16.19 -2.23 -15.98
N ASN A 21 -15.51 -3.32 -15.71
CA ASN A 21 -16.22 -4.63 -15.57
C ASN A 21 -16.43 -5.00 -14.09
N ASP A 22 -16.48 -4.02 -13.20
CA ASP A 22 -16.85 -4.28 -11.77
C ASP A 22 -15.87 -5.28 -11.13
N SER A 23 -14.66 -5.35 -11.63
CA SER A 23 -13.60 -6.12 -10.91
C SER A 23 -12.72 -5.13 -10.13
N LYS A 24 -12.44 -5.41 -8.89
CA LYS A 24 -11.77 -4.39 -8.02
C LYS A 24 -10.32 -4.83 -7.72
N ALA A 25 -9.40 -3.90 -7.76
CA ALA A 25 -7.98 -4.23 -7.40
C ALA A 25 -7.35 -3.06 -6.64
N ARG A 26 -6.46 -3.34 -5.72
CA ARG A 26 -5.84 -2.25 -4.90
C ARG A 26 -4.34 -2.50 -4.74
N GLY A 27 -3.56 -1.45 -4.62
CA GLY A 27 -2.09 -1.60 -4.47
C GLY A 27 -1.43 -0.22 -4.38
N VAL A 28 -0.12 -0.16 -4.40
CA VAL A 28 0.57 1.15 -4.29
C VAL A 28 0.78 1.76 -5.68
N ILE A 29 0.62 3.05 -5.81
CA ILE A 29 0.83 3.71 -7.15
C ILE A 29 2.32 3.93 -7.40
N THR A 30 2.77 3.70 -8.61
CA THR A 30 4.22 3.89 -8.93
C THR A 30 4.42 4.85 -10.12
N ASN A 31 3.55 4.81 -11.11
CA ASN A 31 3.80 5.60 -12.34
C ASN A 31 2.53 6.31 -12.83
N PHE A 32 2.68 7.47 -13.40
CA PHE A 32 1.52 8.16 -14.04
C PHE A 32 2.01 9.00 -15.23
N ASP A 33 1.38 8.85 -16.36
CA ASP A 33 1.86 9.57 -17.58
C ASP A 33 0.74 10.44 -18.15
N SER A 34 0.95 11.73 -18.24
CA SER A 34 -0.12 12.65 -18.74
C SER A 34 -0.37 12.43 -20.23
N SER A 35 0.65 12.07 -20.98
CA SER A 35 0.49 11.95 -22.47
C SER A 35 -0.53 10.87 -22.82
N ASN A 36 -0.47 9.73 -22.17
CA ASN A 36 -1.43 8.63 -22.48
C ASN A 36 -2.19 8.17 -21.22
N SER A 37 -2.09 8.92 -20.13
CA SER A 37 -2.78 8.56 -18.84
C SER A 37 -2.59 7.07 -18.49
N ILE A 38 -1.37 6.68 -18.19
CA ILE A 38 -1.10 5.25 -17.86
C ILE A 38 -0.65 5.14 -16.39
N LEU A 39 -1.21 4.20 -15.66
CA LEU A 39 -0.91 4.09 -14.20
C LEU A 39 -0.41 2.69 -13.86
N GLN A 40 0.75 2.61 -13.24
CA GLN A 40 1.26 1.29 -12.77
C GLN A 40 1.03 1.17 -11.25
N LEU A 41 0.45 0.08 -10.82
CA LEU A 41 0.24 -0.14 -9.36
C LEU A 41 1.13 -1.28 -8.87
N ARG A 42 2.01 -1.00 -7.94
CA ARG A 42 2.87 -2.07 -7.36
C ARG A 42 2.26 -2.59 -6.05
N LEU A 43 2.03 -3.87 -5.96
CA LEU A 43 1.34 -4.44 -4.77
C LEU A 43 2.32 -5.08 -3.80
N ALA A 44 2.02 -5.04 -2.53
CA ALA A 44 2.99 -5.53 -1.48
C ALA A 44 3.27 -7.03 -1.62
N ASN A 45 2.53 -7.73 -2.45
CA ASN A 45 2.83 -9.19 -2.70
C ASN A 45 3.89 -9.35 -3.80
N ASP A 46 4.82 -8.42 -3.93
CA ASP A 46 5.93 -8.54 -4.94
C ASP A 46 5.34 -8.69 -6.36
N SER A 47 4.19 -8.12 -6.60
CA SER A 47 3.59 -8.18 -7.97
C SER A 47 3.36 -6.76 -8.51
N THR A 48 3.63 -6.54 -9.77
CA THR A 48 3.43 -5.18 -10.35
C THR A 48 2.60 -5.27 -11.65
N LYS A 49 1.77 -4.29 -11.90
CA LYS A 49 0.92 -4.32 -13.12
C LYS A 49 0.75 -2.91 -13.70
N SER A 50 0.74 -2.80 -15.00
CA SER A 50 0.52 -1.48 -15.65
C SER A 50 -0.87 -1.42 -16.28
N ILE A 51 -1.69 -0.49 -15.85
CA ILE A 51 -3.09 -0.40 -16.40
C ILE A 51 -3.36 1.03 -16.86
N VAL A 52 -3.86 1.20 -18.05
CA VAL A 52 -4.17 2.58 -18.55
C VAL A 52 -5.40 3.11 -17.82
N THR A 53 -5.37 4.36 -17.41
CA THR A 53 -6.47 4.91 -16.54
C THR A 53 -7.82 4.87 -17.25
N LYS A 54 -7.84 4.86 -18.55
CA LYS A 54 -9.13 4.92 -19.29
C LYS A 54 -10.04 3.75 -18.90
N ASP A 55 -9.47 2.65 -18.45
CA ASP A 55 -10.32 1.52 -17.97
C ASP A 55 -10.68 1.67 -16.48
N ILE A 56 -10.40 2.82 -15.88
CA ILE A 56 -10.84 3.06 -14.47
C ILE A 56 -12.34 3.41 -14.45
N LYS A 57 -13.16 2.56 -13.89
CA LYS A 57 -14.59 2.92 -13.67
C LYS A 57 -14.72 3.75 -12.40
N ASP A 58 -13.99 3.40 -11.36
CA ASP A 58 -14.18 4.10 -10.05
C ASP A 58 -12.88 4.07 -9.23
N LEU A 59 -12.64 5.11 -8.46
CA LEU A 59 -11.36 5.20 -7.69
C LEU A 59 -11.63 5.46 -6.20
N ARG A 60 -10.84 4.89 -5.33
CA ARG A 60 -10.92 5.23 -3.88
C ARG A 60 -9.54 5.10 -3.22
N ILE A 61 -9.35 5.75 -2.10
CA ILE A 61 -8.07 5.58 -1.34
C ILE A 61 -8.34 4.83 -0.03
N LEU A 62 -7.58 3.80 0.25
CA LEU A 62 -7.89 2.94 1.44
C LEU A 62 -7.43 3.63 2.73
N PRO A 63 -8.11 3.32 3.82
CA PRO A 63 -7.76 3.95 5.13
C PRO A 63 -6.44 3.39 5.70
N LYS A 64 -5.90 2.34 5.10
CA LYS A 64 -4.62 1.73 5.62
C LYS A 64 -4.76 1.38 7.11
N ASN A 65 -3.67 1.01 7.75
CA ASN A 65 -3.72 0.64 9.20
C ASN A 65 -3.88 1.90 10.05
N GLU A 66 -4.54 1.77 11.18
CA GLU A 66 -4.76 2.95 12.07
C GLU A 66 -3.63 3.04 13.11
N ILE A 67 -3.16 4.23 13.38
CA ILE A 67 -2.06 4.40 14.40
C ILE A 67 -2.60 4.11 15.81
N MET A 68 -3.84 4.44 16.06
CA MET A 68 -4.43 4.21 17.42
C MET A 68 -4.54 2.71 17.72
N PRO A 69 -4.53 2.36 19.00
CA PRO A 69 -4.62 0.93 19.40
C PRO A 69 -5.99 0.37 19.04
N LYS A 70 -6.11 -0.93 18.96
CA LYS A 70 -7.43 -1.57 18.62
C LYS A 70 -8.23 -1.82 19.90
N ASN A 71 -9.49 -2.17 19.76
CA ASN A 71 -10.37 -2.43 20.95
C ASN A 71 -10.37 -1.23 21.91
N GLY A 72 -10.41 -0.03 21.37
CA GLY A 72 -10.43 1.19 22.22
C GLY A 72 -11.22 2.30 21.53
N THR A 73 -12.25 1.94 20.79
CA THR A 73 -13.06 2.97 20.08
C THR A 73 -14.55 2.80 20.43
N LYS A 74 -15.24 3.87 20.71
CA LYS A 74 -16.69 3.79 21.05
C LYS A 74 -17.49 3.31 19.83
N SER A 75 -17.13 3.77 18.64
CA SER A 75 -17.87 3.40 17.39
C SER A 75 -19.35 3.82 17.48
N PRO A 76 -19.99 3.93 16.32
CA PRO A 76 -21.42 4.32 16.29
C PRO A 76 -22.29 3.20 16.90
N SER A 77 -23.37 3.56 17.54
CA SER A 77 -24.26 2.53 18.16
C SER A 77 -25.50 2.32 17.28
N THR A 78 -25.43 1.41 16.34
CA THR A 78 -26.60 1.14 15.45
C THR A 78 -26.74 -0.36 15.17
N ASN A 79 -27.90 -0.81 14.79
CA ASN A 79 -28.11 -2.26 14.50
C ASN A 79 -28.23 -2.48 12.98
N SER A 80 -27.46 -3.39 12.44
CA SER A 80 -27.52 -3.66 10.98
C SER A 80 -27.61 -5.17 10.72
N THR A 81 -28.19 -5.55 9.61
CA THR A 81 -28.32 -7.01 9.29
C THR A 81 -26.99 -7.55 8.75
N LYS A 82 -26.23 -6.73 8.07
CA LYS A 82 -24.92 -7.20 7.49
C LYS A 82 -23.95 -7.58 8.62
N LEU A 83 -23.99 -6.87 9.72
CA LEU A 83 -23.07 -7.19 10.85
C LEU A 83 -23.86 -7.87 11.98
N LYS A 84 -23.47 -9.07 12.36
CA LYS A 84 -24.19 -9.79 13.45
C LYS A 84 -23.18 -10.56 14.32
N SER A 85 -23.61 -11.00 15.49
CA SER A 85 -22.70 -11.73 16.41
C SER A 85 -22.25 -13.06 15.79
N ALA A 86 -23.06 -13.65 14.94
CA ALA A 86 -22.72 -14.98 14.34
C ALA A 86 -21.44 -14.88 13.49
N GLU A 87 -21.24 -13.76 12.85
CA GLU A 87 -20.00 -13.59 12.02
C GLU A 87 -18.77 -13.49 12.92
N THR A 88 -17.66 -14.02 12.48
CA THR A 88 -16.41 -13.98 13.31
C THR A 88 -15.59 -12.73 12.96
N TYR A 89 -15.16 -12.00 13.96
CA TYR A 89 -14.36 -10.75 13.70
C TYR A 89 -13.00 -11.11 13.12
N SER A 90 -12.39 -12.17 13.60
CA SER A 90 -11.05 -12.56 13.09
C SER A 90 -11.11 -13.96 12.46
N SER A 91 -10.23 -14.24 11.52
CA SER A 91 -10.23 -15.59 10.87
C SER A 91 -9.75 -16.66 11.86
N LYS A 92 -10.23 -17.87 11.73
CA LYS A 92 -9.83 -18.96 12.67
C LYS A 92 -8.34 -19.27 12.53
N ASN A 93 -7.83 -19.29 11.31
CA ASN A 93 -6.38 -19.58 11.09
C ASN A 93 -5.78 -18.56 10.12
N LYS A 94 -4.50 -18.32 10.22
CA LYS A 94 -3.82 -17.36 9.29
C LYS A 94 -3.14 -18.12 8.15
N TRP A 95 -3.28 -17.64 6.94
CA TRP A 95 -2.65 -18.34 5.77
C TRP A 95 -1.12 -18.25 5.85
N SER A 96 -0.60 -17.07 6.12
CA SER A 96 0.88 -16.90 6.21
C SER A 96 1.22 -15.68 7.08
N MET A 97 2.45 -15.58 7.52
CA MET A 97 2.87 -14.41 8.35
C MET A 97 4.09 -13.74 7.73
N ASP A 98 4.16 -12.42 7.82
CA ASP A 98 5.32 -11.69 7.25
C ASP A 98 6.34 -11.37 8.35
N CYS A 99 7.60 -11.63 8.10
CA CYS A 99 8.65 -11.33 9.11
C CYS A 99 9.88 -10.71 8.44
N ASP A 100 10.26 -9.52 8.85
CA ASP A 100 11.46 -8.86 8.23
C ASP A 100 12.23 -8.08 9.31
N GLU A 101 11.61 -7.08 9.89
CA GLU A 101 12.31 -6.26 10.93
C GLU A 101 11.75 -6.57 12.32
N GLU A 102 12.56 -6.45 13.34
CA GLU A 102 12.10 -6.75 14.74
C GLU A 102 11.52 -8.16 14.85
N PHE A 103 12.29 -9.10 15.34
CA PHE A 103 11.80 -10.50 15.46
C PHE A 103 11.34 -10.79 16.89
N ASP A 104 10.16 -11.33 17.06
CA ASP A 104 9.65 -11.63 18.43
C ASP A 104 9.92 -13.10 18.78
N PHE A 105 10.07 -13.39 20.05
CA PHE A 105 10.34 -14.80 20.47
C PHE A 105 9.06 -15.43 21.03
N ALA A 106 8.73 -16.62 20.56
CA ALA A 106 7.50 -17.31 21.07
C ALA A 106 7.70 -18.82 21.04
N ALA A 107 6.97 -19.54 21.87
CA ALA A 107 7.11 -21.02 21.90
C ALA A 107 5.97 -21.68 21.11
N ASN A 108 6.29 -22.68 20.32
CA ASN A 108 5.23 -23.37 19.52
C ASN A 108 5.30 -24.89 19.73
N LEU A 109 4.21 -25.50 20.12
CA LEU A 109 4.20 -26.98 20.34
C LEU A 109 3.53 -27.69 19.16
N GLU A 110 4.13 -28.73 18.65
CA GLU A 110 3.52 -29.48 17.51
C GLU A 110 3.32 -30.95 17.88
N LYS A 111 2.24 -31.54 17.43
CA LYS A 111 1.98 -32.98 17.74
C LYS A 111 0.99 -33.57 16.74
N PHE A 112 -0.21 -33.03 16.69
CA PHE A 112 -1.24 -33.55 15.73
C PHE A 112 -1.11 -32.84 14.38
N ASP A 113 -0.71 -31.60 14.38
CA ASP A 113 -0.56 -30.84 13.11
C ASP A 113 0.86 -31.04 12.54
N LYS A 114 0.95 -31.65 11.38
CA LYS A 114 2.29 -31.88 10.76
C LYS A 114 2.33 -31.27 9.35
N LYS A 115 3.48 -30.76 8.95
CA LYS A 115 3.59 -30.16 7.58
C LYS A 115 4.19 -31.17 6.61
N GLN A 116 3.70 -31.20 5.39
CA GLN A 116 4.23 -32.16 4.38
C GLN A 116 5.20 -31.46 3.43
N VAL A 117 6.46 -31.83 3.46
CA VAL A 117 7.47 -31.18 2.56
C VAL A 117 8.35 -32.25 1.90
N PHE A 118 8.76 -32.02 0.68
CA PHE A 118 9.65 -33.02 -0.02
C PHE A 118 11.04 -33.00 0.59
N ALA A 119 11.52 -31.83 0.97
CA ALA A 119 12.89 -31.73 1.57
C ALA A 119 12.79 -31.48 3.07
N GLU A 120 13.80 -31.88 3.81
CA GLU A 120 13.79 -31.67 5.29
C GLU A 120 14.58 -30.40 5.65
N PHE A 121 14.16 -29.70 6.67
CA PHE A 121 14.88 -28.45 7.08
C PHE A 121 15.21 -28.48 8.57
N ARG A 122 16.06 -27.60 9.02
CA ARG A 122 16.44 -27.57 10.46
C ARG A 122 15.89 -26.30 11.13
N GLU A 123 15.51 -26.40 12.38
CA GLU A 123 14.98 -25.20 13.11
C GLU A 123 16.07 -24.15 13.30
N LYS A 124 17.31 -24.59 13.47
CA LYS A 124 18.46 -23.63 13.66
C LYS A 124 18.17 -22.64 14.80
N ASP A 125 17.56 -23.11 15.86
CA ASP A 125 17.25 -22.21 17.02
C ASP A 125 17.91 -22.74 18.30
N GLY A 1 10.16 23.26 7.69
CA GLY A 1 9.01 22.35 7.38
C GLY A 1 8.45 22.70 6.00
N ALA A 2 7.57 21.89 5.49
CA ALA A 2 6.96 22.17 4.15
C ALA A 2 5.54 22.71 4.30
N MET A 3 5.13 23.60 3.43
CA MET A 3 3.76 24.17 3.52
C MET A 3 2.97 23.84 2.25
N GLY A 4 1.67 23.71 2.37
CA GLY A 4 0.82 23.39 1.18
C GLY A 4 0.84 21.87 0.95
N MET A 5 0.40 21.44 -0.21
CA MET A 5 0.39 19.97 -0.53
C MET A 5 1.33 19.68 -1.69
N SER A 6 1.86 18.47 -1.74
CA SER A 6 2.81 18.11 -2.83
C SER A 6 2.28 16.89 -3.62
N VAL A 7 2.55 16.83 -4.89
CA VAL A 7 2.07 15.67 -5.72
C VAL A 7 2.80 14.39 -5.29
N ALA A 8 4.04 14.50 -4.85
CA ALA A 8 4.81 13.28 -4.44
C ALA A 8 4.13 12.58 -3.27
N ASP A 9 3.43 13.32 -2.43
CA ASP A 9 2.72 12.69 -1.26
C ASP A 9 1.62 11.74 -1.77
N PHE A 10 0.92 12.13 -2.81
CA PHE A 10 -0.15 11.23 -3.38
C PHE A 10 0.51 10.08 -4.15
N TYR A 11 1.64 10.32 -4.76
CA TYR A 11 2.34 9.23 -5.52
C TYR A 11 2.91 8.20 -4.55
N GLY A 12 2.90 6.95 -4.92
CA GLY A 12 3.38 5.88 -3.98
C GLY A 12 2.28 5.53 -2.97
N SER A 13 1.09 6.07 -3.13
CA SER A 13 -0.01 5.79 -2.15
C SER A 13 -0.76 4.52 -2.55
N ASN A 14 -1.39 3.86 -1.59
CA ASN A 14 -2.16 2.63 -1.92
C ASN A 14 -3.64 2.96 -2.10
N VAL A 15 -4.15 2.79 -3.29
CA VAL A 15 -5.60 3.04 -3.55
C VAL A 15 -6.23 1.83 -4.23
N GLU A 16 -7.54 1.73 -4.23
CA GLU A 16 -8.20 0.65 -5.01
C GLU A 16 -9.09 1.27 -6.08
N VAL A 17 -9.21 0.64 -7.22
CA VAL A 17 -10.10 1.18 -8.30
C VAL A 17 -10.95 0.05 -8.87
N LEU A 18 -12.19 0.34 -9.20
CA LEU A 18 -12.98 -0.68 -9.96
C LEU A 18 -12.92 -0.35 -11.45
N LEU A 19 -12.72 -1.34 -12.27
CA LEU A 19 -12.69 -1.10 -13.74
C LEU A 19 -14.13 -1.07 -14.29
N ASN A 20 -14.27 -0.81 -15.57
CA ASN A 20 -15.64 -0.70 -16.19
C ASN A 20 -16.46 -1.99 -15.98
N ASN A 21 -15.80 -3.10 -15.74
CA ASN A 21 -16.53 -4.40 -15.61
C ASN A 21 -16.68 -4.81 -14.13
N ASP A 22 -16.70 -3.85 -13.22
CA ASP A 22 -17.00 -4.17 -11.77
C ASP A 22 -15.98 -5.18 -11.21
N SER A 23 -14.79 -5.23 -11.77
CA SER A 23 -13.69 -6.01 -11.13
C SER A 23 -12.81 -5.05 -10.32
N LYS A 24 -12.46 -5.43 -9.13
CA LYS A 24 -11.77 -4.46 -8.21
C LYS A 24 -10.31 -4.86 -8.02
N ALA A 25 -9.41 -3.90 -8.04
CA ALA A 25 -7.97 -4.19 -7.76
C ALA A 25 -7.36 -3.06 -6.94
N ARG A 26 -6.42 -3.38 -6.07
CA ARG A 26 -5.81 -2.34 -5.19
C ARG A 26 -4.30 -2.54 -5.08
N GLY A 27 -3.56 -1.48 -4.94
CA GLY A 27 -2.07 -1.59 -4.81
C GLY A 27 -1.45 -0.20 -4.68
N VAL A 28 -0.15 -0.10 -4.69
CA VAL A 28 0.51 1.23 -4.54
C VAL A 28 0.76 1.85 -5.92
N ILE A 29 0.55 3.13 -6.06
CA ILE A 29 0.75 3.80 -7.38
C ILE A 29 2.24 4.12 -7.58
N THR A 30 2.76 3.84 -8.76
CA THR A 30 4.23 4.05 -9.00
C THR A 30 4.48 4.95 -10.22
N ASN A 31 3.68 4.84 -11.26
CA ASN A 31 4.02 5.58 -12.52
C ASN A 31 2.76 6.16 -13.19
N PHE A 32 2.94 7.20 -13.97
CA PHE A 32 1.80 7.77 -14.74
C PHE A 32 2.32 8.39 -16.05
N ASP A 33 1.59 8.22 -17.12
CA ASP A 33 2.06 8.74 -18.44
C ASP A 33 1.02 9.70 -19.01
N SER A 34 1.40 10.93 -19.27
CA SER A 34 0.43 11.93 -19.81
C SER A 34 0.10 11.64 -21.27
N SER A 35 1.02 11.07 -22.00
CA SER A 35 0.79 10.83 -23.47
C SER A 35 -0.36 9.83 -23.68
N ASN A 36 -0.39 8.76 -22.91
CA ASN A 36 -1.46 7.73 -23.08
C ASN A 36 -2.23 7.49 -21.77
N SER A 37 -1.97 8.28 -20.74
CA SER A 37 -2.68 8.10 -19.42
C SER A 37 -2.57 6.63 -18.94
N ILE A 38 -1.38 6.19 -18.61
CA ILE A 38 -1.20 4.78 -18.15
C ILE A 38 -0.61 4.78 -16.73
N LEU A 39 -1.18 4.01 -15.84
CA LEU A 39 -0.70 4.01 -14.42
C LEU A 39 -0.20 2.63 -14.02
N GLN A 40 0.98 2.56 -13.46
CA GLN A 40 1.51 1.26 -12.95
C GLN A 40 1.24 1.16 -11.46
N LEU A 41 0.67 0.07 -11.02
CA LEU A 41 0.41 -0.13 -9.56
C LEU A 41 1.31 -1.24 -9.01
N ARG A 42 2.14 -0.91 -8.05
CA ARG A 42 3.02 -1.94 -7.43
C ARG A 42 2.37 -2.47 -6.15
N LEU A 43 2.17 -3.77 -6.08
CA LEU A 43 1.43 -4.36 -4.93
C LEU A 43 2.40 -4.98 -3.92
N ALA A 44 2.01 -5.01 -2.66
CA ALA A 44 2.94 -5.46 -1.57
C ALA A 44 3.30 -6.95 -1.69
N ASN A 45 2.70 -7.67 -2.62
CA ASN A 45 3.10 -9.10 -2.84
C ASN A 45 4.27 -9.19 -3.84
N ASP A 46 5.11 -8.17 -3.92
CA ASP A 46 6.28 -8.21 -4.86
C ASP A 46 5.81 -8.33 -6.32
N SER A 47 4.62 -7.86 -6.62
CA SER A 47 4.11 -7.95 -8.02
C SER A 47 3.80 -6.56 -8.56
N THR A 48 4.05 -6.33 -9.83
CA THR A 48 3.75 -5.00 -10.44
C THR A 48 2.88 -5.17 -11.69
N LYS A 49 1.98 -4.25 -11.92
CA LYS A 49 1.05 -4.37 -13.10
C LYS A 49 0.78 -2.99 -13.71
N SER A 50 0.72 -2.92 -15.01
CA SER A 50 0.40 -1.62 -15.68
C SER A 50 -1.06 -1.60 -16.12
N ILE A 51 -1.81 -0.63 -15.67
CA ILE A 51 -3.25 -0.54 -16.05
C ILE A 51 -3.56 0.87 -16.57
N VAL A 52 -4.21 0.96 -17.70
CA VAL A 52 -4.53 2.31 -18.28
C VAL A 52 -5.65 2.96 -17.45
N THR A 53 -5.54 4.23 -17.19
CA THR A 53 -6.53 4.90 -16.28
C THR A 53 -7.88 5.11 -16.97
N LYS A 54 -7.91 5.18 -18.29
CA LYS A 54 -9.19 5.44 -19.00
C LYS A 54 -10.21 4.33 -18.72
N ASP A 55 -9.76 3.15 -18.38
CA ASP A 55 -10.71 2.06 -18.01
C ASP A 55 -11.04 2.09 -16.50
N ILE A 56 -10.66 3.14 -15.79
CA ILE A 56 -11.09 3.28 -14.36
C ILE A 56 -12.57 3.62 -14.30
N LYS A 57 -13.38 2.72 -13.79
CA LYS A 57 -14.81 3.05 -13.52
C LYS A 57 -14.94 3.83 -12.21
N ASP A 58 -14.19 3.43 -11.21
CA ASP A 58 -14.38 4.06 -9.85
C ASP A 58 -13.08 4.00 -9.04
N LEU A 59 -12.83 5.00 -8.23
CA LEU A 59 -11.54 5.07 -7.47
C LEU A 59 -11.80 5.25 -5.97
N ARG A 60 -10.97 4.65 -5.14
CA ARG A 60 -11.05 4.91 -3.67
C ARG A 60 -9.65 4.77 -3.04
N ILE A 61 -9.44 5.35 -1.89
CA ILE A 61 -8.15 5.18 -1.18
C ILE A 61 -8.36 4.32 0.08
N LEU A 62 -7.56 3.31 0.26
CA LEU A 62 -7.77 2.37 1.42
C LEU A 62 -7.32 3.04 2.72
N PRO A 63 -7.80 2.51 3.84
CA PRO A 63 -7.47 3.10 5.17
C PRO A 63 -5.96 3.08 5.42
N LYS A 64 -5.43 4.14 5.98
CA LYS A 64 -3.97 4.20 6.28
C LYS A 64 -3.71 5.09 7.50
N ASN A 65 -4.09 6.35 7.41
CA ASN A 65 -3.90 7.29 8.56
C ASN A 65 -5.26 7.70 9.13
N GLU A 66 -5.28 8.17 10.35
CA GLU A 66 -6.57 8.58 10.99
C GLU A 66 -6.78 10.09 10.80
N ILE A 67 -7.92 10.47 10.27
CA ILE A 67 -8.21 11.93 10.07
C ILE A 67 -9.60 12.27 10.61
N MET A 68 -9.73 13.38 11.29
CA MET A 68 -11.06 13.79 11.84
C MET A 68 -11.97 14.29 10.72
N PRO A 69 -13.28 14.16 10.91
CA PRO A 69 -14.25 14.61 9.88
C PRO A 69 -14.22 16.15 9.76
N LYS A 70 -14.20 16.66 8.55
CA LYS A 70 -14.19 18.14 8.36
C LYS A 70 -15.60 18.63 8.03
N ASN A 71 -16.15 18.21 6.92
CA ASN A 71 -17.51 18.68 6.53
C ASN A 71 -18.59 17.77 7.13
N GLY A 72 -18.30 16.50 7.27
CA GLY A 72 -19.30 15.55 7.83
C GLY A 72 -20.21 15.05 6.71
N THR A 73 -19.65 14.31 5.78
CA THR A 73 -20.47 13.79 4.63
C THR A 73 -21.53 12.79 5.14
N LYS A 74 -21.18 12.01 6.13
CA LYS A 74 -22.15 10.99 6.66
C LYS A 74 -23.38 11.69 7.28
N SER A 75 -23.16 12.76 8.00
CA SER A 75 -24.31 13.49 8.62
C SER A 75 -23.99 14.99 8.73
N PRO A 76 -25.01 15.81 8.75
CA PRO A 76 -24.81 17.29 8.84
C PRO A 76 -24.21 17.66 10.19
N SER A 77 -24.57 16.93 11.24
CA SER A 77 -24.03 17.25 12.60
C SER A 77 -23.34 16.00 13.17
N THR A 78 -22.33 16.21 13.99
CA THR A 78 -21.61 15.05 14.61
C THR A 78 -21.36 15.32 16.10
N ASN A 79 -22.27 14.88 16.95
CA ASN A 79 -22.11 15.09 18.42
C ASN A 79 -21.61 13.80 19.09
N SER A 80 -20.82 13.03 18.40
CA SER A 80 -20.30 11.75 18.98
C SER A 80 -18.96 12.01 19.69
N THR A 81 -18.58 11.12 20.58
CA THR A 81 -17.30 11.31 21.33
C THR A 81 -16.11 11.15 20.38
N LYS A 82 -15.17 12.07 20.41
CA LYS A 82 -13.98 11.99 19.49
C LYS A 82 -13.12 10.77 19.85
N LEU A 83 -12.91 10.52 21.12
CA LEU A 83 -12.09 9.35 21.55
C LEU A 83 -12.98 8.25 22.12
N LYS A 84 -12.73 7.01 21.74
CA LYS A 84 -13.54 5.88 22.28
C LYS A 84 -12.68 4.98 23.16
N SER A 85 -13.15 4.66 24.34
CA SER A 85 -12.36 3.78 25.26
C SER A 85 -12.26 2.36 24.70
N ALA A 86 -13.28 1.92 23.99
CA ALA A 86 -13.26 0.54 23.42
C ALA A 86 -12.19 0.42 22.32
N GLU A 87 -11.97 1.50 21.58
CA GLU A 87 -10.95 1.48 20.47
C GLU A 87 -11.20 0.29 19.52
N THR A 88 -11.93 0.51 18.46
CA THR A 88 -12.23 -0.60 17.49
C THR A 88 -10.95 -1.04 16.78
N TYR A 89 -10.08 -0.11 16.46
CA TYR A 89 -8.82 -0.46 15.74
C TYR A 89 -7.60 -0.13 16.61
N SER A 90 -6.66 -1.04 16.70
CA SER A 90 -5.44 -0.79 17.52
C SER A 90 -4.19 -0.94 16.65
N SER A 91 -3.15 -0.20 16.96
CA SER A 91 -1.89 -0.28 16.15
C SER A 91 -0.73 -0.76 17.02
N LYS A 92 0.12 -1.59 16.49
CA LYS A 92 1.31 -2.12 17.27
C LYS A 92 0.84 -2.75 18.60
N ASN A 93 0.45 -4.00 18.56
CA ASN A 93 -0.01 -4.68 19.81
C ASN A 93 1.18 -5.38 20.49
N LYS A 94 1.74 -6.38 19.84
CA LYS A 94 2.89 -7.12 20.44
C LYS A 94 4.12 -6.98 19.54
N TRP A 95 5.30 -6.96 20.11
CA TRP A 95 6.54 -6.83 19.29
C TRP A 95 7.21 -8.21 19.11
N SER A 96 6.42 -9.26 19.06
CA SER A 96 6.99 -10.62 18.89
C SER A 96 6.40 -11.28 17.63
N MET A 97 7.16 -12.15 16.99
CA MET A 97 6.67 -12.83 15.76
C MET A 97 6.02 -14.17 16.13
N ASP A 98 4.74 -14.31 15.88
CA ASP A 98 4.05 -15.59 16.20
C ASP A 98 3.79 -16.39 14.92
N CYS A 99 3.64 -17.69 15.05
CA CYS A 99 3.39 -18.55 13.85
C CYS A 99 1.94 -19.04 13.85
N ASP A 100 1.24 -18.83 12.77
CA ASP A 100 -0.20 -19.27 12.69
C ASP A 100 -0.28 -20.72 12.19
N GLU A 101 -0.82 -21.60 12.99
CA GLU A 101 -0.93 -23.04 12.57
C GLU A 101 -2.38 -23.37 12.22
N GLU A 102 -2.58 -24.20 11.22
CA GLU A 102 -3.96 -24.57 10.77
C GLU A 102 -4.74 -23.32 10.32
N PHE A 103 -5.73 -23.51 9.48
CA PHE A 103 -6.55 -22.35 9.00
C PHE A 103 -7.76 -22.15 9.91
N ASP A 104 -8.38 -23.23 10.34
CA ASP A 104 -9.59 -23.11 11.22
C ASP A 104 -9.17 -23.02 12.69
N PHE A 105 -9.76 -22.11 13.43
CA PHE A 105 -9.41 -21.96 14.87
C PHE A 105 -10.66 -22.14 15.75
N ALA A 106 -10.48 -22.41 17.01
CA ALA A 106 -11.64 -22.63 17.92
C ALA A 106 -11.90 -21.38 18.77
N ALA A 107 -13.15 -21.07 19.03
CA ALA A 107 -13.48 -19.89 19.87
C ALA A 107 -14.74 -20.15 20.69
N ASN A 108 -14.88 -19.49 21.82
CA ASN A 108 -16.08 -19.70 22.68
C ASN A 108 -16.94 -18.42 22.75
N LEU A 109 -16.90 -17.62 21.71
CA LEU A 109 -17.71 -16.36 21.71
C LEU A 109 -18.90 -16.50 20.75
N GLU A 110 -20.04 -16.01 21.14
CA GLU A 110 -21.25 -16.10 20.26
C GLU A 110 -22.27 -15.02 20.64
N LYS A 111 -22.75 -15.05 21.86
CA LYS A 111 -23.76 -14.03 22.32
C LYS A 111 -24.95 -13.95 21.36
N PHE A 112 -25.32 -15.06 20.75
CA PHE A 112 -26.46 -15.07 19.80
C PHE A 112 -27.67 -15.77 20.41
N ASP A 113 -28.85 -15.22 20.24
CA ASP A 113 -30.08 -15.86 20.80
C ASP A 113 -30.60 -16.94 19.84
N LYS A 114 -30.57 -18.18 20.25
CA LYS A 114 -31.03 -19.28 19.35
C LYS A 114 -32.44 -19.74 19.76
N LYS A 115 -33.29 -19.98 18.79
CA LYS A 115 -34.68 -20.45 19.10
C LYS A 115 -34.64 -21.85 19.73
N GLN A 116 -33.67 -22.66 19.35
CA GLN A 116 -33.55 -24.05 19.92
C GLN A 116 -34.88 -24.83 19.77
N VAL A 117 -35.60 -24.57 18.71
CA VAL A 117 -36.90 -25.30 18.48
C VAL A 117 -36.63 -26.68 17.88
N PHE A 118 -35.54 -26.84 17.17
CA PHE A 118 -35.20 -28.18 16.58
C PHE A 118 -33.78 -28.60 17.01
N ALA A 119 -33.52 -29.88 17.06
CA ALA A 119 -32.17 -30.36 17.44
C ALA A 119 -31.47 -30.98 16.23
N GLU A 120 -30.62 -30.24 15.56
CA GLU A 120 -29.91 -30.77 14.36
C GLU A 120 -28.39 -30.78 14.60
N PHE A 121 -27.71 -31.77 14.10
CA PHE A 121 -26.23 -31.85 14.27
C PHE A 121 -25.54 -31.96 12.91
N ARG A 122 -24.28 -31.61 12.83
CA ARG A 122 -23.55 -31.71 11.54
C ARG A 122 -22.44 -32.77 11.63
N GLU A 123 -22.41 -33.69 10.70
CA GLU A 123 -21.36 -34.76 10.73
C GLU A 123 -19.98 -34.15 10.42
N LYS A 124 -19.94 -33.16 9.57
CA LYS A 124 -18.64 -32.53 9.20
C LYS A 124 -18.65 -31.03 9.54
N ASP A 125 -17.59 -30.54 10.11
CA ASP A 125 -17.53 -29.09 10.47
C ASP A 125 -16.24 -28.46 9.93
N GLY A 1 2.63 25.03 0.52
CA GLY A 1 2.36 26.49 0.56
C GLY A 1 1.11 26.80 -0.28
N ALA A 2 1.29 27.53 -1.35
CA ALA A 2 0.11 27.89 -2.22
C ALA A 2 -0.43 26.63 -2.91
N MET A 3 0.45 25.71 -3.25
CA MET A 3 -0.01 24.45 -3.93
C MET A 3 -0.90 23.63 -3.01
N GLY A 4 -0.61 23.63 -1.73
CA GLY A 4 -1.44 22.85 -0.76
C GLY A 4 -1.10 21.36 -0.88
N MET A 5 -1.41 20.76 -2.01
CA MET A 5 -1.12 19.31 -2.20
C MET A 5 -0.07 19.13 -3.30
N SER A 6 0.66 18.04 -3.27
CA SER A 6 1.72 17.79 -4.31
C SER A 6 1.45 16.47 -5.02
N VAL A 7 1.88 16.36 -6.25
CA VAL A 7 1.66 15.08 -7.02
C VAL A 7 2.49 13.95 -6.40
N ALA A 8 3.62 14.27 -5.82
CA ALA A 8 4.50 13.20 -5.21
C ALA A 8 3.76 12.48 -4.08
N ASP A 9 2.86 13.17 -3.41
CA ASP A 9 2.08 12.50 -2.30
C ASP A 9 1.21 11.37 -2.86
N PHE A 10 0.64 11.56 -4.03
CA PHE A 10 -0.19 10.48 -4.64
C PHE A 10 0.69 9.32 -5.11
N TYR A 11 1.88 9.62 -5.56
CA TYR A 11 2.84 8.54 -5.97
C TYR A 11 3.27 7.74 -4.74
N GLY A 12 3.27 6.43 -4.85
CA GLY A 12 3.61 5.57 -3.67
C GLY A 12 2.41 5.44 -2.73
N SER A 13 1.26 5.96 -3.10
CA SER A 13 0.05 5.82 -2.24
C SER A 13 -0.69 4.52 -2.57
N ASN A 14 -1.25 3.87 -1.58
CA ASN A 14 -2.04 2.63 -1.84
C ASN A 14 -3.51 2.97 -2.06
N VAL A 15 -4.00 2.74 -3.26
CA VAL A 15 -5.43 3.03 -3.56
C VAL A 15 -6.06 1.82 -4.24
N GLU A 16 -7.37 1.73 -4.25
CA GLU A 16 -8.05 0.64 -5.01
C GLU A 16 -8.94 1.25 -6.10
N VAL A 17 -9.06 0.60 -7.22
CA VAL A 17 -9.94 1.11 -8.30
C VAL A 17 -10.82 -0.02 -8.83
N LEU A 18 -12.05 0.27 -9.18
CA LEU A 18 -12.84 -0.74 -9.95
C LEU A 18 -12.77 -0.41 -11.44
N LEU A 19 -12.57 -1.40 -12.26
CA LEU A 19 -12.52 -1.15 -13.72
C LEU A 19 -13.95 -1.12 -14.29
N ASN A 20 -14.08 -0.89 -15.57
CA ASN A 20 -15.44 -0.80 -16.21
C ASN A 20 -16.26 -2.08 -15.99
N ASN A 21 -15.60 -3.18 -15.73
CA ASN A 21 -16.34 -4.48 -15.59
C ASN A 21 -16.54 -4.85 -14.11
N ASP A 22 -16.55 -3.87 -13.22
CA ASP A 22 -16.84 -4.15 -11.77
C ASP A 22 -15.83 -5.16 -11.20
N SER A 23 -14.66 -5.25 -11.78
CA SER A 23 -13.57 -6.06 -11.15
C SER A 23 -12.68 -5.13 -10.33
N LYS A 24 -12.36 -5.50 -9.12
CA LYS A 24 -11.67 -4.55 -8.20
C LYS A 24 -10.22 -4.96 -7.97
N ALA A 25 -9.31 -4.02 -8.01
CA ALA A 25 -7.88 -4.32 -7.70
C ALA A 25 -7.25 -3.15 -6.93
N ARG A 26 -6.27 -3.43 -6.11
CA ARG A 26 -5.61 -2.34 -5.31
C ARG A 26 -4.09 -2.49 -5.35
N GLY A 27 -3.37 -1.44 -5.09
CA GLY A 27 -1.89 -1.52 -5.03
C GLY A 27 -1.30 -0.14 -4.74
N VAL A 28 0.01 -0.04 -4.71
CA VAL A 28 0.65 1.29 -4.46
C VAL A 28 1.04 1.93 -5.80
N ILE A 29 0.64 3.16 -6.01
CA ILE A 29 0.88 3.82 -7.34
C ILE A 29 2.39 4.03 -7.55
N THR A 30 2.88 3.76 -8.74
CA THR A 30 4.34 3.92 -9.01
C THR A 30 4.59 4.84 -10.21
N ASN A 31 3.75 4.79 -11.22
CA ASN A 31 4.05 5.58 -12.47
C ASN A 31 2.79 6.23 -13.03
N PHE A 32 2.94 7.34 -13.70
CA PHE A 32 1.78 7.99 -14.39
C PHE A 32 2.27 8.73 -15.64
N ASP A 33 1.57 8.58 -16.74
CA ASP A 33 1.99 9.22 -18.01
C ASP A 33 0.90 10.15 -18.54
N SER A 34 1.19 11.42 -18.65
CA SER A 34 0.16 12.39 -19.15
C SER A 34 -0.17 12.12 -20.62
N SER A 35 0.78 11.63 -21.38
CA SER A 35 0.55 11.43 -22.86
C SER A 35 -0.61 10.45 -23.11
N ASN A 36 -0.59 9.30 -22.47
CA ASN A 36 -1.68 8.31 -22.68
C ASN A 36 -2.35 7.93 -21.34
N SER A 37 -2.14 8.70 -20.30
CA SER A 37 -2.74 8.41 -18.96
C SER A 37 -2.57 6.92 -18.56
N ILE A 38 -1.35 6.51 -18.33
CA ILE A 38 -1.09 5.08 -17.97
C ILE A 38 -0.55 5.00 -16.54
N LEU A 39 -1.12 4.15 -15.72
CA LEU A 39 -0.74 4.11 -14.27
C LEU A 39 -0.25 2.70 -13.90
N GLN A 40 0.94 2.62 -13.35
CA GLN A 40 1.44 1.31 -12.82
C GLN A 40 1.17 1.21 -11.32
N LEU A 41 0.55 0.15 -10.90
CA LEU A 41 0.28 -0.04 -9.44
C LEU A 41 1.12 -1.20 -8.90
N ARG A 42 1.97 -0.91 -7.93
CA ARG A 42 2.81 -2.00 -7.33
C ARG A 42 2.21 -2.43 -5.99
N LEU A 43 1.86 -3.68 -5.87
CA LEU A 43 1.14 -4.14 -4.64
C LEU A 43 2.11 -4.88 -3.70
N ALA A 44 1.79 -4.89 -2.41
CA ALA A 44 2.76 -5.40 -1.38
C ALA A 44 2.95 -6.92 -1.48
N ASN A 45 2.28 -7.59 -2.39
CA ASN A 45 2.56 -9.04 -2.62
C ASN A 45 3.69 -9.23 -3.64
N ASP A 46 4.60 -8.27 -3.77
CA ASP A 46 5.74 -8.39 -4.74
C ASP A 46 5.21 -8.51 -6.17
N SER A 47 4.04 -7.95 -6.45
CA SER A 47 3.49 -8.01 -7.84
C SER A 47 3.24 -6.60 -8.37
N THR A 48 3.54 -6.36 -9.63
CA THR A 48 3.31 -5.01 -10.23
C THR A 48 2.52 -5.15 -11.53
N LYS A 49 1.66 -4.22 -11.82
CA LYS A 49 0.83 -4.31 -13.06
C LYS A 49 0.61 -2.92 -13.67
N SER A 50 0.74 -2.81 -14.97
CA SER A 50 0.49 -1.50 -15.64
C SER A 50 -0.94 -1.44 -16.18
N ILE A 51 -1.72 -0.50 -15.74
CA ILE A 51 -3.14 -0.40 -16.20
C ILE A 51 -3.42 1.03 -16.70
N VAL A 52 -3.99 1.14 -17.88
CA VAL A 52 -4.31 2.50 -18.42
C VAL A 52 -5.50 3.08 -17.65
N THR A 53 -5.43 4.33 -17.27
CA THR A 53 -6.47 4.91 -16.37
C THR A 53 -7.84 4.96 -17.08
N LYS A 54 -7.86 5.00 -18.39
CA LYS A 54 -9.16 5.14 -19.12
C LYS A 54 -10.11 4.00 -18.76
N ASP A 55 -9.59 2.86 -18.37
CA ASP A 55 -10.48 1.74 -17.92
C ASP A 55 -10.79 1.84 -16.42
N ILE A 56 -10.48 2.95 -15.78
CA ILE A 56 -10.92 3.14 -14.36
C ILE A 56 -12.41 3.52 -14.32
N LYS A 57 -13.23 2.65 -13.79
CA LYS A 57 -14.66 3.03 -13.57
C LYS A 57 -14.83 3.76 -12.23
N ASP A 58 -14.07 3.37 -11.23
CA ASP A 58 -14.24 4.00 -9.88
C ASP A 58 -12.93 3.95 -9.08
N LEU A 59 -12.70 4.96 -8.27
CA LEU A 59 -11.40 5.02 -7.51
C LEU A 59 -11.67 5.23 -6.01
N ARG A 60 -10.86 4.63 -5.17
CA ARG A 60 -10.93 4.93 -3.70
C ARG A 60 -9.53 4.82 -3.08
N ILE A 61 -9.32 5.43 -1.94
CA ILE A 61 -8.01 5.30 -1.25
C ILE A 61 -8.20 4.54 0.07
N LEU A 62 -7.40 3.52 0.31
CA LEU A 62 -7.61 2.68 1.53
C LEU A 62 -6.91 3.30 2.74
N PRO A 63 -7.54 3.26 3.90
CA PRO A 63 -6.95 3.87 5.11
C PRO A 63 -5.72 3.07 5.57
N LYS A 64 -5.75 1.78 5.40
CA LYS A 64 -4.60 0.90 5.83
C LYS A 64 -4.24 1.17 7.30
N ASN A 65 -5.23 1.52 8.10
CA ASN A 65 -4.95 1.80 9.55
C ASN A 65 -5.81 0.89 10.44
N GLU A 66 -5.19 0.06 11.23
CA GLU A 66 -5.96 -0.84 12.14
C GLU A 66 -5.06 -1.36 13.28
N ILE A 67 -4.12 -0.55 13.71
CA ILE A 67 -3.18 -1.00 14.79
C ILE A 67 -3.95 -1.14 16.12
N MET A 68 -4.90 -0.27 16.36
CA MET A 68 -5.67 -0.32 17.64
C MET A 68 -7.15 -0.65 17.35
N PRO A 69 -7.83 -1.21 18.34
CA PRO A 69 -9.26 -1.57 18.16
C PRO A 69 -10.11 -0.30 18.07
N LYS A 70 -11.34 -0.43 17.62
CA LYS A 70 -12.26 0.75 17.51
C LYS A 70 -11.61 1.89 16.71
N ASN A 71 -11.88 1.95 15.43
CA ASN A 71 -11.29 3.04 14.58
C ASN A 71 -12.30 4.16 14.38
N GLY A 72 -11.93 5.37 14.72
CA GLY A 72 -12.88 6.52 14.57
C GLY A 72 -12.13 7.70 13.93
N THR A 73 -10.97 8.03 14.43
CA THR A 73 -10.18 9.16 13.86
C THR A 73 -8.91 8.64 13.18
N LYS A 74 -8.55 9.22 12.06
CA LYS A 74 -7.33 8.75 11.32
C LYS A 74 -6.07 8.99 12.17
N SER A 75 -6.03 10.10 12.88
CA SER A 75 -4.84 10.40 13.73
C SER A 75 -5.21 11.39 14.84
N PRO A 76 -5.62 10.87 15.99
CA PRO A 76 -5.99 11.74 17.13
C PRO A 76 -4.78 12.55 17.61
N SER A 77 -4.64 13.77 17.13
CA SER A 77 -3.48 14.62 17.53
C SER A 77 -3.97 15.97 18.04
N THR A 78 -3.21 16.58 18.93
CA THR A 78 -3.62 17.92 19.47
C THR A 78 -2.78 19.03 18.82
N ASN A 79 -3.25 20.26 18.90
CA ASN A 79 -2.50 21.39 18.28
C ASN A 79 -1.70 22.15 19.34
N SER A 80 -1.28 21.48 20.38
CA SER A 80 -0.51 22.16 21.46
C SER A 80 0.73 21.33 21.84
N THR A 81 1.31 20.65 20.88
CA THR A 81 2.51 19.81 21.17
C THR A 81 3.68 20.26 20.28
N LYS A 82 4.88 20.30 20.84
CA LYS A 82 6.07 20.70 20.04
C LYS A 82 6.76 19.46 19.46
N LEU A 83 7.14 19.51 18.21
CA LEU A 83 7.81 18.33 17.57
C LEU A 83 9.33 18.49 17.68
N LYS A 84 9.94 17.79 18.61
CA LYS A 84 11.43 17.87 18.76
C LYS A 84 12.13 17.29 17.54
N SER A 85 11.54 16.28 16.94
CA SER A 85 12.17 15.64 15.72
C SER A 85 12.24 16.64 14.56
N ALA A 86 11.26 17.51 14.46
CA ALA A 86 11.25 18.52 13.35
C ALA A 86 12.39 19.53 13.53
N GLU A 87 12.71 19.85 14.77
CA GLU A 87 13.81 20.84 15.03
C GLU A 87 15.16 20.27 14.60
N THR A 88 15.34 18.97 14.73
CA THR A 88 16.65 18.34 14.35
C THR A 88 16.62 17.90 12.89
N TYR A 89 17.66 18.21 12.14
CA TYR A 89 17.70 17.82 10.70
C TYR A 89 17.84 16.31 10.55
N SER A 90 18.53 15.67 11.47
CA SER A 90 18.71 14.18 11.39
C SER A 90 17.36 13.46 11.55
N SER A 91 17.26 12.27 11.02
CA SER A 91 15.97 11.51 11.12
C SER A 91 16.26 10.06 11.56
N LYS A 92 15.36 9.48 12.32
CA LYS A 92 15.57 8.08 12.80
C LYS A 92 14.96 7.08 11.79
N ASN A 93 13.65 7.03 11.71
CA ASN A 93 12.98 6.09 10.76
C ASN A 93 11.87 6.79 9.98
N LYS A 94 12.01 8.08 9.77
CA LYS A 94 10.96 8.84 9.02
C LYS A 94 11.43 9.13 7.60
N TRP A 95 12.69 9.47 7.43
CA TRP A 95 13.23 9.77 6.07
C TRP A 95 14.28 8.72 5.68
N SER A 96 14.53 8.57 4.40
CA SER A 96 15.54 7.56 3.94
C SER A 96 16.87 8.25 3.66
N MET A 97 17.97 7.54 3.80
CA MET A 97 19.31 8.15 3.55
C MET A 97 19.46 8.56 2.09
N ASP A 98 18.89 7.80 1.19
CA ASP A 98 18.99 8.14 -0.26
C ASP A 98 17.86 9.09 -0.67
N CYS A 99 18.19 10.15 -1.38
CA CYS A 99 17.14 11.12 -1.81
C CYS A 99 17.64 11.94 -3.01
N ASP A 100 18.72 12.66 -2.83
CA ASP A 100 19.27 13.48 -3.95
C ASP A 100 20.79 13.46 -3.92
N GLU A 101 21.39 13.79 -2.80
CA GLU A 101 22.88 13.79 -2.70
C GLU A 101 23.35 12.62 -1.83
N GLU A 102 24.49 12.06 -2.14
CA GLU A 102 25.01 10.90 -1.34
C GLU A 102 25.97 11.41 -0.26
N PHE A 103 25.93 10.82 0.91
CA PHE A 103 26.83 11.25 2.01
C PHE A 103 28.03 10.30 2.12
N ASP A 104 29.14 10.79 2.61
CA ASP A 104 30.37 9.93 2.70
C ASP A 104 30.13 8.73 3.61
N PHE A 105 29.36 8.90 4.65
CA PHE A 105 29.06 7.77 5.58
C PHE A 105 27.68 7.17 5.27
N ALA A 106 27.60 5.88 5.09
CA ALA A 106 26.29 5.23 4.79
C ALA A 106 25.84 4.36 5.97
N ALA A 107 26.78 3.74 6.64
CA ALA A 107 26.44 2.84 7.81
C ALA A 107 25.39 1.80 7.41
N ASN A 108 25.36 1.41 6.15
CA ASN A 108 24.37 0.39 5.68
C ASN A 108 25.09 -0.87 5.23
N LEU A 109 24.43 -2.01 5.29
CA LEU A 109 25.08 -3.29 4.87
C LEU A 109 25.37 -3.26 3.36
N GLU A 110 24.46 -2.71 2.59
CA GLU A 110 24.66 -2.64 1.10
C GLU A 110 25.01 -4.01 0.50
N LYS A 111 25.33 -4.06 -0.76
CA LYS A 111 25.70 -5.35 -1.41
C LYS A 111 27.08 -5.25 -2.04
N PHE A 112 27.95 -6.20 -1.76
CA PHE A 112 29.33 -6.17 -2.34
C PHE A 112 29.60 -7.48 -3.10
N ASP A 113 30.50 -7.44 -4.05
CA ASP A 113 30.83 -8.68 -4.83
C ASP A 113 32.08 -9.34 -4.24
N LYS A 114 32.26 -10.61 -4.49
CA LYS A 114 33.45 -11.33 -3.95
C LYS A 114 34.65 -11.14 -4.88
N LYS A 115 35.84 -11.09 -4.33
CA LYS A 115 37.06 -10.90 -5.18
C LYS A 115 37.58 -12.26 -5.68
N GLN A 116 37.39 -13.30 -4.90
CA GLN A 116 37.93 -14.65 -5.29
C GLN A 116 37.30 -15.14 -6.59
N VAL A 117 36.05 -14.79 -6.84
CA VAL A 117 35.36 -15.27 -8.07
C VAL A 117 36.01 -14.69 -9.33
N PHE A 118 36.54 -13.49 -9.25
CA PHE A 118 37.18 -12.86 -10.45
C PHE A 118 38.46 -13.60 -10.82
N ALA A 119 39.25 -13.97 -9.84
CA ALA A 119 40.53 -14.69 -10.13
C ALA A 119 40.38 -16.18 -9.83
N GLU A 120 40.76 -17.03 -10.76
CA GLU A 120 40.67 -18.51 -10.54
C GLU A 120 41.65 -18.94 -9.45
N PHE A 121 42.78 -18.28 -9.35
CA PHE A 121 43.80 -18.65 -8.32
C PHE A 121 43.73 -17.67 -7.14
N ARG A 122 43.77 -18.17 -5.94
CA ARG A 122 43.72 -17.28 -4.74
C ARG A 122 45.13 -17.03 -4.20
N GLU A 123 45.45 -15.78 -3.92
CA GLU A 123 46.81 -15.45 -3.39
C GLU A 123 46.69 -14.92 -1.96
N LYS A 124 47.53 -15.37 -1.07
CA LYS A 124 47.47 -14.90 0.35
C LYS A 124 47.80 -13.40 0.44
N ASP A 125 48.76 -12.95 -0.34
CA ASP A 125 49.16 -11.50 -0.34
C ASP A 125 49.48 -11.02 1.08
N GLY A 1 -3.11 25.93 -12.95
CA GLY A 1 -2.40 24.66 -12.61
C GLY A 1 -1.42 24.92 -11.47
N ALA A 2 -0.42 25.74 -11.69
CA ALA A 2 0.60 26.05 -10.62
C ALA A 2 1.18 24.77 -10.03
N MET A 3 2.02 24.90 -9.03
CA MET A 3 2.64 23.70 -8.39
C MET A 3 2.01 23.44 -7.02
N GLY A 4 0.76 23.75 -6.86
CA GLY A 4 0.08 23.54 -5.54
C GLY A 4 -0.01 22.05 -5.24
N MET A 5 -0.21 21.24 -6.26
CA MET A 5 -0.30 19.76 -6.04
C MET A 5 0.95 19.07 -6.62
N SER A 6 1.44 18.06 -5.95
CA SER A 6 2.67 17.35 -6.43
C SER A 6 2.35 15.89 -6.74
N VAL A 7 2.99 15.34 -7.75
CA VAL A 7 2.75 13.89 -8.11
C VAL A 7 3.28 12.98 -7.00
N ALA A 8 4.30 13.41 -6.29
CA ALA A 8 4.91 12.54 -5.23
C ALA A 8 3.88 12.21 -4.15
N ASP A 9 2.93 13.09 -3.92
CA ASP A 9 1.87 12.82 -2.88
C ASP A 9 1.02 11.60 -3.30
N PHE A 10 0.71 11.49 -4.56
CA PHE A 10 -0.10 10.33 -5.04
C PHE A 10 0.83 9.12 -5.30
N TYR A 11 2.06 9.36 -5.69
CA TYR A 11 3.01 8.23 -5.93
C TYR A 11 3.33 7.52 -4.62
N GLY A 12 3.30 6.20 -4.63
CA GLY A 12 3.56 5.43 -3.38
C GLY A 12 2.29 5.36 -2.51
N SER A 13 1.17 5.87 -3.00
CA SER A 13 -0.08 5.82 -2.20
C SER A 13 -0.83 4.51 -2.46
N ASN A 14 -1.47 3.96 -1.45
CA ASN A 14 -2.25 2.70 -1.65
C ASN A 14 -3.71 3.04 -1.95
N VAL A 15 -4.17 2.72 -3.12
CA VAL A 15 -5.58 3.01 -3.50
C VAL A 15 -6.23 1.76 -4.11
N GLU A 16 -7.53 1.71 -4.17
CA GLU A 16 -8.19 0.66 -5.02
C GLU A 16 -9.02 1.33 -6.12
N VAL A 17 -9.01 0.76 -7.29
CA VAL A 17 -9.86 1.31 -8.40
C VAL A 17 -10.67 0.17 -9.02
N LEU A 18 -11.95 0.38 -9.24
CA LEU A 18 -12.74 -0.66 -9.96
C LEU A 18 -12.69 -0.39 -11.46
N LEU A 19 -12.48 -1.42 -12.25
CA LEU A 19 -12.48 -1.23 -13.73
C LEU A 19 -13.91 -1.26 -14.26
N ASN A 20 -14.09 -1.04 -15.55
CA ASN A 20 -15.45 -0.97 -16.15
C ASN A 20 -16.24 -2.28 -15.91
N ASN A 21 -15.55 -3.37 -15.67
CA ASN A 21 -16.25 -4.68 -15.54
C ASN A 21 -16.44 -5.07 -14.06
N ASP A 22 -16.49 -4.10 -13.16
CA ASP A 22 -16.84 -4.39 -11.72
C ASP A 22 -15.87 -5.39 -11.11
N SER A 23 -14.66 -5.46 -11.61
CA SER A 23 -13.59 -6.22 -10.91
C SER A 23 -12.71 -5.22 -10.15
N LYS A 24 -12.42 -5.50 -8.90
CA LYS A 24 -11.73 -4.49 -8.04
C LYS A 24 -10.29 -4.92 -7.76
N ALA A 25 -9.36 -3.99 -7.78
CA ALA A 25 -7.95 -4.31 -7.43
C ALA A 25 -7.33 -3.15 -6.64
N ARG A 26 -6.47 -3.46 -5.69
CA ARG A 26 -5.85 -2.38 -4.86
C ARG A 26 -4.33 -2.58 -4.79
N GLY A 27 -3.58 -1.51 -4.65
CA GLY A 27 -2.10 -1.63 -4.57
C GLY A 27 -1.47 -0.24 -4.44
N VAL A 28 -0.16 -0.16 -4.51
CA VAL A 28 0.52 1.16 -4.35
C VAL A 28 0.79 1.78 -5.73
N ILE A 29 0.44 3.02 -5.91
CA ILE A 29 0.67 3.69 -7.23
C ILE A 29 2.16 3.99 -7.42
N THR A 30 2.66 3.81 -8.62
CA THR A 30 4.12 4.07 -8.88
C THR A 30 4.31 5.06 -10.04
N ASN A 31 3.48 4.99 -11.06
CA ASN A 31 3.75 5.83 -12.27
C ASN A 31 2.45 6.47 -12.79
N PHE A 32 2.56 7.64 -13.36
CA PHE A 32 1.39 8.28 -14.04
C PHE A 32 1.88 9.15 -15.19
N ASP A 33 1.35 8.96 -16.37
CA ASP A 33 1.86 9.70 -17.56
C ASP A 33 0.73 10.50 -18.20
N SER A 34 0.93 11.78 -18.41
CA SER A 34 -0.16 12.64 -18.98
C SER A 34 -0.31 12.38 -20.49
N SER A 35 0.76 12.06 -21.17
CA SER A 35 0.70 11.90 -22.66
C SER A 35 -0.23 10.73 -23.03
N ASN A 36 -0.21 9.67 -22.26
CA ASN A 36 -1.08 8.50 -22.57
C ASN A 36 -1.99 8.14 -21.38
N SER A 37 -1.89 8.87 -20.28
CA SER A 37 -2.71 8.56 -19.06
C SER A 37 -2.57 7.07 -18.66
N ILE A 38 -1.38 6.68 -18.25
CA ILE A 38 -1.17 5.25 -17.86
C ILE A 38 -0.72 5.18 -16.39
N LEU A 39 -1.24 4.23 -15.65
CA LEU A 39 -0.92 4.15 -14.20
C LEU A 39 -0.38 2.75 -13.85
N GLN A 40 0.78 2.70 -13.24
CA GLN A 40 1.32 1.39 -12.77
C GLN A 40 1.10 1.25 -11.26
N LEU A 41 0.54 0.14 -10.85
CA LEU A 41 0.32 -0.11 -9.39
C LEU A 41 1.24 -1.23 -8.92
N ARG A 42 2.10 -0.95 -7.97
CA ARG A 42 2.96 -2.02 -7.39
C ARG A 42 2.33 -2.55 -6.09
N LEU A 43 2.11 -3.83 -6.01
CA LEU A 43 1.39 -4.42 -4.83
C LEU A 43 2.38 -5.06 -3.85
N ALA A 44 2.05 -5.03 -2.58
CA ALA A 44 3.01 -5.50 -1.52
C ALA A 44 3.30 -7.01 -1.67
N ASN A 45 2.58 -7.72 -2.51
CA ASN A 45 2.88 -9.17 -2.73
C ASN A 45 3.96 -9.34 -3.82
N ASP A 46 4.87 -8.40 -3.97
CA ASP A 46 5.98 -8.53 -4.97
C ASP A 46 5.41 -8.65 -6.39
N SER A 47 4.24 -8.09 -6.64
CA SER A 47 3.64 -8.15 -8.01
C SER A 47 3.43 -6.73 -8.54
N THR A 48 3.65 -6.53 -9.82
CA THR A 48 3.47 -5.17 -10.43
C THR A 48 2.56 -5.27 -11.66
N LYS A 49 1.75 -4.27 -11.88
CA LYS A 49 0.80 -4.30 -13.03
C LYS A 49 0.64 -2.90 -13.63
N SER A 50 0.73 -2.79 -14.93
CA SER A 50 0.52 -1.47 -15.60
C SER A 50 -0.87 -1.42 -16.23
N ILE A 51 -1.68 -0.46 -15.81
CA ILE A 51 -3.07 -0.37 -16.35
C ILE A 51 -3.34 1.06 -16.83
N VAL A 52 -3.96 1.21 -17.97
CA VAL A 52 -4.28 2.58 -18.47
C VAL A 52 -5.50 3.12 -17.73
N THR A 53 -5.46 4.36 -17.32
CA THR A 53 -6.55 4.91 -16.43
C THR A 53 -7.90 4.91 -17.15
N LYS A 54 -7.90 4.95 -18.46
CA LYS A 54 -9.20 5.07 -19.21
C LYS A 54 -10.13 3.91 -18.86
N ASP A 55 -9.60 2.79 -18.44
CA ASP A 55 -10.47 1.66 -17.99
C ASP A 55 -10.83 1.78 -16.50
N ILE A 56 -10.53 2.90 -15.86
CA ILE A 56 -10.97 3.11 -14.45
C ILE A 56 -12.47 3.43 -14.42
N LYS A 57 -13.26 2.55 -13.87
CA LYS A 57 -14.70 2.87 -13.62
C LYS A 57 -14.84 3.69 -12.33
N ASP A 58 -14.09 3.35 -11.31
CA ASP A 58 -14.27 4.02 -9.98
C ASP A 58 -12.97 4.00 -9.18
N LEU A 59 -12.70 5.06 -8.45
CA LEU A 59 -11.43 5.14 -7.66
C LEU A 59 -11.71 5.34 -6.17
N ARG A 60 -10.91 4.75 -5.32
CA ARG A 60 -11.00 5.09 -3.86
C ARG A 60 -9.60 5.00 -3.23
N ILE A 61 -9.39 5.72 -2.15
CA ILE A 61 -8.07 5.62 -1.43
C ILE A 61 -8.30 5.03 -0.03
N LEU A 62 -7.55 4.03 0.34
CA LEU A 62 -7.74 3.38 1.68
C LEU A 62 -7.08 4.23 2.77
N PRO A 63 -7.66 4.21 3.97
CA PRO A 63 -7.07 4.99 5.09
C PRO A 63 -5.76 4.34 5.56
N LYS A 64 -5.80 3.07 5.88
CA LYS A 64 -4.57 2.36 6.34
C LYS A 64 -4.47 0.99 5.66
N ASN A 65 -3.27 0.47 5.53
CA ASN A 65 -3.10 -0.88 4.88
C ASN A 65 -3.01 -1.97 5.95
N GLU A 66 -3.96 -2.89 5.95
CA GLU A 66 -3.94 -3.99 6.95
C GLU A 66 -3.37 -5.27 6.34
N ILE A 67 -2.48 -5.92 7.04
CA ILE A 67 -1.86 -7.19 6.52
C ILE A 67 -2.16 -8.35 7.49
N MET A 68 -2.50 -9.50 6.96
CA MET A 68 -2.79 -10.67 7.85
C MET A 68 -1.48 -11.40 8.19
N PRO A 69 -1.51 -12.18 9.26
CA PRO A 69 -0.30 -12.92 9.69
C PRO A 69 0.07 -13.99 8.66
N LYS A 70 1.15 -13.80 7.95
CA LYS A 70 1.60 -14.80 6.94
C LYS A 70 3.09 -15.06 7.07
N ASN A 71 3.53 -16.25 6.72
CA ASN A 71 4.99 -16.58 6.80
C ASN A 71 5.70 -16.17 5.50
N GLY A 72 6.99 -15.98 5.56
CA GLY A 72 7.75 -15.57 4.34
C GLY A 72 8.02 -14.06 4.37
N THR A 73 7.15 -13.30 5.00
CA THR A 73 7.33 -11.81 5.05
C THR A 73 8.63 -11.46 5.79
N LYS A 74 8.98 -12.24 6.78
CA LYS A 74 10.23 -11.96 7.55
C LYS A 74 11.46 -12.54 6.81
N SER A 75 12.48 -11.74 6.63
CA SER A 75 13.69 -12.22 5.90
C SER A 75 14.68 -12.91 6.87
N PRO A 76 15.00 -12.26 7.98
CA PRO A 76 15.96 -12.86 8.94
C PRO A 76 15.44 -14.20 9.47
N SER A 77 14.14 -14.37 9.55
CA SER A 77 13.57 -15.64 10.10
C SER A 77 13.93 -16.84 9.20
N THR A 78 14.02 -16.61 7.91
CA THR A 78 14.33 -17.73 6.97
C THR A 78 15.61 -17.42 6.19
N ASN A 79 16.14 -18.40 5.49
CA ASN A 79 17.39 -18.16 4.69
C ASN A 79 17.04 -18.03 3.21
N SER A 80 17.22 -16.85 2.66
CA SER A 80 16.90 -16.63 1.21
C SER A 80 17.90 -15.64 0.60
N THR A 81 18.06 -15.69 -0.70
CA THR A 81 19.02 -14.76 -1.38
C THR A 81 18.29 -13.86 -2.39
N LYS A 82 17.04 -13.57 -2.13
CA LYS A 82 16.26 -12.71 -3.07
C LYS A 82 16.17 -11.27 -2.53
N LEU A 83 16.76 -10.33 -3.22
CA LEU A 83 16.75 -8.91 -2.75
C LEU A 83 15.38 -8.27 -2.99
N LYS A 84 14.70 -8.67 -4.03
CA LYS A 84 13.37 -8.05 -4.37
C LYS A 84 12.36 -8.29 -3.24
N SER A 85 12.41 -9.45 -2.62
CA SER A 85 11.47 -9.74 -1.49
C SER A 85 11.81 -8.86 -0.28
N ALA A 86 13.07 -8.54 -0.10
CA ALA A 86 13.46 -7.68 1.07
C ALA A 86 12.93 -6.26 0.89
N GLU A 87 12.85 -5.79 -0.34
CA GLU A 87 12.38 -4.39 -0.63
C GLU A 87 13.23 -3.35 0.10
N THR A 88 12.97 -3.10 1.37
CA THR A 88 13.77 -2.09 2.13
C THR A 88 15.08 -2.72 2.62
N TYR A 89 16.18 -2.05 2.43
CA TYR A 89 17.50 -2.60 2.92
C TYR A 89 17.52 -2.66 4.45
N SER A 90 16.98 -1.64 5.10
CA SER A 90 16.93 -1.64 6.58
C SER A 90 15.67 -0.94 7.07
N SER A 91 15.58 0.35 6.87
CA SER A 91 14.36 1.11 7.29
C SER A 91 14.27 2.44 6.55
N LYS A 92 13.09 3.01 6.46
CA LYS A 92 12.91 4.35 5.78
C LYS A 92 13.53 4.35 4.37
N ASN A 93 12.74 4.04 3.37
CA ASN A 93 13.25 4.03 1.97
C ASN A 93 13.68 5.44 1.54
N LYS A 94 12.97 6.45 2.01
CA LYS A 94 13.32 7.85 1.62
C LYS A 94 14.02 8.55 2.79
N TRP A 95 14.92 9.46 2.50
CA TRP A 95 15.65 10.19 3.58
C TRP A 95 14.67 11.09 4.35
N SER A 96 13.79 11.77 3.65
CA SER A 96 12.79 12.65 4.33
C SER A 96 11.62 12.95 3.38
N MET A 97 11.88 13.65 2.30
CA MET A 97 10.79 13.98 1.33
C MET A 97 11.37 14.20 -0.06
N ASP A 98 10.80 13.57 -1.07
CA ASP A 98 11.30 13.76 -2.46
C ASP A 98 10.48 14.84 -3.18
N CYS A 99 11.14 15.76 -3.84
CA CYS A 99 10.41 16.85 -4.56
C CYS A 99 11.31 17.46 -5.63
N ASP A 100 12.54 17.78 -5.28
CA ASP A 100 13.47 18.40 -6.27
C ASP A 100 13.80 17.41 -7.39
N GLU A 101 13.94 16.15 -7.07
CA GLU A 101 14.26 15.12 -8.11
C GLU A 101 13.14 14.08 -8.19
N GLU A 102 12.84 13.60 -9.37
CA GLU A 102 11.74 12.59 -9.52
C GLU A 102 12.16 11.25 -8.89
N PHE A 103 13.39 10.84 -9.10
CA PHE A 103 13.87 9.55 -8.53
C PHE A 103 14.98 9.81 -7.51
N ASP A 104 14.87 9.23 -6.33
CA ASP A 104 15.92 9.42 -5.28
C ASP A 104 17.21 8.72 -5.71
N PHE A 105 17.11 7.58 -6.36
CA PHE A 105 18.34 6.83 -6.77
C PHE A 105 19.11 7.61 -7.84
N ALA A 106 18.42 8.21 -8.77
CA ALA A 106 19.10 8.96 -9.87
C ALA A 106 19.02 10.46 -9.62
N ALA A 107 20.07 11.19 -9.91
CA ALA A 107 20.06 12.66 -9.70
C ALA A 107 21.03 13.34 -10.69
N ASN A 108 20.53 14.28 -11.47
CA ASN A 108 21.40 14.99 -12.45
C ASN A 108 22.47 15.82 -11.72
N LEU A 109 22.10 16.41 -10.60
CA LEU A 109 23.07 17.23 -9.81
C LEU A 109 23.46 16.48 -8.53
N GLU A 110 24.74 16.38 -8.25
CA GLU A 110 25.19 15.68 -7.01
C GLU A 110 25.42 16.69 -5.88
N LYS A 111 24.96 16.38 -4.70
CA LYS A 111 25.15 17.31 -3.54
C LYS A 111 26.26 16.82 -2.61
N PHE A 112 27.24 16.11 -3.16
CA PHE A 112 28.37 15.57 -2.33
C PHE A 112 27.83 14.76 -1.13
N ASP A 113 27.62 13.48 -1.31
CA ASP A 113 27.10 12.63 -0.19
C ASP A 113 27.91 11.34 -0.08
N LYS A 114 29.18 11.38 -0.42
CA LYS A 114 30.04 10.17 -0.33
C LYS A 114 31.40 10.52 0.26
N LYS A 115 31.64 10.15 1.50
CA LYS A 115 32.95 10.45 2.14
C LYS A 115 33.41 9.27 2.99
N GLN A 116 34.62 8.80 2.78
CA GLN A 116 35.14 7.65 3.59
C GLN A 116 36.19 8.15 4.59
N VAL A 117 35.89 8.04 5.86
CA VAL A 117 36.85 8.52 6.91
C VAL A 117 37.07 7.43 7.96
N PHE A 118 38.29 7.27 8.41
CA PHE A 118 38.60 6.23 9.45
C PHE A 118 39.05 6.91 10.74
N ALA A 119 38.83 6.27 11.87
CA ALA A 119 39.25 6.87 13.17
C ALA A 119 40.63 6.35 13.58
N GLU A 120 41.54 7.24 13.91
CA GLU A 120 42.91 6.81 14.31
C GLU A 120 43.15 7.12 15.78
N PHE A 121 43.66 6.17 16.53
CA PHE A 121 43.92 6.39 17.98
C PHE A 121 45.36 6.02 18.34
N ARG A 122 46.28 6.20 17.42
CA ARG A 122 47.71 5.84 17.68
C ARG A 122 48.28 6.72 18.80
N GLU A 123 47.90 7.98 18.84
CA GLU A 123 48.40 8.90 19.90
C GLU A 123 47.30 9.22 20.91
N LYS A 124 47.66 9.51 22.13
CA LYS A 124 46.64 9.83 23.18
C LYS A 124 46.46 11.35 23.29
N ASP A 125 45.25 11.79 23.56
CA ASP A 125 45.00 13.26 23.69
C ASP A 125 43.70 13.50 24.48
N GLY A 1 0.88 22.63 2.11
CA GLY A 1 -0.36 23.35 1.65
C GLY A 1 -1.32 22.34 1.03
N ALA A 2 -2.46 22.13 1.66
CA ALA A 2 -3.46 21.16 1.10
C ALA A 2 -4.04 21.69 -0.21
N MET A 3 -4.12 22.99 -0.37
CA MET A 3 -4.69 23.58 -1.62
C MET A 3 -3.85 23.18 -2.84
N GLY A 4 -2.56 23.08 -2.67
CA GLY A 4 -1.68 22.66 -3.80
C GLY A 4 -1.51 21.15 -3.79
N MET A 5 -1.47 20.54 -4.97
CA MET A 5 -1.31 19.05 -5.04
C MET A 5 -0.07 18.71 -5.87
N SER A 6 0.61 17.64 -5.52
CA SER A 6 1.83 17.23 -6.29
C SER A 6 1.71 15.76 -6.71
N VAL A 7 2.34 15.39 -7.79
CA VAL A 7 2.28 13.98 -8.27
C VAL A 7 2.99 13.05 -7.27
N ALA A 8 4.01 13.55 -6.61
CA ALA A 8 4.77 12.70 -5.63
C ALA A 8 3.86 12.24 -4.49
N ASP A 9 2.86 13.03 -4.14
CA ASP A 9 1.93 12.63 -3.05
C ASP A 9 1.13 11.38 -3.44
N PHE A 10 0.71 11.30 -4.69
CA PHE A 10 -0.04 10.10 -5.15
C PHE A 10 0.91 8.92 -5.39
N TYR A 11 2.13 9.21 -5.77
CA TYR A 11 3.14 8.12 -5.99
C TYR A 11 3.47 7.45 -4.65
N GLY A 12 3.43 6.14 -4.61
CA GLY A 12 3.69 5.41 -3.33
C GLY A 12 2.40 5.31 -2.49
N SER A 13 1.31 5.88 -2.95
CA SER A 13 0.03 5.83 -2.17
C SER A 13 -0.74 4.55 -2.51
N ASN A 14 -1.37 3.94 -1.52
CA ASN A 14 -2.16 2.71 -1.79
C ASN A 14 -3.62 3.08 -2.05
N VAL A 15 -4.10 2.83 -3.24
CA VAL A 15 -5.52 3.15 -3.58
C VAL A 15 -6.18 1.92 -4.22
N GLU A 16 -7.49 1.86 -4.24
CA GLU A 16 -8.18 0.77 -4.98
C GLU A 16 -9.04 1.36 -6.09
N VAL A 17 -9.17 0.67 -7.19
CA VAL A 17 -9.99 1.18 -8.32
C VAL A 17 -10.88 0.06 -8.85
N LEU A 18 -12.10 0.38 -9.24
CA LEU A 18 -12.91 -0.62 -10.01
C LEU A 18 -12.71 -0.39 -11.49
N LEU A 19 -12.53 -1.45 -12.24
CA LEU A 19 -12.45 -1.31 -13.72
C LEU A 19 -13.85 -1.38 -14.33
N ASN A 20 -13.96 -1.14 -15.61
CA ASN A 20 -15.31 -1.10 -16.27
C ASN A 20 -16.08 -2.42 -16.11
N ASN A 21 -15.42 -3.48 -15.72
CA ASN A 21 -16.12 -4.79 -15.53
C ASN A 21 -16.50 -4.99 -14.04
N ASP A 22 -16.62 -3.92 -13.27
CA ASP A 22 -17.10 -4.03 -11.86
C ASP A 22 -16.18 -4.97 -11.04
N SER A 23 -14.94 -5.11 -11.45
CA SER A 23 -13.96 -5.85 -10.61
C SER A 23 -13.05 -4.85 -9.90
N LYS A 24 -12.62 -5.15 -8.70
CA LYS A 24 -11.84 -4.15 -7.91
C LYS A 24 -10.37 -4.60 -7.77
N ALA A 25 -9.46 -3.66 -7.83
CA ALA A 25 -8.02 -3.99 -7.60
C ALA A 25 -7.37 -2.90 -6.74
N ARG A 26 -6.48 -3.28 -5.85
CA ARG A 26 -5.86 -2.27 -4.93
C ARG A 26 -4.36 -2.51 -4.79
N GLY A 27 -3.59 -1.46 -4.68
CA GLY A 27 -2.11 -1.61 -4.53
C GLY A 27 -1.47 -0.22 -4.44
N VAL A 28 -0.16 -0.16 -4.42
CA VAL A 28 0.54 1.16 -4.29
C VAL A 28 0.78 1.76 -5.68
N ILE A 29 0.65 3.05 -5.81
CA ILE A 29 0.85 3.71 -7.15
C ILE A 29 2.34 3.95 -7.40
N THR A 30 2.79 3.72 -8.62
CA THR A 30 4.24 3.94 -8.92
C THR A 30 4.42 4.90 -10.10
N ASN A 31 3.55 4.85 -11.10
CA ASN A 31 3.79 5.66 -12.33
C ASN A 31 2.50 6.35 -12.79
N PHE A 32 2.62 7.54 -13.34
CA PHE A 32 1.45 8.22 -13.96
C PHE A 32 1.92 9.10 -15.12
N ASP A 33 1.31 8.95 -16.27
CA ASP A 33 1.76 9.71 -17.48
C ASP A 33 0.60 10.54 -18.02
N SER A 34 0.77 11.84 -18.06
CA SER A 34 -0.34 12.74 -18.54
C SER A 34 -0.60 12.53 -20.04
N SER A 35 0.43 12.19 -20.80
CA SER A 35 0.26 12.06 -22.29
C SER A 35 -0.77 10.99 -22.64
N ASN A 36 -0.60 9.79 -22.12
CA ASN A 36 -1.58 8.69 -22.42
C ASN A 36 -2.34 8.26 -21.15
N SER A 37 -2.16 8.95 -20.04
CA SER A 37 -2.85 8.58 -18.76
C SER A 37 -2.62 7.10 -18.43
N ILE A 38 -1.41 6.72 -18.13
CA ILE A 38 -1.10 5.29 -17.82
C ILE A 38 -0.66 5.17 -16.36
N LEU A 39 -1.17 4.18 -15.65
CA LEU A 39 -0.88 4.07 -14.19
C LEU A 39 -0.34 2.67 -13.87
N GLN A 40 0.81 2.61 -13.25
CA GLN A 40 1.34 1.30 -12.77
C GLN A 40 1.12 1.16 -11.27
N LEU A 41 0.55 0.06 -10.85
CA LEU A 41 0.33 -0.17 -9.38
C LEU A 41 1.25 -1.28 -8.88
N ARG A 42 2.08 -1.00 -7.91
CA ARG A 42 2.94 -2.05 -7.31
C ARG A 42 2.30 -2.58 -6.02
N LEU A 43 2.06 -3.87 -5.95
CA LEU A 43 1.32 -4.44 -4.79
C LEU A 43 2.29 -5.09 -3.78
N ALA A 44 1.93 -5.09 -2.52
CA ALA A 44 2.86 -5.57 -1.45
C ALA A 44 3.17 -7.08 -1.61
N ASN A 45 2.49 -7.77 -2.48
CA ASN A 45 2.82 -9.21 -2.75
C ASN A 45 3.94 -9.34 -3.81
N ASP A 46 4.86 -8.36 -3.89
CA ASP A 46 6.00 -8.45 -4.85
C ASP A 46 5.48 -8.59 -6.28
N SER A 47 4.32 -8.05 -6.57
CA SER A 47 3.79 -8.10 -7.97
C SER A 47 3.53 -6.68 -8.49
N THR A 48 3.82 -6.44 -9.75
CA THR A 48 3.59 -5.09 -10.33
C THR A 48 2.76 -5.19 -11.62
N LYS A 49 1.90 -4.23 -11.86
CA LYS A 49 1.04 -4.29 -13.08
C LYS A 49 0.87 -2.89 -13.68
N SER A 50 0.86 -2.80 -14.99
CA SER A 50 0.65 -1.49 -15.66
C SER A 50 -0.73 -1.45 -16.31
N ILE A 51 -1.57 -0.52 -15.89
CA ILE A 51 -2.95 -0.44 -16.46
C ILE A 51 -3.26 0.99 -16.89
N VAL A 52 -3.76 1.17 -18.08
CA VAL A 52 -4.09 2.55 -18.54
C VAL A 52 -5.34 3.05 -17.79
N THR A 53 -5.32 4.30 -17.38
CA THR A 53 -6.43 4.82 -16.51
C THR A 53 -7.78 4.77 -17.22
N LYS A 54 -7.78 4.78 -18.53
CA LYS A 54 -9.09 4.83 -19.28
C LYS A 54 -9.98 3.64 -18.90
N ASP A 55 -9.40 2.56 -18.44
CA ASP A 55 -10.24 1.41 -17.97
C ASP A 55 -10.63 1.57 -16.48
N ILE A 56 -10.36 2.72 -15.89
CA ILE A 56 -10.83 2.95 -14.49
C ILE A 56 -12.32 3.31 -14.48
N LYS A 57 -13.14 2.45 -13.93
CA LYS A 57 -14.58 2.80 -13.73
C LYS A 57 -14.73 3.66 -12.48
N ASP A 58 -13.99 3.35 -11.43
CA ASP A 58 -14.17 4.10 -10.13
C ASP A 58 -12.89 4.06 -9.30
N LEU A 59 -12.63 5.09 -8.53
CA LEU A 59 -11.37 5.17 -7.75
C LEU A 59 -11.65 5.43 -6.26
N ARG A 60 -10.87 4.85 -5.38
CA ARG A 60 -10.95 5.21 -3.94
C ARG A 60 -9.56 5.09 -3.29
N ILE A 61 -9.36 5.75 -2.18
CA ILE A 61 -8.06 5.62 -1.44
C ILE A 61 -8.32 4.93 -0.09
N LEU A 62 -7.56 3.91 0.21
CA LEU A 62 -7.82 3.12 1.46
C LEU A 62 -7.16 3.81 2.67
N PRO A 63 -7.79 3.68 3.83
CA PRO A 63 -7.24 4.32 5.06
C PRO A 63 -5.96 3.60 5.50
N LYS A 64 -5.27 4.14 6.48
CA LYS A 64 -4.03 3.48 6.99
C LYS A 64 -4.39 2.19 7.73
N ASN A 65 -3.63 1.14 7.52
CA ASN A 65 -3.95 -0.17 8.18
C ASN A 65 -3.12 -0.31 9.47
N GLU A 66 -3.77 -0.63 10.56
CA GLU A 66 -3.03 -0.82 11.85
C GLU A 66 -2.82 -2.30 12.13
N ILE A 67 -2.70 -3.11 11.09
CA ILE A 67 -2.52 -4.60 11.27
C ILE A 67 -3.63 -5.17 12.16
N MET A 68 -4.72 -5.58 11.57
CA MET A 68 -5.85 -6.16 12.36
C MET A 68 -5.76 -7.70 12.34
N PRO A 69 -6.00 -8.32 13.49
CA PRO A 69 -5.93 -9.81 13.57
C PRO A 69 -7.01 -10.45 12.68
N LYS A 70 -8.14 -9.80 12.53
CA LYS A 70 -9.22 -10.35 11.67
C LYS A 70 -9.31 -9.57 10.36
N ASN A 71 -9.18 -10.24 9.24
CA ASN A 71 -9.26 -9.54 7.91
C ASN A 71 -10.68 -9.01 7.68
N GLY A 72 -11.68 -9.76 8.11
CA GLY A 72 -13.09 -9.31 7.93
C GLY A 72 -14.04 -10.44 8.31
N THR A 73 -15.33 -10.21 8.26
CA THR A 73 -16.32 -11.26 8.61
C THR A 73 -17.64 -11.03 7.86
N LYS A 74 -17.56 -10.50 6.66
CA LYS A 74 -18.81 -10.23 5.87
C LYS A 74 -19.54 -11.54 5.55
N SER A 75 -18.81 -12.55 5.13
CA SER A 75 -19.44 -13.86 4.80
C SER A 75 -18.39 -14.98 4.79
N PRO A 76 -18.17 -15.59 5.94
CA PRO A 76 -17.18 -16.70 6.04
C PRO A 76 -17.67 -17.93 5.26
N SER A 77 -16.81 -18.53 4.49
CA SER A 77 -17.21 -19.75 3.71
C SER A 77 -15.98 -20.53 3.27
N THR A 78 -15.16 -19.94 2.44
CA THR A 78 -13.93 -20.64 1.95
C THR A 78 -12.93 -20.86 3.11
N ASN A 79 -12.87 -19.92 4.02
CA ASN A 79 -11.93 -20.04 5.17
C ASN A 79 -12.67 -20.55 6.41
N SER A 80 -12.14 -21.57 7.05
CA SER A 80 -12.80 -22.12 8.27
C SER A 80 -11.75 -22.67 9.23
N THR A 81 -12.14 -22.96 10.45
CA THR A 81 -11.17 -23.50 11.45
C THR A 81 -11.07 -25.02 11.32
N LYS A 82 -10.00 -25.51 10.72
CA LYS A 82 -9.84 -26.98 10.54
C LYS A 82 -8.38 -27.38 10.83
N LEU A 83 -8.20 -28.52 11.45
CA LEU A 83 -6.81 -28.99 11.76
C LEU A 83 -6.27 -29.84 10.61
N LYS A 84 -5.04 -29.63 10.23
CA LYS A 84 -4.44 -30.40 9.10
C LYS A 84 -3.52 -31.49 9.63
N SER A 85 -3.69 -32.71 9.17
CA SER A 85 -2.80 -33.83 9.63
C SER A 85 -1.38 -33.64 9.11
N ALA A 86 -1.23 -33.02 7.96
CA ALA A 86 0.14 -32.81 7.38
C ALA A 86 0.96 -31.86 8.25
N GLU A 87 0.31 -30.93 8.91
CA GLU A 87 1.05 -29.97 9.79
C GLU A 87 1.08 -30.49 11.23
N THR A 88 2.25 -30.47 11.84
CA THR A 88 2.36 -30.96 13.26
C THR A 88 3.09 -29.92 14.12
N TYR A 89 2.95 -30.02 15.42
CA TYR A 89 3.63 -29.04 16.32
C TYR A 89 3.75 -29.62 17.74
N SER A 90 3.89 -30.91 17.85
CA SER A 90 4.00 -31.55 19.21
C SER A 90 4.71 -32.90 19.11
N SER A 91 5.66 -33.02 18.20
CA SER A 91 6.41 -34.30 18.03
C SER A 91 7.91 -34.07 18.14
N LYS A 92 8.66 -35.08 18.49
CA LYS A 92 10.14 -34.93 18.61
C LYS A 92 10.85 -35.94 17.70
N ASN A 93 11.81 -35.50 16.94
CA ASN A 93 12.54 -36.41 16.01
C ASN A 93 13.95 -36.69 16.55
N LYS A 94 14.21 -37.92 16.93
CA LYS A 94 15.57 -38.28 17.46
C LYS A 94 16.40 -38.99 16.39
N TRP A 95 16.17 -38.68 15.14
CA TRP A 95 16.92 -39.35 14.03
C TRP A 95 18.04 -38.43 13.53
N SER A 96 19.27 -38.86 13.65
CA SER A 96 20.43 -38.03 13.18
C SER A 96 21.34 -38.85 12.26
N MET A 97 22.00 -38.21 11.33
CA MET A 97 22.92 -38.94 10.40
C MET A 97 24.32 -38.30 10.43
N ASP A 98 25.33 -39.06 10.10
CA ASP A 98 26.73 -38.51 10.10
C ASP A 98 27.07 -37.95 8.72
N CYS A 99 27.63 -36.76 8.68
CA CYS A 99 27.98 -36.13 7.36
C CYS A 99 29.50 -36.17 7.17
N ASP A 100 29.95 -36.09 5.93
CA ASP A 100 31.43 -36.14 5.67
C ASP A 100 32.13 -34.91 6.28
N GLU A 101 31.48 -33.76 6.23
CA GLU A 101 32.09 -32.54 6.83
C GLU A 101 31.21 -32.02 7.96
N GLU A 102 31.82 -31.61 9.06
CA GLU A 102 31.03 -31.09 10.21
C GLU A 102 30.40 -29.74 9.86
N PHE A 103 31.14 -28.88 9.18
CA PHE A 103 30.59 -27.55 8.79
C PHE A 103 30.49 -27.45 7.26
N ASP A 104 29.35 -27.02 6.77
CA ASP A 104 29.16 -26.91 5.29
C ASP A 104 29.53 -25.49 4.83
N PHE A 105 30.53 -25.38 3.99
CA PHE A 105 30.95 -24.03 3.49
C PHE A 105 31.76 -24.18 2.20
N ALA A 106 31.43 -25.14 1.39
CA ALA A 106 32.18 -25.35 0.10
C ALA A 106 31.35 -24.85 -1.08
N ALA A 107 32.01 -24.37 -2.11
CA ALA A 107 31.27 -23.86 -3.31
C ALA A 107 31.25 -24.91 -4.42
N ASN A 108 30.17 -24.99 -5.16
CA ASN A 108 30.08 -26.01 -6.25
C ASN A 108 31.12 -25.74 -7.34
N LEU A 109 31.39 -24.48 -7.60
CA LEU A 109 32.40 -24.12 -8.65
C LEU A 109 33.74 -23.78 -7.99
N GLU A 110 34.83 -24.23 -8.57
CA GLU A 110 36.18 -23.94 -7.99
C GLU A 110 36.94 -22.98 -8.92
N LYS A 111 37.72 -22.09 -8.34
CA LYS A 111 38.50 -21.13 -9.17
C LYS A 111 39.90 -20.90 -8.56
N PHE A 112 40.62 -19.93 -9.05
CA PHE A 112 41.99 -19.65 -8.51
C PHE A 112 41.96 -18.40 -7.64
N ASP A 113 42.70 -18.40 -6.55
CA ASP A 113 42.73 -17.22 -5.65
C ASP A 113 43.70 -16.16 -6.20
N LYS A 114 43.24 -14.94 -6.37
CA LYS A 114 44.12 -13.87 -6.93
C LYS A 114 44.01 -12.60 -6.07
N LYS A 115 45.06 -11.83 -5.99
CA LYS A 115 45.03 -10.57 -5.19
C LYS A 115 44.89 -9.36 -6.12
N GLN A 116 44.12 -9.50 -7.18
CA GLN A 116 43.94 -8.38 -8.17
C GLN A 116 45.29 -7.85 -8.66
N VAL A 117 45.29 -6.78 -9.41
CA VAL A 117 46.58 -6.21 -9.94
C VAL A 117 46.82 -4.81 -9.35
N PHE A 118 46.36 -4.57 -8.14
CA PHE A 118 46.57 -3.23 -7.51
C PHE A 118 47.71 -3.31 -6.48
N ALA A 119 48.65 -2.41 -6.56
CA ALA A 119 49.80 -2.42 -5.60
C ALA A 119 49.34 -1.94 -4.22
N GLU A 120 49.79 -2.59 -3.17
CA GLU A 120 49.39 -2.17 -1.80
C GLU A 120 50.57 -1.49 -1.09
N PHE A 121 50.33 -0.39 -0.43
CA PHE A 121 51.43 0.33 0.28
C PHE A 121 51.27 0.17 1.80
N ARG A 122 52.00 -0.75 2.38
CA ARG A 122 51.92 -0.95 3.87
C ARG A 122 53.30 -1.28 4.43
N GLU A 123 53.68 -0.62 5.51
CA GLU A 123 55.02 -0.91 6.14
C GLU A 123 55.00 -2.30 6.77
N LYS A 124 53.88 -2.70 7.34
CA LYS A 124 53.79 -4.05 7.99
C LYS A 124 53.91 -5.15 6.93
N ASP A 125 53.41 -4.92 5.75
CA ASP A 125 53.49 -5.94 4.67
C ASP A 125 53.84 -5.28 3.33
N GLY A 1 8.60 29.41 -5.26
CA GLY A 1 8.37 28.11 -4.56
C GLY A 1 7.04 28.17 -3.80
N ALA A 2 6.26 27.13 -3.86
CA ALA A 2 4.95 27.11 -3.15
C ALA A 2 4.66 25.70 -2.62
N MET A 3 3.84 25.59 -1.60
CA MET A 3 3.49 24.25 -1.02
C MET A 3 2.00 23.99 -1.15
N GLY A 4 1.60 22.74 -1.22
CA GLY A 4 0.15 22.40 -1.33
C GLY A 4 0.00 20.94 -1.77
N MET A 5 -0.72 20.71 -2.83
CA MET A 5 -0.92 19.31 -3.32
C MET A 5 0.10 19.00 -4.43
N SER A 6 0.83 17.92 -4.30
CA SER A 6 1.86 17.56 -5.32
C SER A 6 1.57 16.16 -5.87
N VAL A 7 1.98 15.91 -7.10
CA VAL A 7 1.76 14.56 -7.71
C VAL A 7 2.60 13.50 -6.98
N ALA A 8 3.74 13.88 -6.46
CA ALA A 8 4.62 12.90 -5.75
C ALA A 8 3.90 12.32 -4.53
N ASP A 9 3.01 13.07 -3.93
CA ASP A 9 2.25 12.56 -2.74
C ASP A 9 1.37 11.37 -3.15
N PHE A 10 0.77 11.43 -4.31
CA PHE A 10 -0.06 10.29 -4.80
C PHE A 10 0.84 9.10 -5.16
N TYR A 11 2.03 9.37 -5.64
CA TYR A 11 2.99 8.26 -5.97
C TYR A 11 3.40 7.53 -4.68
N GLY A 12 3.35 6.22 -4.70
CA GLY A 12 3.66 5.43 -3.48
C GLY A 12 2.43 5.35 -2.55
N SER A 13 1.31 5.91 -2.96
CA SER A 13 0.08 5.83 -2.11
C SER A 13 -0.69 4.54 -2.43
N ASN A 14 -1.33 3.97 -1.43
CA ASN A 14 -2.15 2.73 -1.68
C ASN A 14 -3.59 3.12 -2.00
N VAL A 15 -4.03 2.85 -3.19
CA VAL A 15 -5.44 3.15 -3.59
C VAL A 15 -6.07 1.91 -4.23
N GLU A 16 -7.37 1.83 -4.25
CA GLU A 16 -8.04 0.73 -5.02
C GLU A 16 -8.91 1.34 -6.10
N VAL A 17 -9.00 0.70 -7.24
CA VAL A 17 -9.86 1.21 -8.34
C VAL A 17 -10.71 0.07 -8.91
N LEU A 18 -11.95 0.34 -9.23
CA LEU A 18 -12.73 -0.69 -9.97
C LEU A 18 -12.66 -0.41 -11.46
N LEU A 19 -12.46 -1.43 -12.25
CA LEU A 19 -12.43 -1.22 -13.74
C LEU A 19 -13.86 -1.25 -14.30
N ASN A 20 -14.00 -1.01 -15.57
CA ASN A 20 -15.37 -0.96 -16.20
C ASN A 20 -16.12 -2.29 -16.00
N ASN A 21 -15.42 -3.36 -15.73
CA ASN A 21 -16.09 -4.68 -15.59
C ASN A 21 -16.22 -5.07 -14.10
N ASP A 22 -16.36 -4.09 -13.22
CA ASP A 22 -16.76 -4.35 -11.79
C ASP A 22 -15.84 -5.40 -11.14
N SER A 23 -14.62 -5.50 -11.61
CA SER A 23 -13.58 -6.29 -10.87
C SER A 23 -12.67 -5.32 -10.13
N LYS A 24 -12.39 -5.58 -8.89
CA LYS A 24 -11.71 -4.53 -8.04
C LYS A 24 -10.28 -4.97 -7.72
N ALA A 25 -9.35 -4.05 -7.80
CA ALA A 25 -7.93 -4.36 -7.43
C ALA A 25 -7.29 -3.16 -6.72
N ARG A 26 -6.33 -3.41 -5.88
CA ARG A 26 -5.67 -2.29 -5.13
C ARG A 26 -4.15 -2.48 -5.12
N GLY A 27 -3.41 -1.43 -4.88
CA GLY A 27 -1.93 -1.56 -4.78
C GLY A 27 -1.31 -0.19 -4.52
N VAL A 28 0.00 -0.09 -4.53
CA VAL A 28 0.67 1.22 -4.33
C VAL A 28 0.97 1.85 -5.69
N ILE A 29 0.59 3.10 -5.88
CA ILE A 29 0.81 3.76 -7.21
C ILE A 29 2.32 3.95 -7.45
N THR A 30 2.77 3.70 -8.66
CA THR A 30 4.24 3.84 -8.97
C THR A 30 4.46 4.78 -10.16
N ASN A 31 3.61 4.76 -11.15
CA ASN A 31 3.89 5.55 -12.39
C ASN A 31 2.63 6.25 -12.90
N PHE A 32 2.78 7.42 -13.50
CA PHE A 32 1.63 8.10 -14.16
C PHE A 32 2.15 8.92 -15.35
N ASP A 33 1.52 8.77 -16.49
CA ASP A 33 2.00 9.47 -17.72
C ASP A 33 0.89 10.36 -18.28
N SER A 34 1.14 11.64 -18.41
CA SER A 34 0.10 12.57 -18.94
C SER A 34 -0.13 12.34 -20.44
N SER A 35 0.85 11.84 -21.14
CA SER A 35 0.71 11.65 -22.62
C SER A 35 -0.43 10.68 -22.95
N ASN A 36 -0.46 9.54 -22.30
CA ASN A 36 -1.55 8.55 -22.56
C ASN A 36 -2.29 8.18 -21.26
N SER A 37 -2.05 8.90 -20.17
CA SER A 37 -2.71 8.58 -18.86
C SER A 37 -2.56 7.09 -18.51
N ILE A 38 -1.35 6.66 -18.24
CA ILE A 38 -1.10 5.23 -17.90
C ILE A 38 -0.62 5.11 -16.45
N LEU A 39 -1.21 4.22 -15.69
CA LEU A 39 -0.87 4.12 -14.24
C LEU A 39 -0.39 2.71 -13.89
N GLN A 40 0.78 2.61 -13.31
CA GLN A 40 1.27 1.29 -12.82
C GLN A 40 1.02 1.17 -11.32
N LEU A 41 0.40 0.10 -10.89
CA LEU A 41 0.15 -0.10 -9.43
C LEU A 41 1.00 -1.25 -8.91
N ARG A 42 1.85 -0.98 -7.94
CA ARG A 42 2.71 -2.06 -7.36
C ARG A 42 2.14 -2.49 -6.00
N LEU A 43 1.82 -3.75 -5.86
CA LEU A 43 1.14 -4.22 -4.60
C LEU A 43 2.14 -4.94 -3.69
N ALA A 44 1.87 -4.93 -2.41
CA ALA A 44 2.87 -5.43 -1.40
C ALA A 44 3.13 -6.94 -1.54
N ASN A 45 2.40 -7.62 -2.40
CA ASN A 45 2.69 -9.07 -2.66
C ASN A 45 3.76 -9.21 -3.77
N ASP A 46 4.68 -8.26 -3.90
CA ASP A 46 5.79 -8.37 -4.91
C ASP A 46 5.20 -8.51 -6.33
N SER A 47 4.02 -7.97 -6.55
CA SER A 47 3.42 -8.03 -7.93
C SER A 47 3.14 -6.61 -8.44
N THR A 48 3.43 -6.35 -9.69
CA THR A 48 3.17 -5.00 -10.27
C THR A 48 2.40 -5.13 -11.59
N LYS A 49 1.53 -4.20 -11.87
CA LYS A 49 0.72 -4.26 -13.12
C LYS A 49 0.56 -2.86 -13.72
N SER A 50 0.60 -2.76 -15.03
CA SER A 50 0.39 -1.45 -15.70
C SER A 50 -1.01 -1.37 -16.29
N ILE A 51 -1.81 -0.44 -15.86
CA ILE A 51 -3.21 -0.33 -16.37
C ILE A 51 -3.47 1.11 -16.83
N VAL A 52 -3.99 1.28 -18.02
CA VAL A 52 -4.29 2.67 -18.52
C VAL A 52 -5.50 3.22 -17.77
N THR A 53 -5.44 4.45 -17.36
CA THR A 53 -6.51 5.02 -16.47
C THR A 53 -7.87 5.01 -17.17
N LYS A 54 -7.89 5.01 -18.48
CA LYS A 54 -9.20 5.11 -19.21
C LYS A 54 -10.12 3.93 -18.85
N ASP A 55 -9.55 2.82 -18.43
CA ASP A 55 -10.41 1.68 -17.97
C ASP A 55 -10.74 1.79 -16.48
N ILE A 56 -10.45 2.92 -15.85
CA ILE A 56 -10.89 3.12 -14.43
C ILE A 56 -12.39 3.44 -14.39
N LYS A 57 -13.17 2.55 -13.84
CA LYS A 57 -14.61 2.88 -13.60
C LYS A 57 -14.77 3.68 -12.31
N ASP A 58 -14.00 3.33 -11.29
CA ASP A 58 -14.19 4.00 -9.95
C ASP A 58 -12.88 3.98 -9.15
N LEU A 59 -12.64 5.01 -8.36
CA LEU A 59 -11.36 5.11 -7.60
C LEU A 59 -11.63 5.32 -6.11
N ARG A 60 -10.81 4.74 -5.26
CA ARG A 60 -10.90 5.03 -3.79
C ARG A 60 -9.50 4.94 -3.16
N ILE A 61 -9.31 5.55 -2.02
CA ILE A 61 -8.02 5.41 -1.27
C ILE A 61 -8.28 4.70 0.06
N LEU A 62 -7.51 3.67 0.35
CA LEU A 62 -7.79 2.86 1.58
C LEU A 62 -7.53 3.70 2.84
N PRO A 63 -8.30 3.45 3.89
CA PRO A 63 -8.16 4.23 5.14
C PRO A 63 -6.82 3.90 5.83
N LYS A 64 -6.13 4.91 6.30
CA LYS A 64 -4.84 4.66 7.03
C LYS A 64 -5.10 3.92 8.35
N ASN A 65 -6.22 4.21 8.98
CA ASN A 65 -6.54 3.53 10.27
C ASN A 65 -7.39 2.27 10.03
N GLU A 66 -7.49 1.41 11.01
CA GLU A 66 -8.28 0.16 10.84
C GLU A 66 -9.77 0.47 10.64
N ILE A 67 -10.25 1.52 11.26
CA ILE A 67 -11.69 1.90 11.12
C ILE A 67 -11.82 3.30 10.52
N MET A 68 -12.97 3.62 9.97
CA MET A 68 -13.18 4.97 9.36
C MET A 68 -13.85 5.90 10.37
N PRO A 69 -13.63 7.20 10.22
CA PRO A 69 -14.24 8.19 11.15
C PRO A 69 -15.75 8.24 10.96
N LYS A 70 -16.48 8.48 12.02
CA LYS A 70 -17.97 8.58 11.91
C LYS A 70 -18.47 9.82 12.66
N ASN A 71 -19.16 10.70 11.98
CA ASN A 71 -19.67 11.94 12.63
C ASN A 71 -21.04 12.32 12.06
N GLY A 72 -21.72 13.24 12.71
CA GLY A 72 -23.06 13.67 12.22
C GLY A 72 -23.38 15.06 12.76
N THR A 73 -22.68 16.07 12.31
CA THR A 73 -22.91 17.46 12.81
C THR A 73 -23.44 18.35 11.68
N LYS A 74 -24.20 17.80 10.77
CA LYS A 74 -24.74 18.61 9.64
C LYS A 74 -25.69 19.70 10.16
N SER A 75 -26.40 19.41 11.23
CA SER A 75 -27.35 20.41 11.81
C SER A 75 -26.85 20.88 13.18
N PRO A 76 -27.43 21.95 13.68
CA PRO A 76 -27.02 22.48 15.02
C PRO A 76 -27.37 21.47 16.13
N SER A 77 -26.55 21.41 17.15
CA SER A 77 -26.81 20.44 18.26
C SER A 77 -26.38 21.03 19.61
N THR A 78 -26.68 20.35 20.68
CA THR A 78 -26.30 20.87 22.04
C THR A 78 -25.43 19.84 22.77
N ASN A 79 -24.76 20.26 23.84
CA ASN A 79 -23.89 19.33 24.63
C ASN A 79 -22.86 18.64 23.71
N SER A 80 -22.22 19.39 22.84
CA SER A 80 -21.23 18.79 21.89
C SER A 80 -20.04 18.22 22.66
N THR A 81 -19.70 18.79 23.78
CA THR A 81 -18.56 18.27 24.59
C THR A 81 -19.07 17.43 25.76
N LYS A 82 -18.33 16.42 26.15
CA LYS A 82 -18.76 15.55 27.29
C LYS A 82 -17.58 15.28 28.23
N LEU A 83 -17.86 15.05 29.49
CA LEU A 83 -16.77 14.76 30.47
C LEU A 83 -16.63 13.25 30.66
N LYS A 84 -15.44 12.73 30.48
CA LYS A 84 -15.24 11.25 30.61
C LYS A 84 -14.66 10.90 31.99
N SER A 85 -14.95 11.69 32.99
CA SER A 85 -14.41 11.42 34.36
C SER A 85 -15.04 10.13 34.92
N ALA A 86 -16.30 9.90 34.63
CA ALA A 86 -16.98 8.68 35.16
C ALA A 86 -16.43 7.42 34.48
N GLU A 87 -16.13 7.51 33.20
CA GLU A 87 -15.61 6.31 32.47
C GLU A 87 -14.48 6.72 31.50
N THR A 88 -13.47 5.90 31.37
CA THR A 88 -12.34 6.23 30.45
C THR A 88 -11.88 4.95 29.73
N TYR A 89 -12.78 4.05 29.44
CA TYR A 89 -12.40 2.78 28.76
C TYR A 89 -13.07 2.69 27.39
N SER A 90 -12.53 1.90 26.49
CA SER A 90 -13.13 1.77 25.13
C SER A 90 -13.73 0.37 24.95
N SER A 91 -14.81 0.28 24.22
CA SER A 91 -15.49 -1.05 24.02
C SER A 91 -14.58 -1.98 23.19
N LYS A 92 -13.83 -1.42 22.27
CA LYS A 92 -12.95 -2.27 21.41
C LYS A 92 -11.54 -2.36 22.01
N ASN A 93 -10.97 -3.54 22.00
CA ASN A 93 -9.59 -3.72 22.55
C ASN A 93 -8.62 -4.05 21.41
N LYS A 94 -7.46 -3.45 21.41
CA LYS A 94 -6.45 -3.72 20.32
C LYS A 94 -5.40 -4.73 20.79
N TRP A 95 -5.73 -5.56 21.76
CA TRP A 95 -4.75 -6.58 22.25
C TRP A 95 -4.49 -7.63 21.17
N SER A 96 -5.54 -8.07 20.51
CA SER A 96 -5.37 -9.09 19.42
C SER A 96 -6.58 -9.04 18.46
N MET A 97 -6.32 -9.03 17.19
CA MET A 97 -7.44 -8.99 16.19
C MET A 97 -7.74 -10.40 15.67
N ASP A 98 -6.82 -10.99 14.95
CA ASP A 98 -7.05 -12.36 14.40
C ASP A 98 -6.16 -13.38 15.13
N CYS A 99 -6.55 -14.62 15.14
CA CYS A 99 -5.73 -15.68 15.81
C CYS A 99 -5.29 -16.73 14.80
N ASP A 100 -4.00 -17.02 14.75
CA ASP A 100 -3.49 -18.04 13.77
C ASP A 100 -3.08 -19.32 14.49
N GLU A 101 -2.88 -20.39 13.76
CA GLU A 101 -2.46 -21.68 14.39
C GLU A 101 -1.01 -22.00 14.03
N GLU A 102 -0.38 -22.85 14.80
CA GLU A 102 1.05 -23.21 14.53
C GLU A 102 1.11 -24.50 13.71
N PHE A 103 2.08 -24.61 12.83
CA PHE A 103 2.21 -25.84 11.98
C PHE A 103 3.56 -26.52 12.24
N ASP A 104 3.63 -27.81 12.06
CA ASP A 104 4.91 -28.55 12.29
C ASP A 104 5.76 -28.54 11.01
N PHE A 105 6.91 -27.90 11.06
CA PHE A 105 7.80 -27.85 9.86
C PHE A 105 9.27 -27.95 10.28
N ALA A 106 9.73 -27.00 11.06
CA ALA A 106 11.15 -27.03 11.52
C ALA A 106 11.22 -27.16 13.05
N ALA A 107 10.25 -27.82 13.63
CA ALA A 107 10.25 -27.98 15.13
C ALA A 107 10.86 -29.33 15.51
N ASN A 108 12.02 -29.32 16.10
CA ASN A 108 12.69 -30.59 16.51
C ASN A 108 13.46 -30.39 17.81
N LEU A 109 12.97 -30.96 18.89
CA LEU A 109 13.68 -30.81 20.21
C LEU A 109 15.04 -31.51 20.15
N GLU A 110 15.11 -32.66 19.51
CA GLU A 110 16.40 -33.42 19.39
C GLU A 110 17.04 -33.63 20.77
N LYS A 111 16.74 -34.74 21.40
CA LYS A 111 17.34 -35.03 22.73
C LYS A 111 18.54 -35.98 22.58
N PHE A 112 19.64 -35.66 23.25
CA PHE A 112 20.84 -36.53 23.15
C PHE A 112 20.97 -37.43 24.39
N ASP A 113 21.00 -38.73 24.19
CA ASP A 113 21.13 -39.66 25.34
C ASP A 113 22.58 -40.09 25.53
N LYS A 114 23.18 -39.73 26.64
CA LYS A 114 24.60 -40.12 26.90
C LYS A 114 24.68 -40.92 28.21
N LYS A 115 25.11 -42.16 28.14
CA LYS A 115 25.23 -43.00 29.36
C LYS A 115 26.64 -42.87 29.95
N GLN A 116 27.64 -42.87 29.10
CA GLN A 116 29.06 -42.74 29.59
C GLN A 116 29.75 -41.57 28.90
N VAL A 117 30.64 -40.89 29.59
CA VAL A 117 31.37 -39.74 28.98
C VAL A 117 32.88 -39.87 29.21
N PHE A 118 33.68 -39.48 28.26
CA PHE A 118 35.16 -39.56 28.43
C PHE A 118 35.85 -38.46 27.60
N ALA A 119 37.08 -38.14 27.93
CA ALA A 119 37.82 -37.09 27.17
C ALA A 119 38.86 -37.75 26.25
N GLU A 120 38.91 -37.34 25.00
CA GLU A 120 39.90 -37.95 24.05
C GLU A 120 41.32 -37.54 24.44
N PHE A 121 41.50 -36.31 24.85
CA PHE A 121 42.86 -35.83 25.26
C PHE A 121 42.75 -34.53 26.07
N ARG A 122 41.69 -34.38 26.82
CA ARG A 122 41.50 -33.14 27.64
C ARG A 122 41.68 -33.44 29.13
N GLU A 123 42.46 -34.43 29.46
CA GLU A 123 42.68 -34.78 30.91
C GLU A 123 43.45 -33.66 31.61
N LYS A 124 44.44 -33.11 30.95
CA LYS A 124 45.23 -32.01 31.56
C LYS A 124 44.90 -30.68 30.88
N ASP A 125 44.77 -30.69 29.57
CA ASP A 125 44.44 -29.43 28.84
C ASP A 125 42.98 -29.43 28.38
N GLY A 1 -13.61 24.40 0.07
CA GLY A 1 -12.67 25.56 0.04
C GLY A 1 -11.58 25.31 -1.01
N ALA A 2 -10.36 25.12 -0.57
CA ALA A 2 -9.24 24.88 -1.54
C ALA A 2 -8.25 23.87 -0.95
N MET A 3 -7.52 23.18 -1.80
CA MET A 3 -6.53 22.17 -1.31
C MET A 3 -5.14 22.50 -1.85
N GLY A 4 -4.11 22.00 -1.20
CA GLY A 4 -2.71 22.26 -1.67
C GLY A 4 -1.90 20.97 -1.58
N MET A 5 -2.05 20.10 -2.56
CA MET A 5 -1.30 18.80 -2.55
C MET A 5 -0.40 18.70 -3.77
N SER A 6 0.56 17.80 -3.75
CA SER A 6 1.48 17.64 -4.91
C SER A 6 1.32 16.25 -5.52
N VAL A 7 1.66 16.10 -6.78
CA VAL A 7 1.51 14.77 -7.46
C VAL A 7 2.42 13.73 -6.79
N ALA A 8 3.56 14.15 -6.29
CA ALA A 8 4.50 13.19 -5.64
C ALA A 8 3.85 12.52 -4.42
N ASP A 9 2.94 13.21 -3.77
CA ASP A 9 2.22 12.62 -2.59
C ASP A 9 1.36 11.43 -3.04
N PHE A 10 0.72 11.55 -4.19
CA PHE A 10 -0.12 10.42 -4.69
C PHE A 10 0.78 9.24 -5.12
N TYR A 11 1.96 9.53 -5.60
CA TYR A 11 2.91 8.42 -5.98
C TYR A 11 3.34 7.64 -4.73
N GLY A 12 3.21 6.35 -4.76
CA GLY A 12 3.58 5.52 -3.57
C GLY A 12 2.38 5.36 -2.62
N SER A 13 1.24 5.91 -2.97
CA SER A 13 0.04 5.75 -2.08
C SER A 13 -0.72 4.47 -2.44
N ASN A 14 -1.35 3.86 -1.48
CA ASN A 14 -2.15 2.62 -1.76
C ASN A 14 -3.62 2.99 -1.99
N VAL A 15 -4.11 2.77 -3.18
CA VAL A 15 -5.54 3.07 -3.49
C VAL A 15 -6.19 1.86 -4.17
N GLU A 16 -7.49 1.81 -4.21
CA GLU A 16 -8.18 0.73 -4.97
C GLU A 16 -9.03 1.36 -6.08
N VAL A 17 -9.14 0.70 -7.20
CA VAL A 17 -9.99 1.23 -8.30
C VAL A 17 -10.86 0.11 -8.89
N LEU A 18 -12.08 0.40 -9.23
CA LEU A 18 -12.88 -0.62 -9.97
C LEU A 18 -12.80 -0.33 -11.47
N LEU A 19 -12.61 -1.35 -12.26
CA LEU A 19 -12.58 -1.15 -13.74
C LEU A 19 -14.00 -1.15 -14.29
N ASN A 20 -14.16 -0.91 -15.57
CA ASN A 20 -15.52 -0.81 -16.19
C ASN A 20 -16.35 -2.09 -15.96
N ASN A 21 -15.70 -3.20 -15.69
CA ASN A 21 -16.43 -4.49 -15.53
C ASN A 21 -16.65 -4.82 -14.04
N ASP A 22 -16.65 -3.82 -13.17
CA ASP A 22 -16.95 -4.06 -11.72
C ASP A 22 -15.96 -5.06 -11.12
N SER A 23 -14.78 -5.17 -11.69
CA SER A 23 -13.69 -5.97 -11.05
C SER A 23 -12.80 -5.02 -10.25
N LYS A 24 -12.49 -5.38 -9.02
CA LYS A 24 -11.80 -4.41 -8.11
C LYS A 24 -10.35 -4.84 -7.87
N ALA A 25 -9.44 -3.91 -7.91
CA ALA A 25 -8.01 -4.22 -7.59
C ALA A 25 -7.38 -3.06 -6.80
N ARG A 26 -6.46 -3.36 -5.91
CA ARG A 26 -5.83 -2.29 -5.09
C ARG A 26 -4.32 -2.52 -4.96
N GLY A 27 -3.55 -1.46 -4.81
CA GLY A 27 -2.08 -1.61 -4.65
C GLY A 27 -1.45 -0.22 -4.53
N VAL A 28 -0.14 -0.15 -4.53
CA VAL A 28 0.55 1.18 -4.36
C VAL A 28 0.84 1.78 -5.74
N ILE A 29 0.59 3.06 -5.89
CA ILE A 29 0.81 3.71 -7.22
C ILE A 29 2.31 3.98 -7.43
N THR A 30 2.80 3.73 -8.63
CA THR A 30 4.25 3.95 -8.90
C THR A 30 4.47 4.89 -10.10
N ASN A 31 3.64 4.83 -11.11
CA ASN A 31 3.92 5.62 -12.35
C ASN A 31 2.65 6.28 -12.88
N PHE A 32 2.79 7.42 -13.52
CA PHE A 32 1.63 8.08 -14.19
C PHE A 32 2.12 8.87 -15.40
N ASP A 33 1.47 8.71 -16.53
CA ASP A 33 1.92 9.40 -17.78
C ASP A 33 0.79 10.28 -18.33
N SER A 34 1.02 11.57 -18.42
CA SER A 34 -0.03 12.48 -18.94
C SER A 34 -0.28 12.24 -20.43
N SER A 35 0.71 11.75 -21.15
CA SER A 35 0.56 11.56 -22.63
C SER A 35 -0.57 10.57 -22.93
N ASN A 36 -0.56 9.42 -22.32
CA ASN A 36 -1.64 8.40 -22.56
C ASN A 36 -2.33 8.00 -21.25
N SER A 37 -2.15 8.76 -20.19
CA SER A 37 -2.78 8.44 -18.86
C SER A 37 -2.58 6.96 -18.49
N ILE A 38 -1.36 6.56 -18.23
CA ILE A 38 -1.08 5.13 -17.88
C ILE A 38 -0.60 5.03 -16.42
N LEU A 39 -1.15 4.14 -15.67
CA LEU A 39 -0.82 4.05 -14.21
C LEU A 39 -0.29 2.66 -13.86
N GLN A 40 0.88 2.60 -13.27
CA GLN A 40 1.41 1.29 -12.79
C GLN A 40 1.17 1.15 -11.28
N LEU A 41 0.60 0.06 -10.85
CA LEU A 41 0.37 -0.16 -9.40
C LEU A 41 1.26 -1.28 -8.89
N ARG A 42 2.11 -0.98 -7.93
CA ARG A 42 2.98 -2.04 -7.34
C ARG A 42 2.34 -2.56 -6.05
N LEU A 43 2.12 -3.85 -5.97
CA LEU A 43 1.38 -4.42 -4.81
C LEU A 43 2.34 -5.07 -3.81
N ALA A 44 1.98 -5.05 -2.54
CA ALA A 44 2.92 -5.53 -1.46
C ALA A 44 3.24 -7.03 -1.61
N ASN A 45 2.55 -7.74 -2.48
CA ASN A 45 2.87 -9.17 -2.73
C ASN A 45 3.99 -9.31 -3.79
N ASP A 46 4.90 -8.34 -3.88
CA ASP A 46 6.05 -8.44 -4.85
C ASP A 46 5.53 -8.59 -6.29
N SER A 47 4.35 -8.05 -6.57
CA SER A 47 3.81 -8.12 -7.95
C SER A 47 3.57 -6.70 -8.49
N THR A 48 3.84 -6.48 -9.76
CA THR A 48 3.63 -5.13 -10.35
C THR A 48 2.79 -5.23 -11.63
N LYS A 49 1.93 -4.27 -11.88
CA LYS A 49 1.06 -4.33 -13.09
C LYS A 49 0.86 -2.94 -13.68
N SER A 50 0.83 -2.83 -14.98
CA SER A 50 0.58 -1.52 -15.64
C SER A 50 -0.83 -1.48 -16.23
N ILE A 51 -1.64 -0.54 -15.80
CA ILE A 51 -3.05 -0.46 -16.30
C ILE A 51 -3.34 0.96 -16.78
N VAL A 52 -3.87 1.11 -17.97
CA VAL A 52 -4.19 2.47 -18.48
C VAL A 52 -5.42 3.02 -17.73
N THR A 53 -5.37 4.26 -17.34
CA THR A 53 -6.45 4.83 -16.45
C THR A 53 -7.82 4.84 -17.16
N LYS A 54 -7.82 4.87 -18.48
CA LYS A 54 -9.12 4.99 -19.22
C LYS A 54 -10.07 3.83 -18.86
N ASP A 55 -9.54 2.72 -18.42
CA ASP A 55 -10.42 1.59 -17.97
C ASP A 55 -10.78 1.74 -16.48
N ILE A 56 -10.46 2.86 -15.86
CA ILE A 56 -10.91 3.09 -14.44
C ILE A 56 -12.39 3.47 -14.42
N LYS A 57 -13.23 2.62 -13.88
CA LYS A 57 -14.65 3.00 -13.65
C LYS A 57 -14.78 3.83 -12.36
N ASP A 58 -14.05 3.46 -11.33
CA ASP A 58 -14.24 4.13 -10.00
C ASP A 58 -12.95 4.08 -9.19
N LEU A 59 -12.67 5.12 -8.44
CA LEU A 59 -11.39 5.18 -7.66
C LEU A 59 -11.67 5.41 -6.17
N ARG A 60 -10.88 4.80 -5.31
CA ARG A 60 -10.96 5.11 -3.85
C ARG A 60 -9.58 4.98 -3.20
N ILE A 61 -9.38 5.61 -2.07
CA ILE A 61 -8.09 5.45 -1.33
C ILE A 61 -8.34 4.69 -0.02
N LEU A 62 -7.57 3.67 0.23
CA LEU A 62 -7.83 2.81 1.44
C LEU A 62 -7.15 3.42 2.69
N PRO A 63 -7.76 3.22 3.85
CA PRO A 63 -7.17 3.77 5.11
C PRO A 63 -5.81 3.12 5.39
N LYS A 64 -4.88 3.89 5.89
CA LYS A 64 -3.52 3.34 6.21
C LYS A 64 -3.03 3.87 7.55
N ASN A 65 -2.61 2.99 8.44
CA ASN A 65 -2.07 3.42 9.77
C ASN A 65 -3.06 4.35 10.51
N GLU A 66 -4.31 3.99 10.51
CA GLU A 66 -5.33 4.83 11.22
C GLU A 66 -5.29 4.55 12.73
N ILE A 67 -5.23 5.58 13.53
CA ILE A 67 -5.17 5.39 15.02
C ILE A 67 -6.25 6.24 15.70
N MET A 68 -6.34 7.49 15.35
CA MET A 68 -7.35 8.39 15.99
C MET A 68 -8.78 7.97 15.58
N PRO A 69 -9.75 8.29 16.42
CA PRO A 69 -11.16 7.93 16.12
C PRO A 69 -11.67 8.72 14.91
N LYS A 70 -12.52 8.13 14.12
CA LYS A 70 -13.06 8.83 12.92
C LYS A 70 -14.39 9.50 13.27
N ASN A 71 -14.51 10.79 12.98
CA ASN A 71 -15.78 11.54 13.28
C ASN A 71 -16.18 11.36 14.76
N GLY A 72 -15.23 11.39 15.65
CA GLY A 72 -15.53 11.22 17.10
C GLY A 72 -15.82 12.58 17.72
N THR A 73 -14.86 13.47 17.70
CA THR A 73 -15.06 14.83 18.29
C THR A 73 -14.87 15.91 17.22
N LYS A 74 -15.73 16.90 17.20
CA LYS A 74 -15.61 17.99 16.16
C LYS A 74 -14.30 18.76 16.34
N SER A 75 -13.85 18.92 17.57
CA SER A 75 -12.59 19.68 17.82
C SER A 75 -11.48 18.73 18.33
N PRO A 76 -10.70 18.21 17.40
CA PRO A 76 -9.59 17.29 17.79
C PRO A 76 -8.54 18.05 18.61
N SER A 77 -8.38 19.33 18.37
CA SER A 77 -7.39 20.13 19.15
C SER A 77 -8.12 21.19 19.99
N THR A 78 -7.56 21.55 21.12
CA THR A 78 -8.22 22.56 22.00
C THR A 78 -7.39 23.85 22.03
N ASN A 79 -8.05 24.98 22.01
CA ASN A 79 -7.33 26.29 22.03
C ASN A 79 -7.30 26.87 23.45
N SER A 80 -7.31 26.03 24.45
CA SER A 80 -7.29 26.52 25.86
C SER A 80 -6.65 25.47 26.79
N THR A 81 -5.43 25.10 26.50
CA THR A 81 -4.72 24.08 27.34
C THR A 81 -3.31 24.54 27.68
N LYS A 82 -2.69 23.91 28.65
CA LYS A 82 -1.30 24.30 29.05
C LYS A 82 -0.28 23.54 28.20
N LEU A 83 0.99 23.63 28.56
CA LEU A 83 2.04 22.92 27.76
C LEU A 83 1.82 21.41 27.80
N LYS A 84 1.42 20.89 28.94
CA LYS A 84 1.15 19.41 29.11
C LYS A 84 2.15 18.53 28.31
N SER A 85 3.41 18.90 28.31
CA SER A 85 4.42 18.11 27.53
C SER A 85 4.57 16.71 28.11
N ALA A 86 4.42 16.57 29.41
CA ALA A 86 4.52 15.22 30.04
C ALA A 86 3.26 14.40 29.73
N GLU A 87 2.12 15.05 29.70
CA GLU A 87 0.85 14.33 29.38
C GLU A 87 0.82 13.91 27.92
N THR A 88 1.40 14.73 27.05
CA THR A 88 1.41 14.41 25.60
C THR A 88 2.66 13.59 25.24
N TYR A 89 2.53 12.67 24.31
CA TYR A 89 3.70 11.82 23.92
C TYR A 89 4.19 12.20 22.53
N SER A 90 5.48 12.21 22.33
CA SER A 90 6.04 12.55 20.99
C SER A 90 6.65 11.32 20.33
N SER A 91 6.63 11.25 19.01
CA SER A 91 7.18 10.06 18.30
C SER A 91 8.46 10.45 17.56
N LYS A 92 9.42 9.55 17.51
CA LYS A 92 10.71 9.85 16.80
C LYS A 92 11.43 8.54 16.45
N ASN A 93 10.68 7.52 16.10
CA ASN A 93 11.31 6.21 15.73
C ASN A 93 12.02 6.31 14.38
N LYS A 94 12.85 5.33 14.06
CA LYS A 94 13.58 5.36 12.77
C LYS A 94 12.95 4.36 11.78
N TRP A 95 13.28 4.48 10.52
CA TRP A 95 12.71 3.54 9.49
C TRP A 95 13.16 2.10 9.77
N SER A 96 14.33 1.92 10.34
CA SER A 96 14.82 0.54 10.65
C SER A 96 13.98 -0.09 11.76
N MET A 97 14.08 -1.38 11.93
CA MET A 97 13.29 -2.10 12.99
C MET A 97 11.79 -1.78 12.87
N ASP A 98 10.99 -2.34 13.74
CA ASP A 98 9.51 -2.09 13.69
C ASP A 98 9.03 -1.38 14.96
N CYS A 99 7.90 -0.74 14.91
CA CYS A 99 7.36 -0.05 16.11
C CYS A 99 6.08 -0.75 16.59
N ASP A 100 5.04 -0.71 15.80
CA ASP A 100 3.76 -1.39 16.18
C ASP A 100 3.49 -2.56 15.24
N GLU A 101 3.81 -2.41 13.97
CA GLU A 101 3.58 -3.51 13.00
C GLU A 101 4.90 -3.92 12.34
N GLU A 102 4.98 -5.11 11.82
CA GLU A 102 6.24 -5.59 11.17
C GLU A 102 6.25 -5.22 9.69
N PHE A 103 7.25 -4.51 9.25
CA PHE A 103 7.33 -4.12 7.80
C PHE A 103 7.81 -5.30 6.96
N ASP A 104 8.73 -6.09 7.49
CA ASP A 104 9.26 -7.28 6.73
C ASP A 104 9.76 -6.87 5.34
N PHE A 105 11.02 -6.50 5.24
CA PHE A 105 11.59 -6.11 3.92
C PHE A 105 12.54 -7.18 3.42
N ALA A 106 12.38 -7.60 2.18
CA ALA A 106 13.29 -8.64 1.61
C ALA A 106 13.39 -8.48 0.08
N ALA A 107 14.51 -8.83 -0.49
CA ALA A 107 14.67 -8.72 -1.97
C ALA A 107 15.65 -9.77 -2.48
N ASN A 108 15.37 -10.35 -3.63
CA ASN A 108 16.29 -11.38 -4.20
C ASN A 108 16.40 -11.20 -5.72
N LEU A 109 17.37 -11.84 -6.33
CA LEU A 109 17.53 -11.73 -7.81
C LEU A 109 16.87 -12.93 -8.50
N GLU A 110 15.75 -12.71 -9.14
CA GLU A 110 15.04 -13.84 -9.83
C GLU A 110 15.84 -14.32 -11.05
N LYS A 111 16.53 -13.41 -11.71
CA LYS A 111 17.30 -13.79 -12.93
C LYS A 111 18.41 -14.80 -12.59
N PHE A 112 19.10 -14.58 -11.49
CA PHE A 112 20.19 -15.51 -11.08
C PHE A 112 19.78 -16.29 -9.83
N ASP A 113 19.80 -17.61 -9.90
CA ASP A 113 19.44 -18.44 -8.71
C ASP A 113 20.53 -18.31 -7.63
N LYS A 114 21.77 -18.38 -8.03
CA LYS A 114 22.88 -18.27 -7.03
C LYS A 114 24.08 -17.54 -7.66
N LYS A 115 24.94 -16.98 -6.83
CA LYS A 115 26.14 -16.26 -7.37
C LYS A 115 27.42 -17.02 -7.01
N GLN A 116 28.25 -17.28 -7.98
CA GLN A 116 29.54 -18.00 -7.72
C GLN A 116 30.72 -17.16 -8.21
N VAL A 117 31.37 -16.46 -7.31
CA VAL A 117 32.54 -15.62 -7.72
C VAL A 117 33.73 -15.87 -6.78
N PHE A 118 34.91 -16.01 -7.33
CA PHE A 118 36.12 -16.23 -6.48
C PHE A 118 36.92 -14.93 -6.35
N ALA A 119 37.26 -14.54 -5.14
CA ALA A 119 38.02 -13.27 -4.94
C ALA A 119 39.49 -13.59 -4.60
N GLU A 120 39.73 -14.20 -3.47
CA GLU A 120 41.13 -14.52 -3.07
C GLU A 120 41.23 -15.98 -2.61
N PHE A 121 42.43 -16.52 -2.57
CA PHE A 121 42.61 -17.93 -2.13
C PHE A 121 43.05 -17.96 -0.65
N ARG A 122 42.48 -18.85 0.12
CA ARG A 122 42.84 -18.92 1.58
C ARG A 122 43.99 -19.91 1.78
N GLU A 123 44.90 -19.60 2.68
CA GLU A 123 46.06 -20.50 2.93
C GLU A 123 46.06 -20.95 4.40
N LYS A 124 46.81 -21.98 4.70
CA LYS A 124 46.87 -22.48 6.11
C LYS A 124 48.33 -22.71 6.54
N ASP A 125 48.58 -22.83 7.82
CA ASP A 125 49.98 -23.04 8.34
C ASP A 125 50.92 -21.93 7.83
N GLY A 1 8.96 21.18 -3.96
CA GLY A 1 7.60 21.23 -3.36
C GLY A 1 7.68 20.91 -1.87
N ALA A 2 8.48 21.64 -1.14
CA ALA A 2 8.61 21.39 0.33
C ALA A 2 7.30 21.76 1.04
N MET A 3 6.61 22.76 0.55
CA MET A 3 5.32 23.16 1.19
C MET A 3 4.18 23.08 0.16
N GLY A 4 2.96 23.00 0.62
CA GLY A 4 1.80 22.94 -0.32
C GLY A 4 1.56 21.49 -0.74
N MET A 5 0.78 21.28 -1.78
CA MET A 5 0.50 19.89 -2.25
C MET A 5 1.41 19.54 -3.43
N SER A 6 1.94 18.34 -3.44
CA SER A 6 2.86 17.92 -4.55
C SER A 6 2.36 16.62 -5.17
N VAL A 7 2.68 16.40 -6.44
CA VAL A 7 2.25 15.14 -7.12
C VAL A 7 2.97 13.94 -6.50
N ALA A 8 4.18 14.13 -6.03
CA ALA A 8 4.95 13.00 -5.43
C ALA A 8 4.22 12.42 -4.21
N ASP A 9 3.44 13.23 -3.53
CA ASP A 9 2.66 12.72 -2.35
C ASP A 9 1.66 11.66 -2.78
N PHE A 10 1.04 11.85 -3.92
CA PHE A 10 0.07 10.82 -4.44
C PHE A 10 0.83 9.57 -4.90
N TYR A 11 2.02 9.76 -5.43
CA TYR A 11 2.84 8.58 -5.87
C TYR A 11 3.24 7.73 -4.65
N GLY A 12 3.22 6.43 -4.79
CA GLY A 12 3.56 5.54 -3.64
C GLY A 12 2.36 5.38 -2.70
N SER A 13 1.20 5.89 -3.07
CA SER A 13 -0.01 5.74 -2.20
C SER A 13 -0.74 4.43 -2.53
N ASN A 14 -1.24 3.75 -1.54
CA ASN A 14 -2.05 2.52 -1.80
C ASN A 14 -3.51 2.89 -2.04
N VAL A 15 -4.00 2.65 -3.23
CA VAL A 15 -5.41 2.96 -3.54
C VAL A 15 -6.07 1.75 -4.20
N GLU A 16 -7.37 1.70 -4.23
CA GLU A 16 -8.07 0.61 -4.98
C GLU A 16 -8.92 1.22 -6.10
N VAL A 17 -8.99 0.56 -7.22
CA VAL A 17 -9.86 1.06 -8.32
C VAL A 17 -10.73 -0.07 -8.87
N LEU A 18 -11.96 0.21 -9.22
CA LEU A 18 -12.75 -0.80 -9.97
C LEU A 18 -12.70 -0.49 -11.46
N LEU A 19 -12.51 -1.51 -12.27
CA LEU A 19 -12.49 -1.27 -13.74
C LEU A 19 -13.92 -1.26 -14.29
N ASN A 20 -14.06 -1.01 -15.57
CA ASN A 20 -15.44 -0.92 -16.19
C ASN A 20 -16.25 -2.22 -15.98
N ASN A 21 -15.58 -3.31 -15.74
CA ASN A 21 -16.31 -4.63 -15.62
C ASN A 21 -16.50 -5.02 -14.15
N ASP A 22 -16.54 -4.06 -13.23
CA ASP A 22 -16.89 -4.35 -11.80
C ASP A 22 -15.91 -5.36 -11.19
N SER A 23 -14.70 -5.42 -11.71
CA SER A 23 -13.63 -6.19 -11.01
C SER A 23 -12.74 -5.22 -10.25
N LYS A 24 -12.37 -5.57 -9.05
CA LYS A 24 -11.64 -4.57 -8.18
C LYS A 24 -10.18 -4.99 -8.01
N ALA A 25 -9.28 -4.03 -7.98
CA ALA A 25 -7.84 -4.34 -7.77
C ALA A 25 -7.20 -3.29 -6.86
N ARG A 26 -6.21 -3.67 -6.09
CA ARG A 26 -5.56 -2.71 -5.15
C ARG A 26 -4.05 -2.69 -5.41
N GLY A 27 -3.39 -1.59 -5.12
CA GLY A 27 -1.90 -1.57 -5.25
C GLY A 27 -1.36 -0.18 -4.88
N VAL A 28 -0.06 -0.06 -4.78
CA VAL A 28 0.55 1.28 -4.49
C VAL A 28 0.95 1.95 -5.81
N ILE A 29 0.49 3.15 -6.03
CA ILE A 29 0.72 3.84 -7.34
C ILE A 29 2.22 4.11 -7.53
N THR A 30 2.73 3.87 -8.72
CA THR A 30 4.19 4.09 -8.97
C THR A 30 4.41 5.03 -10.17
N ASN A 31 3.58 4.95 -11.19
CA ASN A 31 3.86 5.75 -12.42
C ASN A 31 2.58 6.40 -12.95
N PHE A 32 2.71 7.56 -13.56
CA PHE A 32 1.54 8.20 -14.23
C PHE A 32 2.02 9.03 -15.41
N ASP A 33 1.44 8.83 -16.57
CA ASP A 33 1.92 9.55 -17.80
C ASP A 33 0.78 10.37 -18.41
N SER A 34 0.98 11.66 -18.55
CA SER A 34 -0.10 12.53 -19.12
C SER A 34 -0.29 12.26 -20.62
N SER A 35 0.73 11.77 -21.29
CA SER A 35 0.62 11.55 -22.77
C SER A 35 -0.48 10.53 -23.09
N ASN A 36 -0.50 9.42 -22.41
CA ASN A 36 -1.56 8.39 -22.66
C ASN A 36 -2.32 8.05 -21.36
N SER A 37 -2.10 8.79 -20.29
CA SER A 37 -2.77 8.49 -18.98
C SER A 37 -2.59 7.02 -18.59
N ILE A 38 -1.37 6.62 -18.30
CA ILE A 38 -1.12 5.18 -17.94
C ILE A 38 -0.64 5.11 -16.48
N LEU A 39 -1.20 4.20 -15.71
CA LEU A 39 -0.88 4.14 -14.25
C LEU A 39 -0.36 2.75 -13.89
N GLN A 40 0.80 2.68 -13.29
CA GLN A 40 1.32 1.38 -12.79
C GLN A 40 1.09 1.27 -11.28
N LEU A 41 0.48 0.20 -10.84
CA LEU A 41 0.25 0.00 -9.38
C LEU A 41 1.11 -1.15 -8.87
N ARG A 42 1.98 -0.87 -7.93
CA ARG A 42 2.81 -1.97 -7.33
C ARG A 42 2.21 -2.40 -5.99
N LEU A 43 1.85 -3.65 -5.86
CA LEU A 43 1.10 -4.12 -4.66
C LEU A 43 2.03 -4.85 -3.69
N ALA A 44 1.73 -4.79 -2.42
CA ALA A 44 2.69 -5.30 -1.37
C ALA A 44 2.90 -6.82 -1.47
N ASN A 45 2.16 -7.50 -2.31
CA ASN A 45 2.42 -8.97 -2.52
C ASN A 45 3.48 -9.19 -3.60
N ASP A 46 4.44 -8.28 -3.75
CA ASP A 46 5.55 -8.47 -4.75
C ASP A 46 4.97 -8.62 -6.16
N SER A 47 3.82 -8.03 -6.42
CA SER A 47 3.24 -8.11 -7.80
C SER A 47 3.08 -6.69 -8.37
N THR A 48 3.37 -6.52 -9.64
CA THR A 48 3.21 -5.17 -10.28
C THR A 48 2.37 -5.28 -11.55
N LYS A 49 1.54 -4.30 -11.80
CA LYS A 49 0.66 -4.36 -13.01
C LYS A 49 0.49 -2.95 -13.61
N SER A 50 0.65 -2.82 -14.90
CA SER A 50 0.44 -1.50 -15.57
C SER A 50 -0.96 -1.44 -16.18
N ILE A 51 -1.75 -0.48 -15.78
CA ILE A 51 -3.15 -0.37 -16.31
C ILE A 51 -3.40 1.05 -16.81
N VAL A 52 -3.93 1.19 -18.00
CA VAL A 52 -4.24 2.56 -18.52
C VAL A 52 -5.46 3.10 -17.79
N THR A 53 -5.42 4.35 -17.39
CA THR A 53 -6.49 4.90 -16.50
C THR A 53 -7.86 4.87 -17.18
N LYS A 54 -7.90 4.88 -18.50
CA LYS A 54 -9.20 4.95 -19.22
C LYS A 54 -10.11 3.78 -18.83
N ASP A 55 -9.54 2.67 -18.42
CA ASP A 55 -10.38 1.53 -17.95
C ASP A 55 -10.73 1.66 -16.45
N ILE A 56 -10.43 2.79 -15.83
CA ILE A 56 -10.87 3.01 -14.41
C ILE A 56 -12.35 3.37 -14.37
N LYS A 57 -13.17 2.50 -13.84
CA LYS A 57 -14.60 2.86 -13.59
C LYS A 57 -14.73 3.66 -12.29
N ASP A 58 -13.98 3.28 -11.27
CA ASP A 58 -14.16 3.93 -9.93
C ASP A 58 -12.86 3.90 -9.13
N LEU A 59 -12.61 4.92 -8.35
CA LEU A 59 -11.33 4.99 -7.58
C LEU A 59 -11.60 5.24 -6.09
N ARG A 60 -10.81 4.64 -5.22
CA ARG A 60 -10.89 4.99 -3.77
C ARG A 60 -9.49 4.88 -3.14
N ILE A 61 -9.28 5.54 -2.03
CA ILE A 61 -7.97 5.43 -1.32
C ILE A 61 -8.18 4.75 0.04
N LEU A 62 -7.39 3.74 0.34
CA LEU A 62 -7.63 2.95 1.59
C LEU A 62 -6.88 3.59 2.78
N PRO A 63 -7.60 3.98 3.81
CA PRO A 63 -6.95 4.60 5.00
C PRO A 63 -6.10 3.56 5.73
N LYS A 64 -4.96 3.97 6.24
CA LYS A 64 -4.07 3.02 6.98
C LYS A 64 -4.74 2.58 8.29
N ASN A 65 -5.39 3.49 8.96
CA ASN A 65 -6.05 3.15 10.26
C ASN A 65 -7.50 3.63 10.26
N GLU A 66 -8.41 2.84 10.80
CA GLU A 66 -9.86 3.23 10.87
C GLU A 66 -10.37 3.63 9.47
N ILE A 67 -11.47 4.33 9.41
CA ILE A 67 -12.05 4.76 8.09
C ILE A 67 -12.07 6.29 7.99
N MET A 68 -12.15 6.81 6.79
CA MET A 68 -12.16 8.29 6.60
C MET A 68 -13.62 8.81 6.50
N PRO A 69 -13.97 9.75 7.36
CA PRO A 69 -15.35 10.31 7.32
C PRO A 69 -15.56 11.12 6.03
N LYS A 70 -16.62 11.88 5.96
CA LYS A 70 -16.89 12.70 4.73
C LYS A 70 -16.22 14.07 4.86
N ASN A 71 -15.74 14.60 3.76
CA ASN A 71 -15.06 15.94 3.80
C ASN A 71 -15.99 17.01 3.24
N GLY A 72 -16.06 18.15 3.89
CA GLY A 72 -16.94 19.25 3.41
C GLY A 72 -16.42 20.59 3.92
N THR A 73 -17.22 21.30 4.66
CA THR A 73 -16.79 22.64 5.21
C THR A 73 -15.64 22.44 6.21
N LYS A 74 -15.69 21.38 6.99
CA LYS A 74 -14.61 21.13 7.99
C LYS A 74 -13.57 20.17 7.40
N SER A 75 -12.33 20.31 7.81
CA SER A 75 -11.25 19.42 7.28
C SER A 75 -11.02 18.23 8.23
N PRO A 76 -10.51 17.14 7.69
CA PRO A 76 -10.25 15.94 8.53
C PRO A 76 -9.12 16.21 9.52
N SER A 77 -9.10 15.51 10.63
CA SER A 77 -8.02 15.71 11.63
C SER A 77 -7.04 14.53 11.59
N THR A 78 -5.76 14.82 11.65
CA THR A 78 -4.74 13.72 11.59
C THR A 78 -4.75 12.91 12.89
N ASN A 79 -4.99 13.57 14.00
CA ASN A 79 -5.00 12.86 15.32
C ASN A 79 -6.38 13.00 15.98
N SER A 80 -7.11 11.90 16.09
CA SER A 80 -8.45 11.95 16.76
C SER A 80 -8.51 10.91 17.88
N THR A 81 -9.13 11.25 18.98
CA THR A 81 -9.23 10.29 20.12
C THR A 81 -10.68 10.25 20.64
N LYS A 82 -11.21 9.07 20.84
CA LYS A 82 -12.62 8.93 21.40
C LYS A 82 -13.62 9.75 20.57
N LEU A 83 -13.48 9.74 19.27
CA LEU A 83 -14.42 10.51 18.40
C LEU A 83 -15.52 9.60 17.86
N LYS A 84 -16.76 9.92 18.15
CA LYS A 84 -17.90 9.09 17.64
C LYS A 84 -19.07 9.98 17.26
N SER A 85 -19.72 9.69 16.16
CA SER A 85 -20.90 10.53 15.73
C SER A 85 -22.05 10.39 16.72
N ALA A 86 -22.20 9.24 17.32
CA ALA A 86 -23.29 9.03 18.32
C ALA A 86 -23.03 9.87 19.58
N GLU A 87 -21.78 10.04 19.93
CA GLU A 87 -21.44 10.84 21.15
C GLU A 87 -20.91 12.23 20.75
N THR A 88 -20.57 13.04 21.72
CA THR A 88 -20.09 14.45 21.45
C THR A 88 -21.21 15.29 20.81
N TYR A 89 -21.59 14.99 19.59
CA TYR A 89 -22.65 15.78 18.91
C TYR A 89 -23.59 14.85 18.11
N SER A 90 -24.75 15.33 17.76
CA SER A 90 -25.71 14.48 16.98
C SER A 90 -26.47 15.35 15.96
N SER A 91 -26.90 14.76 14.88
CA SER A 91 -27.65 15.52 13.84
C SER A 91 -29.11 15.08 13.81
N LYS A 92 -30.02 16.00 13.53
CA LYS A 92 -31.47 15.65 13.49
C LYS A 92 -31.93 15.47 12.04
N ASN A 93 -31.41 16.26 11.14
CA ASN A 93 -31.82 16.16 9.70
C ASN A 93 -31.42 14.81 9.12
N LYS A 94 -30.30 14.28 9.54
CA LYS A 94 -29.83 12.96 9.01
C LYS A 94 -30.24 11.83 9.98
N TRP A 95 -30.72 10.74 9.45
CA TRP A 95 -31.13 9.58 10.31
C TRP A 95 -30.36 8.32 9.91
N SER A 96 -29.28 8.03 10.58
CA SER A 96 -28.46 6.84 10.23
C SER A 96 -28.95 5.60 11.00
N MET A 97 -29.44 5.79 12.20
CA MET A 97 -29.91 4.63 13.02
C MET A 97 -31.39 4.79 13.37
N ASP A 98 -32.09 3.70 13.52
CA ASP A 98 -33.54 3.78 13.87
C ASP A 98 -33.72 3.66 15.38
N CYS A 99 -34.52 4.53 15.96
CA CYS A 99 -34.75 4.47 17.44
C CYS A 99 -36.04 5.22 17.81
N ASP A 100 -37.02 5.18 16.95
CA ASP A 100 -38.31 5.90 17.23
C ASP A 100 -39.49 5.00 16.86
N GLU A 101 -40.46 4.90 17.74
CA GLU A 101 -41.66 4.05 17.45
C GLU A 101 -42.89 4.94 17.25
N GLU A 102 -43.78 4.55 16.36
CA GLU A 102 -45.01 5.35 16.11
C GLU A 102 -46.21 4.72 16.81
N PHE A 103 -47.22 5.51 17.13
CA PHE A 103 -48.42 4.96 17.82
C PHE A 103 -49.58 4.80 16.83
N ASP A 104 -50.17 3.63 16.77
CA ASP A 104 -51.31 3.40 15.85
C ASP A 104 -52.50 2.80 16.60
N PHE A 105 -52.25 1.91 17.53
CA PHE A 105 -53.36 1.31 18.33
C PHE A 105 -53.46 2.00 19.69
N ALA A 106 -54.64 2.40 20.07
CA ALA A 106 -54.82 3.09 21.40
C ALA A 106 -54.57 2.11 22.55
N ALA A 107 -54.89 0.85 22.36
CA ALA A 107 -54.71 -0.16 23.45
C ALA A 107 -53.48 -1.03 23.16
N ASN A 108 -53.14 -1.91 24.07
CA ASN A 108 -51.95 -2.82 23.89
C ASN A 108 -50.68 -2.01 23.60
N LEU A 109 -50.56 -0.85 24.21
CA LEU A 109 -49.32 -0.03 24.04
C LEU A 109 -48.31 -0.34 25.13
N GLU A 110 -48.70 -0.17 26.38
CA GLU A 110 -47.77 -0.47 27.52
C GLU A 110 -47.49 -1.98 27.60
N LYS A 111 -48.46 -2.79 27.25
CA LYS A 111 -48.26 -4.27 27.31
C LYS A 111 -47.62 -4.77 26.02
N PHE A 112 -46.67 -5.68 26.12
CA PHE A 112 -45.97 -6.21 24.91
C PHE A 112 -46.15 -7.72 24.81
N ASP A 113 -45.92 -8.28 23.64
CA ASP A 113 -46.05 -9.76 23.44
C ASP A 113 -47.43 -10.27 23.91
N LYS A 114 -48.45 -9.48 23.68
CA LYS A 114 -49.83 -9.90 24.10
C LYS A 114 -50.37 -10.97 23.14
N LYS A 115 -50.34 -10.69 21.86
CA LYS A 115 -50.85 -11.67 20.84
C LYS A 115 -49.70 -12.44 20.22
N GLN A 116 -49.88 -13.72 19.98
CA GLN A 116 -48.80 -14.55 19.37
C GLN A 116 -49.38 -15.49 18.31
N VAL A 117 -48.54 -16.06 17.49
CA VAL A 117 -49.03 -17.01 16.44
C VAL A 117 -48.82 -18.46 16.91
N PHE A 118 -49.76 -19.33 16.63
CA PHE A 118 -49.64 -20.75 17.08
C PHE A 118 -49.03 -21.62 15.97
N ALA A 119 -48.02 -22.38 16.28
CA ALA A 119 -47.39 -23.26 15.25
C ALA A 119 -46.76 -24.48 15.92
N GLU A 120 -46.46 -25.51 15.17
CA GLU A 120 -45.84 -26.74 15.76
C GLU A 120 -44.31 -26.61 15.73
N PHE A 121 -43.69 -26.70 16.89
CA PHE A 121 -42.20 -26.58 16.96
C PHE A 121 -41.58 -27.92 17.37
N ARG A 122 -40.53 -28.32 16.69
CA ARG A 122 -39.85 -29.62 17.03
C ARG A 122 -39.21 -29.52 18.43
N GLU A 123 -38.69 -28.37 18.78
CA GLU A 123 -38.01 -28.17 20.10
C GLU A 123 -36.86 -29.19 20.29
N LYS A 124 -37.16 -30.39 20.76
CA LYS A 124 -36.09 -31.40 20.98
C LYS A 124 -36.25 -32.57 20.00
N ASP A 125 -35.17 -33.14 19.56
CA ASP A 125 -35.25 -34.28 18.60
C ASP A 125 -35.09 -35.61 19.33
N GLY A 1 -4.82 17.74 -13.28
CA GLY A 1 -3.35 17.74 -13.54
C GLY A 1 -2.71 18.98 -12.88
N ALA A 2 -1.97 18.79 -11.81
CA ALA A 2 -1.31 19.93 -11.10
C ALA A 2 -2.34 21.03 -10.75
N MET A 3 -3.56 20.64 -10.49
CA MET A 3 -4.62 21.65 -10.15
C MET A 3 -4.27 22.38 -8.84
N GLY A 4 -3.67 21.69 -7.91
CA GLY A 4 -3.29 22.32 -6.62
C GLY A 4 -2.15 21.54 -5.97
N MET A 5 -2.26 20.24 -5.93
CA MET A 5 -1.19 19.40 -5.31
C MET A 5 -0.27 18.84 -6.40
N SER A 6 0.70 18.04 -6.03
CA SER A 6 1.66 17.48 -7.02
C SER A 6 1.41 15.97 -7.21
N VAL A 7 1.73 15.45 -8.36
CA VAL A 7 1.53 13.99 -8.62
C VAL A 7 2.46 13.15 -7.72
N ALA A 8 3.60 13.68 -7.36
CA ALA A 8 4.57 12.92 -6.51
C ALA A 8 3.94 12.58 -5.15
N ASP A 9 3.03 13.40 -4.68
CA ASP A 9 2.33 13.11 -3.38
C ASP A 9 1.50 11.83 -3.50
N PHE A 10 0.87 11.62 -4.63
CA PHE A 10 0.05 10.38 -4.83
C PHE A 10 0.97 9.17 -5.11
N TYR A 11 2.15 9.41 -5.63
CA TYR A 11 3.10 8.28 -5.90
C TYR A 11 3.44 7.54 -4.61
N GLY A 12 3.30 6.23 -4.61
CA GLY A 12 3.61 5.43 -3.38
C GLY A 12 2.38 5.33 -2.48
N SER A 13 1.25 5.88 -2.88
CA SER A 13 0.02 5.80 -2.03
C SER A 13 -0.75 4.51 -2.36
N ASN A 14 -1.43 3.95 -1.39
CA ASN A 14 -2.22 2.71 -1.65
C ASN A 14 -3.68 3.07 -1.96
N VAL A 15 -4.12 2.81 -3.16
CA VAL A 15 -5.54 3.10 -3.53
C VAL A 15 -6.17 1.87 -4.19
N GLU A 16 -7.47 1.78 -4.22
CA GLU A 16 -8.14 0.68 -4.98
C GLU A 16 -9.01 1.27 -6.08
N VAL A 17 -9.11 0.61 -7.19
CA VAL A 17 -9.97 1.12 -8.31
C VAL A 17 -10.84 0.00 -8.86
N LEU A 18 -12.06 0.29 -9.22
CA LEU A 18 -12.85 -0.70 -10.01
C LEU A 18 -12.67 -0.43 -11.49
N LEU A 19 -12.47 -1.46 -12.27
CA LEU A 19 -12.39 -1.26 -13.74
C LEU A 19 -13.80 -1.32 -14.34
N ASN A 20 -13.92 -1.06 -15.63
CA ASN A 20 -15.26 -1.00 -16.28
C ASN A 20 -16.04 -2.31 -16.10
N ASN A 21 -15.37 -3.39 -15.82
CA ASN A 21 -16.07 -4.71 -15.65
C ASN A 21 -16.41 -4.98 -14.17
N ASP A 22 -16.50 -3.95 -13.36
CA ASP A 22 -16.94 -4.12 -11.93
C ASP A 22 -16.00 -5.08 -11.19
N SER A 23 -14.76 -5.18 -11.63
CA SER A 23 -13.74 -5.93 -10.84
C SER A 23 -12.87 -4.93 -10.07
N LYS A 24 -12.46 -5.29 -8.88
CA LYS A 24 -11.72 -4.30 -8.03
C LYS A 24 -10.24 -4.71 -7.90
N ALA A 25 -9.36 -3.74 -7.86
CA ALA A 25 -7.91 -4.03 -7.62
C ALA A 25 -7.30 -2.95 -6.73
N ARG A 26 -6.40 -3.32 -5.84
CA ARG A 26 -5.80 -2.32 -4.90
C ARG A 26 -4.29 -2.55 -4.78
N GLY A 27 -3.54 -1.49 -4.63
CA GLY A 27 -2.06 -1.62 -4.50
C GLY A 27 -1.43 -0.23 -4.39
N VAL A 28 -0.12 -0.15 -4.42
CA VAL A 28 0.57 1.17 -4.28
C VAL A 28 0.82 1.78 -5.66
N ILE A 29 0.53 3.04 -5.83
CA ILE A 29 0.76 3.70 -7.15
C ILE A 29 2.26 3.96 -7.36
N THR A 30 2.74 3.75 -8.56
CA THR A 30 4.20 3.96 -8.84
C THR A 30 4.41 4.93 -10.01
N ASN A 31 3.58 4.88 -11.02
CA ASN A 31 3.85 5.71 -12.25
C ASN A 31 2.56 6.37 -12.75
N PHE A 32 2.70 7.54 -13.33
CA PHE A 32 1.54 8.21 -13.99
C PHE A 32 2.03 9.06 -15.16
N ASP A 33 1.44 8.91 -16.32
CA ASP A 33 1.92 9.64 -17.53
C ASP A 33 0.78 10.49 -18.11
N SER A 34 1.00 11.78 -18.22
CA SER A 34 -0.07 12.68 -18.76
C SER A 34 -0.27 12.45 -20.26
N SER A 35 0.76 11.99 -20.96
CA SER A 35 0.65 11.81 -22.44
C SER A 35 -0.46 10.81 -22.79
N ASN A 36 -0.48 9.66 -22.16
CA ASN A 36 -1.55 8.65 -22.43
C ASN A 36 -2.30 8.26 -21.15
N SER A 37 -2.08 8.97 -20.06
CA SER A 37 -2.76 8.63 -18.76
C SER A 37 -2.58 7.15 -18.41
N ILE A 38 -1.36 6.74 -18.13
CA ILE A 38 -1.09 5.30 -17.80
C ILE A 38 -0.62 5.18 -16.35
N LEU A 39 -1.17 4.24 -15.61
CA LEU A 39 -0.86 4.13 -14.15
C LEU A 39 -0.34 2.73 -13.82
N GLN A 40 0.82 2.66 -13.21
CA GLN A 40 1.33 1.34 -12.74
C GLN A 40 1.11 1.20 -11.23
N LEU A 41 0.53 0.10 -10.81
CA LEU A 41 0.31 -0.13 -9.35
C LEU A 41 1.21 -1.26 -8.86
N ARG A 42 2.08 -0.97 -7.92
CA ARG A 42 2.95 -2.03 -7.34
C ARG A 42 2.35 -2.57 -6.04
N LEU A 43 2.12 -3.86 -5.97
CA LEU A 43 1.41 -4.44 -4.80
C LEU A 43 2.40 -5.08 -3.82
N ALA A 44 2.10 -5.02 -2.55
CA ALA A 44 3.07 -5.52 -1.50
C ALA A 44 3.29 -7.03 -1.62
N ASN A 45 2.51 -7.73 -2.41
CA ASN A 45 2.74 -9.19 -2.62
C ASN A 45 3.77 -9.44 -3.75
N ASP A 46 4.73 -8.55 -3.94
CA ASP A 46 5.80 -8.76 -4.98
C ASP A 46 5.17 -8.85 -6.37
N SER A 47 4.03 -8.24 -6.59
CA SER A 47 3.40 -8.26 -7.94
C SER A 47 3.27 -6.83 -8.48
N THR A 48 3.51 -6.64 -9.75
CA THR A 48 3.40 -5.27 -10.36
C THR A 48 2.54 -5.32 -11.62
N LYS A 49 1.76 -4.29 -11.86
CA LYS A 49 0.86 -4.29 -13.05
C LYS A 49 0.75 -2.88 -13.64
N SER A 50 0.71 -2.78 -14.95
CA SER A 50 0.53 -1.45 -15.61
C SER A 50 -0.86 -1.37 -16.25
N ILE A 51 -1.67 -0.45 -15.81
CA ILE A 51 -3.06 -0.34 -16.36
C ILE A 51 -3.34 1.09 -16.80
N VAL A 52 -3.86 1.27 -17.99
CA VAL A 52 -4.19 2.66 -18.46
C VAL A 52 -5.41 3.18 -17.69
N THR A 53 -5.37 4.42 -17.28
CA THR A 53 -6.46 4.96 -16.39
C THR A 53 -7.81 4.96 -17.10
N LYS A 54 -7.83 4.99 -18.41
CA LYS A 54 -9.13 5.08 -19.16
C LYS A 54 -10.04 3.90 -18.81
N ASP A 55 -9.47 2.79 -18.39
CA ASP A 55 -10.32 1.64 -17.94
C ASP A 55 -10.66 1.74 -16.44
N ILE A 56 -10.39 2.87 -15.81
CA ILE A 56 -10.86 3.05 -14.40
C ILE A 56 -12.35 3.38 -14.37
N LYS A 57 -13.15 2.49 -13.85
CA LYS A 57 -14.60 2.81 -13.64
C LYS A 57 -14.76 3.63 -12.35
N ASP A 58 -14.02 3.30 -11.32
CA ASP A 58 -14.20 4.00 -10.00
C ASP A 58 -12.91 3.97 -9.19
N LEU A 59 -12.70 4.97 -8.35
CA LEU A 59 -11.42 5.05 -7.58
C LEU A 59 -11.70 5.27 -6.08
N ARG A 60 -10.89 4.69 -5.23
CA ARG A 60 -10.99 4.98 -3.76
C ARG A 60 -9.61 4.88 -3.11
N ILE A 61 -9.43 5.49 -1.98
CA ILE A 61 -8.14 5.34 -1.24
C ILE A 61 -8.39 4.58 0.08
N LEU A 62 -7.61 3.56 0.34
CA LEU A 62 -7.87 2.70 1.54
C LEU A 62 -7.38 3.42 2.82
N PRO A 63 -7.97 3.07 3.94
CA PRO A 63 -7.57 3.70 5.24
C PRO A 63 -6.09 3.40 5.55
N LYS A 64 -5.39 4.36 6.12
CA LYS A 64 -3.95 4.16 6.45
C LYS A 64 -3.80 3.80 7.92
N ASN A 65 -4.11 4.71 8.81
CA ASN A 65 -3.94 4.46 10.27
C ASN A 65 -5.11 3.64 10.83
N GLU A 66 -6.27 3.74 10.22
CA GLU A 66 -7.47 2.98 10.73
C GLU A 66 -7.22 1.47 10.66
N ILE A 67 -6.45 1.02 9.70
CA ILE A 67 -6.16 -0.44 9.58
C ILE A 67 -4.73 -0.73 10.08
N MET A 68 -4.58 -1.75 10.88
CA MET A 68 -3.23 -2.09 11.43
C MET A 68 -2.60 -3.24 10.65
N PRO A 69 -1.47 -2.99 9.99
CA PRO A 69 -0.78 -4.07 9.23
C PRO A 69 -0.30 -5.18 10.17
N LYS A 70 -0.36 -6.41 9.74
CA LYS A 70 0.11 -7.55 10.60
C LYS A 70 1.61 -7.44 10.87
N ASN A 71 2.36 -6.93 9.91
CA ASN A 71 3.84 -6.80 10.09
C ASN A 71 4.32 -5.44 9.57
N GLY A 72 5.61 -5.24 9.52
CA GLY A 72 6.17 -3.94 9.04
C GLY A 72 6.37 -3.00 10.23
N THR A 73 6.57 -1.73 9.97
CA THR A 73 6.80 -0.76 11.08
C THR A 73 5.68 0.28 11.11
N LYS A 74 5.23 0.65 12.29
CA LYS A 74 4.12 1.66 12.40
C LYS A 74 4.70 3.03 12.75
N SER A 75 4.14 4.07 12.19
CA SER A 75 4.63 5.45 12.50
C SER A 75 3.45 6.43 12.55
N PRO A 76 3.60 7.50 13.33
CA PRO A 76 2.52 8.51 13.44
C PRO A 76 2.37 9.28 12.14
N SER A 77 1.16 9.67 11.79
CA SER A 77 0.94 10.45 10.54
C SER A 77 0.05 11.67 10.83
N THR A 78 0.48 12.84 10.42
CA THR A 78 -0.33 14.07 10.64
C THR A 78 -0.13 15.06 9.49
N ASN A 79 0.12 14.58 8.31
CA ASN A 79 0.34 15.49 7.14
C ASN A 79 -0.70 15.23 6.05
N SER A 80 -1.90 14.87 6.44
CA SER A 80 -2.98 14.61 5.43
C SER A 80 -4.03 15.71 5.48
N THR A 81 -4.65 16.00 4.36
CA THR A 81 -5.70 17.07 4.33
C THR A 81 -7.00 16.51 3.73
N LYS A 82 -8.12 16.89 4.30
CA LYS A 82 -9.44 16.39 3.78
C LYS A 82 -10.30 17.58 3.35
N LEU A 83 -11.09 17.41 2.31
CA LEU A 83 -11.97 18.52 1.83
C LEU A 83 -13.39 18.33 2.38
N LYS A 84 -13.85 19.27 3.18
CA LYS A 84 -15.23 19.15 3.75
C LYS A 84 -15.92 20.52 3.76
N SER A 85 -17.23 20.53 3.81
CA SER A 85 -17.97 21.84 3.83
C SER A 85 -17.63 22.63 5.09
N ALA A 86 -17.38 21.95 6.18
CA ALA A 86 -17.02 22.66 7.46
C ALA A 86 -15.66 23.35 7.32
N GLU A 87 -14.77 22.78 6.55
CA GLU A 87 -13.43 23.39 6.35
C GLU A 87 -13.38 24.15 5.02
N THR A 88 -12.56 25.17 4.94
CA THR A 88 -12.41 25.98 3.68
C THR A 88 -13.78 26.31 3.05
N TYR A 89 -14.44 27.34 3.54
CA TYR A 89 -15.79 27.71 3.00
C TYR A 89 -15.67 28.18 1.55
N SER A 90 -14.63 28.92 1.24
CA SER A 90 -14.46 29.44 -0.15
C SER A 90 -13.21 28.83 -0.80
N SER A 91 -13.29 28.48 -2.06
CA SER A 91 -12.11 27.89 -2.76
C SER A 91 -11.27 29.01 -3.39
N LYS A 92 -11.88 30.12 -3.75
CA LYS A 92 -11.11 31.25 -4.37
C LYS A 92 -10.03 31.78 -3.41
N ASN A 93 -10.26 31.66 -2.12
CA ASN A 93 -9.25 32.14 -1.10
C ASN A 93 -8.88 33.61 -1.35
N LYS A 94 -9.86 34.46 -1.50
CA LYS A 94 -9.59 35.91 -1.76
C LYS A 94 -8.80 36.54 -0.60
N TRP A 95 -9.02 36.05 0.60
CA TRP A 95 -8.31 36.61 1.79
C TRP A 95 -6.93 35.95 1.96
N SER A 96 -5.98 36.66 2.53
CA SER A 96 -4.61 36.10 2.77
C SER A 96 -4.03 35.45 1.51
N MET A 97 -3.99 36.19 0.42
CA MET A 97 -3.40 35.65 -0.84
C MET A 97 -1.91 35.97 -0.91
N ASP A 98 -1.57 37.24 -1.02
CA ASP A 98 -0.13 37.64 -1.11
C ASP A 98 0.29 38.33 0.19
N CYS A 99 1.42 37.94 0.75
CA CYS A 99 1.92 38.58 2.00
C CYS A 99 3.42 38.89 1.88
N ASP A 100 3.79 40.14 1.89
CA ASP A 100 5.22 40.52 1.77
C ASP A 100 5.81 40.78 3.17
N GLU A 101 6.61 39.86 3.66
CA GLU A 101 7.24 40.06 5.01
C GLU A 101 8.73 39.72 4.94
N GLU A 102 9.54 40.42 5.70
CA GLU A 102 11.01 40.14 5.71
C GLU A 102 11.48 39.80 7.13
N PHE A 103 12.17 38.69 7.29
CA PHE A 103 12.66 38.30 8.65
C PHE A 103 14.18 38.39 8.70
N ASP A 104 14.71 39.06 9.70
CA ASP A 104 16.19 39.19 9.82
C ASP A 104 16.71 38.24 10.91
N PHE A 105 17.95 37.82 10.80
CA PHE A 105 18.54 36.91 11.83
C PHE A 105 19.45 37.69 12.78
N ALA A 106 19.28 37.51 14.06
CA ALA A 106 20.13 38.25 15.05
C ALA A 106 21.18 37.32 15.65
N ALA A 107 22.36 37.83 15.92
CA ALA A 107 23.43 36.98 16.52
C ALA A 107 24.20 37.79 17.58
N ASN A 108 24.77 38.90 17.20
CA ASN A 108 25.53 39.74 18.18
C ASN A 108 24.59 40.32 19.23
N LEU A 109 23.38 40.65 18.84
CA LEU A 109 22.39 41.22 19.80
C LEU A 109 21.42 40.13 20.27
N GLU A 110 21.04 40.16 21.53
CA GLU A 110 20.09 39.13 22.05
C GLU A 110 18.72 39.76 22.29
N LYS A 111 17.67 38.97 22.21
CA LYS A 111 16.29 39.52 22.43
C LYS A 111 15.90 39.38 23.90
N PHE A 112 15.30 40.40 24.46
CA PHE A 112 14.90 40.35 25.90
C PHE A 112 13.38 40.15 26.01
N ASP A 113 12.95 39.25 26.85
CA ASP A 113 11.49 39.01 27.04
C ASP A 113 11.18 38.72 28.51
N LYS A 114 11.94 37.86 29.13
CA LYS A 114 11.71 37.54 30.57
C LYS A 114 12.44 38.55 31.46
N LYS A 115 11.96 38.75 32.66
CA LYS A 115 12.60 39.75 33.59
C LYS A 115 14.07 39.36 33.86
N GLN A 116 14.35 38.08 33.90
CA GLN A 116 15.76 37.59 34.16
C GLN A 116 16.28 38.12 35.50
N VAL A 117 17.38 37.58 35.98
CA VAL A 117 17.97 38.05 37.26
C VAL A 117 19.43 38.45 37.05
N PHE A 118 19.88 39.47 37.74
CA PHE A 118 21.27 39.99 37.54
C PHE A 118 22.32 38.93 37.93
N ALA A 119 22.01 38.11 38.90
CA ALA A 119 23.00 37.08 39.37
C ALA A 119 23.39 36.13 38.23
N GLU A 120 22.49 35.90 37.31
CA GLU A 120 22.81 35.00 36.15
C GLU A 120 22.68 35.76 34.83
N PHE A 121 23.56 35.49 33.89
CA PHE A 121 23.51 36.18 32.57
C PHE A 121 23.97 35.25 31.45
N ARG A 122 23.59 35.54 30.23
CA ARG A 122 24.00 34.68 29.08
C ARG A 122 24.38 35.55 27.88
N GLU A 123 24.92 36.73 28.13
CA GLU A 123 25.31 37.63 27.00
C GLU A 123 26.47 37.02 26.21
N LYS A 124 27.35 36.33 26.86
CA LYS A 124 28.51 35.70 26.15
C LYS A 124 28.69 34.26 26.62
N ASP A 125 28.85 33.34 25.69
CA ASP A 125 29.04 31.90 26.06
C ASP A 125 30.41 31.41 25.59
N GLY A 1 1.41 27.73 -11.00
CA GLY A 1 0.08 27.20 -10.57
C GLY A 1 0.01 27.20 -9.04
N ALA A 2 -1.06 27.72 -8.48
CA ALA A 2 -1.21 27.75 -7.00
C ALA A 2 -2.18 26.67 -6.53
N MET A 3 -2.21 25.55 -7.22
CA MET A 3 -3.15 24.45 -6.82
C MET A 3 -2.75 23.88 -5.46
N GLY A 4 -1.47 23.83 -5.18
CA GLY A 4 -1.00 23.31 -3.86
C GLY A 4 -1.06 21.77 -3.86
N MET A 5 -0.82 21.16 -5.00
CA MET A 5 -0.84 19.66 -5.08
C MET A 5 0.39 19.16 -5.83
N SER A 6 0.92 18.02 -5.44
CA SER A 6 2.12 17.46 -6.13
C SER A 6 1.87 16.01 -6.54
N VAL A 7 2.48 15.58 -7.61
CA VAL A 7 2.29 14.16 -8.07
C VAL A 7 2.93 13.19 -7.07
N ALA A 8 3.98 13.61 -6.40
CA ALA A 8 4.66 12.72 -5.41
C ALA A 8 3.70 12.31 -4.28
N ASP A 9 2.73 13.15 -3.98
CA ASP A 9 1.74 12.81 -2.91
C ASP A 9 0.93 11.58 -3.30
N PHE A 10 0.55 11.47 -4.55
CA PHE A 10 -0.24 10.27 -5.00
C PHE A 10 0.70 9.10 -5.31
N TYR A 11 1.91 9.39 -5.74
CA TYR A 11 2.90 8.30 -6.03
C TYR A 11 3.30 7.58 -4.73
N GLY A 12 3.28 6.27 -4.73
CA GLY A 12 3.61 5.52 -3.50
C GLY A 12 2.36 5.38 -2.61
N SER A 13 1.24 5.92 -3.01
CA SER A 13 -0.01 5.83 -2.18
C SER A 13 -0.75 4.53 -2.51
N ASN A 14 -1.35 3.91 -1.52
CA ASN A 14 -2.15 2.67 -1.78
C ASN A 14 -3.61 3.04 -2.03
N VAL A 15 -4.10 2.80 -3.22
CA VAL A 15 -5.52 3.10 -3.53
C VAL A 15 -6.18 1.89 -4.20
N GLU A 16 -7.48 1.84 -4.22
CA GLU A 16 -8.18 0.75 -4.97
C GLU A 16 -9.04 1.37 -6.08
N VAL A 17 -9.16 0.68 -7.19
CA VAL A 17 -10.04 1.20 -8.28
C VAL A 17 -10.91 0.06 -8.81
N LEU A 18 -12.14 0.35 -9.17
CA LEU A 18 -12.92 -0.67 -9.93
C LEU A 18 -12.83 -0.37 -11.42
N LEU A 19 -12.63 -1.39 -12.21
CA LEU A 19 -12.59 -1.18 -13.69
C LEU A 19 -14.01 -1.14 -14.26
N ASN A 20 -14.14 -0.91 -15.54
CA ASN A 20 -15.49 -0.80 -16.18
C ASN A 20 -16.32 -2.07 -15.96
N ASN A 21 -15.68 -3.18 -15.69
CA ASN A 21 -16.44 -4.47 -15.56
C ASN A 21 -16.60 -4.86 -14.07
N ASP A 22 -16.62 -3.90 -13.17
CA ASP A 22 -16.94 -4.19 -11.72
C ASP A 22 -15.95 -5.20 -11.14
N SER A 23 -14.75 -5.27 -11.68
CA SER A 23 -13.67 -6.05 -11.02
C SER A 23 -12.80 -5.09 -10.21
N LYS A 24 -12.49 -5.44 -8.98
CA LYS A 24 -11.82 -4.45 -8.07
C LYS A 24 -10.36 -4.88 -7.81
N ALA A 25 -9.46 -3.93 -7.84
CA ALA A 25 -8.03 -4.23 -7.50
C ALA A 25 -7.43 -3.07 -6.72
N ARG A 26 -6.48 -3.36 -5.85
CA ARG A 26 -5.85 -2.28 -5.03
C ARG A 26 -4.34 -2.50 -4.88
N GLY A 27 -3.58 -1.45 -4.76
CA GLY A 27 -2.09 -1.60 -4.59
C GLY A 27 -1.46 -0.20 -4.49
N VAL A 28 -0.16 -0.14 -4.48
CA VAL A 28 0.53 1.19 -4.33
C VAL A 28 0.80 1.79 -5.72
N ILE A 29 0.60 3.07 -5.87
CA ILE A 29 0.82 3.72 -7.21
C ILE A 29 2.32 3.96 -7.43
N THR A 30 2.79 3.74 -8.64
CA THR A 30 4.25 3.95 -8.93
C THR A 30 4.46 4.91 -10.10
N ASN A 31 3.61 4.88 -11.10
CA ASN A 31 3.87 5.70 -12.33
C ASN A 31 2.58 6.36 -12.83
N PHE A 32 2.70 7.52 -13.43
CA PHE A 32 1.53 8.17 -14.09
C PHE A 32 2.02 9.01 -15.28
N ASP A 33 1.39 8.84 -16.42
CA ASP A 33 1.86 9.55 -17.65
C ASP A 33 0.73 10.42 -18.22
N SER A 34 0.96 11.69 -18.37
CA SER A 34 -0.11 12.60 -18.87
C SER A 34 -0.35 12.41 -20.37
N SER A 35 0.68 12.01 -21.09
CA SER A 35 0.53 11.87 -22.58
C SER A 35 -0.49 10.77 -22.94
N ASN A 36 -0.44 9.66 -22.25
CA ASN A 36 -1.40 8.55 -22.55
C ASN A 36 -2.20 8.14 -21.29
N SER A 37 -2.03 8.85 -20.19
CA SER A 37 -2.77 8.50 -18.92
C SER A 37 -2.57 7.01 -18.57
N ILE A 38 -1.37 6.64 -18.23
CA ILE A 38 -1.09 5.21 -17.87
C ILE A 38 -0.61 5.12 -16.42
N LEU A 39 -1.14 4.19 -15.67
CA LEU A 39 -0.82 4.11 -14.21
C LEU A 39 -0.29 2.72 -13.86
N GLN A 40 0.88 2.65 -13.29
CA GLN A 40 1.42 1.34 -12.81
C GLN A 40 1.16 1.20 -11.32
N LEU A 41 0.57 0.09 -10.92
CA LEU A 41 0.32 -0.14 -9.46
C LEU A 41 1.22 -1.27 -8.95
N ARG A 42 2.06 -0.98 -7.98
CA ARG A 42 2.92 -2.04 -7.39
C ARG A 42 2.29 -2.55 -6.08
N LEU A 43 2.07 -3.84 -5.99
CA LEU A 43 1.35 -4.40 -4.81
C LEU A 43 2.32 -5.03 -3.82
N ALA A 44 2.01 -5.00 -2.55
CA ALA A 44 2.95 -5.47 -1.48
C ALA A 44 3.25 -6.97 -1.61
N ASN A 45 2.54 -7.69 -2.46
CA ASN A 45 2.84 -9.14 -2.66
C ASN A 45 3.94 -9.32 -3.73
N ASP A 46 4.86 -8.37 -3.87
CA ASP A 46 5.99 -8.52 -4.85
C ASP A 46 5.45 -8.64 -6.28
N SER A 47 4.29 -8.07 -6.55
CA SER A 47 3.73 -8.14 -7.94
C SER A 47 3.50 -6.72 -8.48
N THR A 48 3.82 -6.49 -9.72
CA THR A 48 3.63 -5.13 -10.32
C THR A 48 2.92 -5.24 -11.68
N LYS A 49 2.00 -4.35 -11.95
CA LYS A 49 1.24 -4.42 -13.23
C LYS A 49 0.96 -3.01 -13.77
N SER A 50 1.03 -2.83 -15.06
CA SER A 50 0.73 -1.50 -15.66
C SER A 50 -0.71 -1.46 -16.19
N ILE A 51 -1.49 -0.50 -15.76
CA ILE A 51 -2.91 -0.41 -16.22
C ILE A 51 -3.19 1.01 -16.73
N VAL A 52 -3.82 1.13 -17.87
CA VAL A 52 -4.16 2.49 -18.40
C VAL A 52 -5.38 3.02 -17.65
N THR A 53 -5.36 4.28 -17.29
CA THR A 53 -6.45 4.84 -16.42
C THR A 53 -7.80 4.82 -17.14
N LYS A 54 -7.81 4.82 -18.44
CA LYS A 54 -9.10 4.91 -19.19
C LYS A 54 -10.04 3.75 -18.81
N ASP A 55 -9.49 2.65 -18.36
CA ASP A 55 -10.36 1.52 -17.88
C ASP A 55 -10.74 1.70 -16.40
N ILE A 56 -10.43 2.83 -15.79
CA ILE A 56 -10.89 3.08 -14.39
C ILE A 56 -12.38 3.49 -14.40
N LYS A 57 -13.23 2.66 -13.86
CA LYS A 57 -14.66 3.09 -13.67
C LYS A 57 -14.82 3.85 -12.35
N ASP A 58 -14.11 3.44 -11.32
CA ASP A 58 -14.30 4.09 -9.97
C ASP A 58 -13.01 4.05 -9.16
N LEU A 59 -12.76 5.05 -8.36
CA LEU A 59 -11.47 5.13 -7.60
C LEU A 59 -11.74 5.37 -6.11
N ARG A 60 -10.94 4.78 -5.25
CA ARG A 60 -11.01 5.11 -3.79
C ARG A 60 -9.61 5.01 -3.16
N ILE A 61 -9.40 5.65 -2.04
CA ILE A 61 -8.08 5.51 -1.33
C ILE A 61 -8.30 4.78 0.00
N LEU A 62 -7.51 3.77 0.27
CA LEU A 62 -7.75 2.92 1.48
C LEU A 62 -6.98 3.49 2.69
N PRO A 63 -7.51 3.28 3.88
CA PRO A 63 -6.83 3.78 5.11
C PRO A 63 -5.56 2.96 5.38
N LYS A 64 -5.68 1.64 5.38
CA LYS A 64 -4.48 0.76 5.62
C LYS A 64 -3.75 1.16 6.92
N ASN A 65 -4.14 0.57 8.03
CA ASN A 65 -3.48 0.89 9.33
C ASN A 65 -3.36 -0.38 10.19
N GLU A 66 -2.61 -0.30 11.28
CA GLU A 66 -2.46 -1.49 12.17
C GLU A 66 -2.59 -1.08 13.63
N ILE A 67 -3.21 -1.90 14.44
CA ILE A 67 -3.36 -1.59 15.89
C ILE A 67 -2.93 -2.79 16.74
N MET A 68 -2.22 -2.55 17.82
CA MET A 68 -1.77 -3.67 18.71
C MET A 68 -2.45 -3.56 20.09
N PRO A 69 -2.59 -4.69 20.76
CA PRO A 69 -3.23 -4.69 22.11
C PRO A 69 -2.32 -3.99 23.12
N LYS A 70 -2.84 -2.99 23.80
CA LYS A 70 -2.02 -2.26 24.83
C LYS A 70 -1.73 -3.18 26.02
N ASN A 71 -2.68 -4.00 26.39
CA ASN A 71 -2.48 -4.91 27.56
C ASN A 71 -3.11 -6.29 27.27
N GLY A 72 -3.04 -7.19 28.22
CA GLY A 72 -3.64 -8.54 28.04
C GLY A 72 -2.71 -9.39 27.15
N THR A 73 -3.26 -10.08 26.18
CA THR A 73 -2.42 -10.94 25.30
C THR A 73 -2.75 -10.67 23.82
N LYS A 74 -1.92 -11.13 22.92
CA LYS A 74 -2.16 -10.90 21.47
C LYS A 74 -3.08 -11.98 20.90
N SER A 75 -4.01 -11.59 20.06
CA SER A 75 -4.96 -12.60 19.46
C SER A 75 -5.12 -12.34 17.95
N PRO A 76 -5.72 -13.28 17.25
CA PRO A 76 -5.94 -13.13 15.79
C PRO A 76 -6.90 -11.96 15.52
N SER A 77 -6.70 -11.26 14.42
CA SER A 77 -7.56 -10.08 14.10
C SER A 77 -8.34 -10.34 12.81
N THR A 78 -9.51 -9.74 12.70
CA THR A 78 -10.34 -9.93 11.46
C THR A 78 -10.06 -8.81 10.45
N ASN A 79 -10.01 -9.14 9.19
CA ASN A 79 -9.72 -8.11 8.14
C ASN A 79 -10.66 -8.30 6.93
N SER A 80 -10.36 -7.64 5.83
CA SER A 80 -11.26 -7.71 4.64
C SER A 80 -11.36 -9.16 4.13
N THR A 81 -10.31 -9.93 4.27
CA THR A 81 -10.34 -11.34 3.77
C THR A 81 -9.90 -12.30 4.89
N LYS A 82 -10.36 -13.53 4.83
CA LYS A 82 -10.00 -14.54 5.89
C LYS A 82 -9.27 -15.73 5.26
N LEU A 83 -8.48 -16.43 6.03
CA LEU A 83 -7.74 -17.60 5.49
C LEU A 83 -8.50 -18.91 5.79
N LYS A 84 -9.79 -18.82 6.04
CA LYS A 84 -10.59 -20.07 6.35
C LYS A 84 -10.62 -20.98 5.13
N SER A 85 -10.62 -20.43 3.94
CA SER A 85 -10.67 -21.28 2.70
C SER A 85 -9.44 -22.16 2.61
N ALA A 86 -8.30 -21.70 3.10
CA ALA A 86 -7.05 -22.51 3.03
C ALA A 86 -7.18 -23.78 3.90
N GLU A 87 -7.84 -23.66 5.03
CA GLU A 87 -8.03 -24.84 5.93
C GLU A 87 -9.43 -24.81 6.54
N THR A 88 -10.14 -25.91 6.46
CA THR A 88 -11.53 -25.96 7.04
C THR A 88 -11.94 -27.40 7.33
N TYR A 89 -11.00 -28.23 7.72
CA TYR A 89 -11.33 -29.66 8.02
C TYR A 89 -11.10 -29.93 9.51
N SER A 90 -12.18 -30.06 10.26
CA SER A 90 -12.05 -30.35 11.73
C SER A 90 -13.38 -30.86 12.28
N SER A 91 -13.44 -32.11 12.65
CA SER A 91 -14.70 -32.69 13.21
C SER A 91 -14.37 -33.75 14.26
N LYS A 92 -15.26 -33.95 15.20
CA LYS A 92 -15.03 -34.99 16.25
C LYS A 92 -15.81 -36.27 15.92
N ASN A 93 -17.13 -36.16 15.85
CA ASN A 93 -17.96 -37.36 15.54
C ASN A 93 -18.55 -37.22 14.13
N LYS A 94 -18.88 -38.33 13.50
CA LYS A 94 -19.46 -38.29 12.12
C LYS A 94 -20.80 -37.55 12.13
N TRP A 95 -21.57 -37.74 13.17
CA TRP A 95 -22.90 -37.03 13.26
C TRP A 95 -22.88 -36.01 14.40
N SER A 96 -23.32 -34.80 14.12
CA SER A 96 -23.33 -33.74 15.18
C SER A 96 -24.41 -32.70 14.86
N MET A 97 -25.51 -33.12 14.29
CA MET A 97 -26.61 -32.16 13.96
C MET A 97 -27.83 -32.44 14.84
N ASP A 98 -28.60 -31.42 15.14
CA ASP A 98 -29.81 -31.60 16.00
C ASP A 98 -31.04 -31.90 15.13
N CYS A 99 -31.90 -32.77 15.58
CA CYS A 99 -33.11 -33.13 14.78
C CYS A 99 -34.34 -32.35 15.30
N ASP A 100 -34.13 -31.12 15.71
CA ASP A 100 -35.27 -30.27 16.24
C ASP A 100 -36.05 -31.01 17.33
N GLU A 101 -37.12 -30.41 17.81
CA GLU A 101 -37.94 -31.06 18.89
C GLU A 101 -39.31 -31.45 18.34
N GLU A 102 -39.91 -32.47 18.90
CA GLU A 102 -41.25 -32.93 18.40
C GLU A 102 -42.31 -31.85 18.65
N PHE A 103 -42.20 -31.14 19.74
CA PHE A 103 -43.18 -30.05 20.05
C PHE A 103 -42.54 -28.68 19.83
N ASP A 104 -43.21 -27.80 19.12
CA ASP A 104 -42.64 -26.45 18.87
C ASP A 104 -43.67 -25.37 19.23
N PHE A 105 -43.35 -24.53 20.18
CA PHE A 105 -44.29 -23.43 20.57
C PHE A 105 -43.80 -22.09 20.01
N ALA A 106 -44.67 -21.36 19.35
CA ALA A 106 -44.27 -20.05 18.74
C ALA A 106 -44.68 -18.89 19.66
N ALA A 107 -45.95 -18.71 19.88
CA ALA A 107 -46.42 -17.60 20.76
C ALA A 107 -47.78 -17.96 21.39
N ASN A 108 -48.10 -17.35 22.49
CA ASN A 108 -49.41 -17.64 23.17
C ASN A 108 -50.57 -17.16 22.31
N LEU A 109 -50.49 -15.96 21.79
CA LEU A 109 -51.58 -15.42 20.92
C LEU A 109 -51.11 -14.17 20.17
N GLU A 110 -49.84 -14.11 19.84
CA GLU A 110 -49.30 -12.91 19.12
C GLU A 110 -49.90 -12.81 17.71
N LYS A 111 -50.17 -13.94 17.09
CA LYS A 111 -50.76 -13.93 15.72
C LYS A 111 -52.01 -14.83 15.68
N PHE A 112 -53.08 -14.33 15.11
CA PHE A 112 -54.33 -15.14 15.04
C PHE A 112 -55.20 -14.70 13.86
N ASP A 113 -54.57 -14.32 12.77
CA ASP A 113 -55.35 -13.87 11.56
C ASP A 113 -56.16 -15.05 10.99
N LYS A 114 -55.63 -16.24 11.09
CA LYS A 114 -56.36 -17.44 10.55
C LYS A 114 -57.43 -17.89 11.56
N LYS A 115 -58.66 -18.01 11.11
CA LYS A 115 -59.76 -18.42 12.02
C LYS A 115 -60.35 -19.77 11.58
N GLN A 116 -60.75 -20.59 12.53
CA GLN A 116 -61.34 -21.91 12.17
C GLN A 116 -62.83 -21.95 12.59
N VAL A 117 -63.65 -22.58 11.79
CA VAL A 117 -65.12 -22.64 12.12
C VAL A 117 -65.63 -24.07 11.99
N PHE A 118 -66.72 -24.38 12.66
CA PHE A 118 -67.28 -25.76 12.59
C PHE A 118 -67.83 -26.03 11.18
N ALA A 119 -68.36 -25.02 10.53
CA ALA A 119 -68.92 -25.17 9.14
C ALA A 119 -69.94 -26.32 9.09
N GLU A 120 -70.64 -26.56 10.17
CA GLU A 120 -71.66 -27.65 10.19
C GLU A 120 -73.07 -27.05 10.26
N PHE A 121 -73.99 -27.54 9.47
CA PHE A 121 -75.38 -27.01 9.48
C PHE A 121 -76.39 -28.14 9.74
N ARG A 122 -76.22 -29.25 9.06
CA ARG A 122 -77.14 -30.41 9.26
C ARG A 122 -76.33 -31.67 9.60
N GLU A 123 -76.79 -32.44 10.56
CA GLU A 123 -76.06 -33.69 10.96
C GLU A 123 -76.53 -34.87 10.09
N LYS A 124 -77.83 -35.03 9.97
CA LYS A 124 -78.39 -36.16 9.13
C LYS A 124 -77.80 -37.51 9.58
N ASP A 125 -77.68 -37.73 10.86
CA ASP A 125 -77.12 -39.01 11.37
C ASP A 125 -78.21 -39.83 12.10
N GLY A 1 0.59 26.09 5.72
CA GLY A 1 0.15 26.90 4.56
C GLY A 1 0.70 26.29 3.27
N ALA A 2 -0.07 25.43 2.64
CA ALA A 2 0.39 24.77 1.38
C ALA A 2 -0.32 25.39 0.17
N MET A 3 0.34 25.42 -0.96
CA MET A 3 -0.29 26.02 -2.20
C MET A 3 -1.51 25.19 -2.63
N GLY A 4 -1.45 23.89 -2.45
CA GLY A 4 -2.60 23.02 -2.86
C GLY A 4 -2.14 21.56 -2.86
N MET A 5 -2.88 20.71 -3.54
CA MET A 5 -2.50 19.26 -3.59
C MET A 5 -1.60 19.00 -4.79
N SER A 6 -0.70 18.05 -4.66
CA SER A 6 0.26 17.75 -5.78
C SER A 6 0.06 16.32 -6.29
N VAL A 7 0.33 16.09 -7.55
CA VAL A 7 0.18 14.72 -8.13
C VAL A 7 1.22 13.77 -7.52
N ALA A 8 2.36 14.29 -7.14
CA ALA A 8 3.45 13.41 -6.57
C ALA A 8 2.97 12.72 -5.29
N ASP A 9 2.06 13.33 -4.57
CA ASP A 9 1.52 12.69 -3.33
C ASP A 9 0.79 11.39 -3.67
N PHE A 10 0.06 11.38 -4.76
CA PHE A 10 -0.64 10.12 -5.19
C PHE A 10 0.38 9.07 -5.63
N TYR A 11 1.47 9.50 -6.21
CA TYR A 11 2.55 8.54 -6.63
C TYR A 11 3.13 7.83 -5.39
N GLY A 12 3.13 6.53 -5.39
CA GLY A 12 3.62 5.76 -4.20
C GLY A 12 2.51 5.62 -3.15
N SER A 13 1.32 6.14 -3.41
CA SER A 13 0.20 5.97 -2.45
C SER A 13 -0.54 4.66 -2.74
N ASN A 14 -1.09 4.03 -1.72
CA ASN A 14 -1.86 2.77 -1.93
C ASN A 14 -3.35 3.09 -2.11
N VAL A 15 -3.87 2.83 -3.27
CA VAL A 15 -5.33 3.08 -3.53
C VAL A 15 -5.95 1.85 -4.19
N GLU A 16 -7.26 1.75 -4.20
CA GLU A 16 -7.93 0.65 -4.95
C GLU A 16 -8.83 1.25 -6.04
N VAL A 17 -8.95 0.58 -7.16
CA VAL A 17 -9.80 1.10 -8.26
C VAL A 17 -10.71 -0.02 -8.78
N LEU A 18 -11.93 0.30 -9.13
CA LEU A 18 -12.73 -0.69 -9.92
C LEU A 18 -12.58 -0.40 -11.40
N LEU A 19 -12.39 -1.41 -12.19
CA LEU A 19 -12.34 -1.19 -13.66
C LEU A 19 -13.77 -1.23 -14.24
N ASN A 20 -13.90 -0.94 -15.51
CA ASN A 20 -15.27 -0.86 -16.14
C ASN A 20 -16.03 -2.19 -15.99
N ASN A 21 -15.34 -3.28 -15.76
CA ASN A 21 -16.02 -4.60 -15.66
C ASN A 21 -16.28 -4.98 -14.19
N ASP A 22 -16.39 -4.00 -13.31
CA ASP A 22 -16.82 -4.27 -11.88
C ASP A 22 -15.86 -5.24 -11.19
N SER A 23 -14.62 -5.28 -11.62
CA SER A 23 -13.57 -6.01 -10.84
C SER A 23 -12.73 -5.02 -10.04
N LYS A 24 -12.36 -5.35 -8.84
CA LYS A 24 -11.61 -4.37 -7.99
C LYS A 24 -10.15 -4.81 -7.80
N ALA A 25 -9.24 -3.87 -7.86
CA ALA A 25 -7.81 -4.18 -7.58
C ALA A 25 -7.15 -3.04 -6.81
N ARG A 26 -6.16 -3.33 -6.01
CA ARG A 26 -5.50 -2.25 -5.20
C ARG A 26 -3.98 -2.43 -5.21
N GLY A 27 -3.24 -1.38 -4.99
CA GLY A 27 -1.76 -1.49 -4.91
C GLY A 27 -1.16 -0.11 -4.69
N VAL A 28 0.15 -0.03 -4.59
CA VAL A 28 0.82 1.29 -4.42
C VAL A 28 1.22 1.83 -5.79
N ILE A 29 0.92 3.08 -6.05
CA ILE A 29 1.21 3.65 -7.41
C ILE A 29 2.74 3.72 -7.64
N THR A 30 3.17 3.32 -8.81
CA THR A 30 4.63 3.29 -9.12
C THR A 30 4.96 4.10 -10.39
N ASN A 31 3.97 4.44 -11.20
CA ASN A 31 4.25 5.33 -12.37
C ASN A 31 2.98 6.03 -12.86
N PHE A 32 3.13 7.19 -13.43
CA PHE A 32 1.97 7.92 -14.03
C PHE A 32 2.43 8.75 -15.22
N ASP A 33 1.73 8.69 -16.32
CA ASP A 33 2.15 9.41 -17.55
C ASP A 33 1.04 10.37 -18.00
N SER A 34 1.33 11.65 -18.03
CA SER A 34 0.29 12.66 -18.43
C SER A 34 -0.08 12.51 -19.91
N SER A 35 0.85 12.09 -20.73
CA SER A 35 0.59 12.02 -22.21
C SER A 35 -0.56 11.06 -22.52
N ASN A 36 -0.52 9.87 -21.96
CA ASN A 36 -1.60 8.87 -22.23
C ASN A 36 -2.25 8.38 -20.92
N SER A 37 -2.02 9.08 -19.82
CA SER A 37 -2.61 8.68 -18.50
C SER A 37 -2.44 7.18 -18.22
N ILE A 38 -1.22 6.73 -18.03
CA ILE A 38 -0.96 5.28 -17.78
C ILE A 38 -0.43 5.09 -16.36
N LEU A 39 -0.99 4.18 -15.61
CA LEU A 39 -0.64 4.03 -14.17
C LEU A 39 -0.16 2.61 -13.87
N GLN A 40 1.03 2.49 -13.33
CA GLN A 40 1.50 1.16 -12.85
C GLN A 40 1.24 1.04 -11.34
N LEU A 41 0.58 -0.01 -10.92
CA LEU A 41 0.31 -0.20 -9.46
C LEU A 41 1.12 -1.38 -8.93
N ARG A 42 1.88 -1.17 -7.88
CA ARG A 42 2.65 -2.30 -7.27
C ARG A 42 2.09 -2.62 -5.88
N LEU A 43 1.62 -3.82 -5.69
CA LEU A 43 0.93 -4.19 -4.41
C LEU A 43 1.88 -4.98 -3.49
N ALA A 44 1.60 -4.98 -2.21
CA ALA A 44 2.56 -5.57 -1.21
C ALA A 44 2.68 -7.09 -1.36
N ASN A 45 1.93 -7.70 -2.25
CA ASN A 45 2.13 -9.16 -2.54
C ASN A 45 3.21 -9.37 -3.62
N ASP A 46 4.18 -8.47 -3.72
CA ASP A 46 5.31 -8.63 -4.71
C ASP A 46 4.74 -8.73 -6.13
N SER A 47 3.61 -8.11 -6.40
CA SER A 47 3.03 -8.15 -7.77
C SER A 47 2.82 -6.72 -8.29
N THR A 48 3.15 -6.47 -9.53
CA THR A 48 2.96 -5.11 -10.11
C THR A 48 2.24 -5.21 -11.45
N LYS A 49 1.45 -4.20 -11.80
CA LYS A 49 0.68 -4.26 -13.07
C LYS A 49 0.59 -2.87 -13.71
N SER A 50 0.67 -2.81 -15.01
CA SER A 50 0.54 -1.51 -15.73
C SER A 50 -0.85 -1.40 -16.35
N ILE A 51 -1.66 -0.47 -15.88
CA ILE A 51 -3.05 -0.34 -16.40
C ILE A 51 -3.32 1.11 -16.80
N VAL A 52 -3.86 1.33 -17.97
CA VAL A 52 -4.17 2.73 -18.41
C VAL A 52 -5.36 3.26 -17.60
N THR A 53 -5.29 4.49 -17.15
CA THR A 53 -6.34 5.03 -16.23
C THR A 53 -7.71 5.08 -16.93
N LYS A 54 -7.73 5.15 -18.23
CA LYS A 54 -9.04 5.30 -18.96
C LYS A 54 -9.98 4.14 -18.65
N ASP A 55 -9.45 3.00 -18.27
CA ASP A 55 -10.32 1.85 -17.86
C ASP A 55 -10.65 1.92 -16.35
N ILE A 56 -10.34 3.01 -15.69
CA ILE A 56 -10.78 3.17 -14.27
C ILE A 56 -12.28 3.49 -14.23
N LYS A 57 -13.07 2.59 -13.71
CA LYS A 57 -14.51 2.91 -13.45
C LYS A 57 -14.66 3.72 -12.16
N ASP A 58 -13.90 3.37 -11.16
CA ASP A 58 -14.05 4.05 -9.82
C ASP A 58 -12.74 4.01 -9.04
N LEU A 59 -12.55 4.94 -8.12
CA LEU A 59 -11.26 5.00 -7.36
C LEU A 59 -11.52 5.23 -5.88
N ARG A 60 -10.70 4.64 -5.03
CA ARG A 60 -10.77 4.92 -3.57
C ARG A 60 -9.36 4.78 -2.95
N ILE A 61 -9.14 5.39 -1.81
CA ILE A 61 -7.83 5.21 -1.12
C ILE A 61 -8.02 4.34 0.13
N LEU A 62 -7.20 3.33 0.29
CA LEU A 62 -7.39 2.37 1.42
C LEU A 62 -6.83 2.98 2.72
N PRO A 63 -7.26 2.43 3.85
CA PRO A 63 -6.83 2.98 5.17
C PRO A 63 -5.30 2.88 5.33
N LYS A 64 -4.68 3.94 5.78
CA LYS A 64 -3.20 3.90 6.00
C LYS A 64 -2.84 4.78 7.21
N ASN A 65 -3.14 6.05 7.14
CA ASN A 65 -2.85 6.97 8.28
C ASN A 65 -3.91 8.09 8.36
N GLU A 66 -5.10 7.83 7.87
CA GLU A 66 -6.17 8.88 7.90
C GLU A 66 -7.02 8.75 9.17
N ILE A 67 -7.36 7.53 9.53
CA ILE A 67 -8.20 7.32 10.75
C ILE A 67 -7.42 6.55 11.80
N MET A 68 -7.48 6.97 13.04
CA MET A 68 -6.75 6.26 14.14
C MET A 68 -7.71 5.31 14.88
N PRO A 69 -7.22 4.12 15.21
CA PRO A 69 -8.08 3.14 15.94
C PRO A 69 -8.40 3.66 17.34
N LYS A 70 -9.53 3.27 17.89
CA LYS A 70 -9.92 3.74 19.25
C LYS A 70 -9.32 2.83 20.32
N ASN A 71 -8.62 3.40 21.29
CA ASN A 71 -8.01 2.57 22.36
C ASN A 71 -8.74 2.79 23.69
N GLY A 72 -8.84 1.76 24.50
CA GLY A 72 -9.53 1.90 25.82
C GLY A 72 -8.76 2.87 26.72
N THR A 73 -7.46 2.87 26.62
CA THR A 73 -6.63 3.79 27.45
C THR A 73 -6.00 4.88 26.57
N LYS A 74 -5.90 6.08 27.08
CA LYS A 74 -5.31 7.20 26.27
C LYS A 74 -3.80 7.27 26.49
N SER A 75 -3.03 7.14 25.45
CA SER A 75 -1.53 7.22 25.59
C SER A 75 -0.97 8.19 24.53
N PRO A 76 -1.09 9.48 24.82
CA PRO A 76 -0.59 10.52 23.88
C PRO A 76 0.95 10.45 23.76
N SER A 77 1.46 10.67 22.58
CA SER A 77 2.95 10.63 22.38
C SER A 77 3.41 11.88 21.64
N THR A 78 2.77 12.22 20.54
CA THR A 78 3.16 13.43 19.77
C THR A 78 1.91 14.23 19.37
N ASN A 79 2.05 15.54 19.24
CA ASN A 79 0.87 16.38 18.85
C ASN A 79 0.47 16.09 17.40
N SER A 80 1.44 15.89 16.54
CA SER A 80 1.13 15.62 15.10
C SER A 80 2.29 14.88 14.44
N THR A 81 2.09 14.39 13.23
CA THR A 81 3.18 13.65 12.53
C THR A 81 3.53 14.37 11.20
N LYS A 82 4.75 14.23 10.76
CA LYS A 82 5.16 14.89 9.48
C LYS A 82 6.13 13.99 8.71
N LEU A 83 6.00 13.93 7.41
CA LEU A 83 6.92 13.08 6.59
C LEU A 83 8.10 13.92 6.08
N LYS A 84 9.30 13.40 6.17
CA LYS A 84 10.50 14.17 5.72
C LYS A 84 10.90 13.75 4.31
N SER A 85 10.74 12.49 3.98
CA SER A 85 11.13 12.01 2.61
C SER A 85 10.30 12.69 1.53
N ALA A 86 9.04 12.96 1.82
CA ALA A 86 8.15 13.62 0.81
C ALA A 86 8.63 15.05 0.55
N GLU A 87 9.18 15.71 1.54
CA GLU A 87 9.64 17.13 1.36
C GLU A 87 10.80 17.19 0.35
N THR A 88 11.62 16.18 0.31
CA THR A 88 12.78 16.17 -0.62
C THR A 88 12.61 15.08 -1.69
N TYR A 89 13.35 15.18 -2.77
CA TYR A 89 13.23 14.15 -3.85
C TYR A 89 14.52 13.31 -3.93
N SER A 90 15.65 13.91 -3.65
CA SER A 90 16.94 13.17 -3.72
C SER A 90 17.77 13.43 -2.45
N SER A 91 18.71 12.57 -2.16
CA SER A 91 19.55 12.75 -0.93
C SER A 91 21.02 12.97 -1.33
N LYS A 92 21.76 13.69 -0.53
CA LYS A 92 23.20 13.97 -0.85
C LYS A 92 24.10 12.89 -0.26
N ASN A 93 24.95 12.30 -1.06
CA ASN A 93 25.88 11.22 -0.57
C ASN A 93 25.10 10.10 0.14
N LYS A 94 23.88 9.85 -0.30
CA LYS A 94 23.08 8.74 0.30
C LYS A 94 22.40 7.92 -0.81
N TRP A 95 22.99 6.82 -1.21
CA TRP A 95 22.39 5.98 -2.28
C TRP A 95 23.00 4.57 -2.26
N SER A 96 24.29 4.47 -2.46
CA SER A 96 24.95 3.13 -2.47
C SER A 96 25.59 2.84 -1.11
N MET A 97 26.14 3.84 -0.47
CA MET A 97 26.80 3.61 0.86
C MET A 97 25.76 3.24 1.92
N ASP A 98 24.62 3.89 1.92
CA ASP A 98 23.55 3.56 2.90
C ASP A 98 22.36 2.90 2.19
N CYS A 99 21.67 2.02 2.87
CA CYS A 99 20.49 1.31 2.25
C CYS A 99 20.87 0.65 0.92
N ASP A 100 21.24 -0.60 0.94
CA ASP A 100 21.63 -1.30 -0.33
C ASP A 100 20.40 -1.55 -1.21
N GLU A 101 20.60 -2.05 -2.41
CA GLU A 101 19.44 -2.31 -3.32
C GLU A 101 19.10 -3.80 -3.33
N GLU A 102 17.84 -4.13 -3.46
CA GLU A 102 17.40 -5.58 -3.49
C GLU A 102 17.97 -6.35 -2.28
N PHE A 103 17.78 -7.64 -2.25
CA PHE A 103 18.30 -8.46 -1.11
C PHE A 103 19.32 -9.48 -1.62
N ASP A 104 20.27 -9.85 -0.79
CA ASP A 104 21.30 -10.84 -1.22
C ASP A 104 20.77 -12.26 -1.04
N PHE A 105 20.96 -13.11 -2.02
CA PHE A 105 20.48 -14.52 -1.90
C PHE A 105 21.65 -15.47 -1.63
N ALA A 106 21.47 -16.41 -0.72
CA ALA A 106 22.56 -17.39 -0.38
C ALA A 106 23.86 -16.65 -0.02
N ALA A 107 23.75 -15.48 0.57
CA ALA A 107 24.96 -14.72 0.96
C ALA A 107 25.27 -14.91 2.45
N ASN A 108 26.53 -14.88 2.82
CA ASN A 108 26.91 -15.07 4.25
C ASN A 108 27.07 -13.72 4.95
N LEU A 109 26.11 -13.34 5.76
CA LEU A 109 26.20 -12.05 6.49
C LEU A 109 26.54 -12.28 7.96
N GLU A 110 27.40 -11.45 8.52
CA GLU A 110 27.78 -11.62 9.96
C GLU A 110 27.08 -10.56 10.81
N LYS A 111 26.53 -10.95 11.93
CA LYS A 111 25.83 -9.98 12.83
C LYS A 111 26.69 -9.70 14.07
N PHE A 112 26.83 -8.45 14.43
CA PHE A 112 27.64 -8.11 15.65
C PHE A 112 26.87 -8.46 16.92
N ASP A 113 25.65 -7.99 17.03
CA ASP A 113 24.84 -8.28 18.25
C ASP A 113 24.49 -9.76 18.34
N LYS A 114 24.20 -10.38 17.22
CA LYS A 114 23.81 -11.82 17.22
C LYS A 114 25.00 -12.70 16.81
N LYS A 115 25.12 -13.86 17.39
CA LYS A 115 26.23 -14.79 17.02
C LYS A 115 25.67 -16.19 16.72
N GLN A 116 26.17 -16.84 15.69
CA GLN A 116 25.66 -18.19 15.29
C GLN A 116 24.13 -18.18 15.15
N VAL A 117 23.64 -17.89 13.97
CA VAL A 117 22.16 -17.81 13.77
C VAL A 117 21.70 -18.99 12.90
N PHE A 118 20.59 -19.61 13.27
CA PHE A 118 20.06 -20.75 12.46
C PHE A 118 18.82 -20.32 11.68
N ALA A 119 18.73 -20.72 10.43
CA ALA A 119 17.56 -20.31 9.59
C ALA A 119 17.38 -21.28 8.43
N GLU A 120 18.45 -21.62 7.75
CA GLU A 120 18.36 -22.56 6.59
C GLU A 120 17.89 -23.94 7.05
N PHE A 121 18.27 -24.34 8.24
CA PHE A 121 17.86 -25.67 8.77
C PHE A 121 16.76 -25.51 9.82
N ARG A 122 15.67 -26.23 9.68
CA ARG A 122 14.57 -26.14 10.69
C ARG A 122 14.70 -27.26 11.72
N GLU A 123 14.59 -28.50 11.30
CA GLU A 123 14.74 -29.64 12.25
C GLU A 123 16.04 -30.40 11.99
N LYS A 124 17.06 -29.71 11.53
CA LYS A 124 18.35 -30.38 11.23
C LYS A 124 19.49 -29.71 12.01
N ASP A 125 20.46 -30.47 12.46
CA ASP A 125 21.62 -29.90 13.23
C ASP A 125 21.13 -29.02 14.39
N GLY A 1 -12.50 21.66 -2.69
CA GLY A 1 -11.58 22.82 -2.49
C GLY A 1 -10.45 22.43 -1.54
N ALA A 2 -9.30 22.11 -2.07
CA ALA A 2 -8.14 21.71 -1.21
C ALA A 2 -7.14 22.86 -1.10
N MET A 3 -6.43 22.94 -0.01
CA MET A 3 -5.42 24.04 0.17
C MET A 3 -4.30 23.91 -0.86
N GLY A 4 -3.94 22.70 -1.20
CA GLY A 4 -2.85 22.48 -2.20
C GLY A 4 -2.34 21.05 -2.11
N MET A 5 -2.27 20.36 -3.23
CA MET A 5 -1.77 18.95 -3.23
C MET A 5 -0.66 18.79 -4.27
N SER A 6 0.19 17.80 -4.09
CA SER A 6 1.30 17.57 -5.07
C SER A 6 1.18 16.16 -5.66
N VAL A 7 1.68 15.98 -6.86
CA VAL A 7 1.59 14.64 -7.53
C VAL A 7 2.45 13.62 -6.78
N ALA A 8 3.52 14.06 -6.16
CA ALA A 8 4.44 13.10 -5.46
C ALA A 8 3.70 12.38 -4.32
N ASP A 9 2.74 13.04 -3.71
CA ASP A 9 1.97 12.39 -2.60
C ASP A 9 1.17 11.20 -3.14
N PHE A 10 0.61 11.32 -4.32
CA PHE A 10 -0.17 10.18 -4.91
C PHE A 10 0.76 9.04 -5.27
N TYR A 11 1.97 9.34 -5.69
CA TYR A 11 2.96 8.26 -6.01
C TYR A 11 3.38 7.54 -4.74
N GLY A 12 3.33 6.22 -4.74
CA GLY A 12 3.66 5.44 -3.50
C GLY A 12 2.42 5.32 -2.61
N SER A 13 1.29 5.89 -3.01
CA SER A 13 0.06 5.80 -2.17
C SER A 13 -0.71 4.51 -2.52
N ASN A 14 -1.33 3.91 -1.53
CA ASN A 14 -2.14 2.68 -1.80
C ASN A 14 -3.61 3.05 -2.04
N VAL A 15 -4.09 2.82 -3.23
CA VAL A 15 -5.52 3.13 -3.54
C VAL A 15 -6.18 1.92 -4.21
N GLU A 16 -7.49 1.87 -4.23
CA GLU A 16 -8.19 0.79 -4.98
C GLU A 16 -9.05 1.40 -6.09
N VAL A 17 -9.17 0.72 -7.20
CA VAL A 17 -10.03 1.23 -8.31
C VAL A 17 -10.91 0.11 -8.84
N LEU A 18 -12.13 0.40 -9.20
CA LEU A 18 -12.92 -0.62 -9.96
C LEU A 18 -12.82 -0.34 -11.44
N LEU A 19 -12.63 -1.36 -12.23
CA LEU A 19 -12.59 -1.16 -13.70
C LEU A 19 -14.02 -1.16 -14.27
N ASN A 20 -14.15 -0.93 -15.55
CA ASN A 20 -15.52 -0.83 -16.19
C ASN A 20 -16.34 -2.11 -15.95
N ASN A 21 -15.69 -3.21 -15.68
CA ASN A 21 -16.42 -4.51 -15.51
C ASN A 21 -16.65 -4.83 -14.03
N ASP A 22 -16.67 -3.83 -13.16
CA ASP A 22 -16.98 -4.06 -11.71
C ASP A 22 -16.00 -5.07 -11.09
N SER A 23 -14.81 -5.17 -11.65
CA SER A 23 -13.73 -5.97 -10.99
C SER A 23 -12.84 -5.02 -10.19
N LYS A 24 -12.54 -5.36 -8.97
CA LYS A 24 -11.86 -4.39 -8.06
C LYS A 24 -10.41 -4.82 -7.81
N ALA A 25 -9.49 -3.89 -7.85
CA ALA A 25 -8.07 -4.20 -7.52
C ALA A 25 -7.44 -3.04 -6.74
N ARG A 26 -6.51 -3.33 -5.85
CA ARG A 26 -5.87 -2.24 -5.04
C ARG A 26 -4.37 -2.50 -4.89
N GLY A 27 -3.60 -1.44 -4.76
CA GLY A 27 -2.13 -1.60 -4.60
C GLY A 27 -1.48 -0.21 -4.50
N VAL A 28 -0.17 -0.16 -4.49
CA VAL A 28 0.52 1.16 -4.34
C VAL A 28 0.79 1.75 -5.74
N ILE A 29 0.62 3.04 -5.88
CA ILE A 29 0.84 3.69 -7.22
C ILE A 29 2.34 3.92 -7.44
N THR A 30 2.81 3.70 -8.66
CA THR A 30 4.26 3.88 -8.94
C THR A 30 4.48 4.83 -10.13
N ASN A 31 3.63 4.80 -11.13
CA ASN A 31 3.90 5.61 -12.36
C ASN A 31 2.63 6.28 -12.88
N PHE A 32 2.77 7.44 -13.47
CA PHE A 32 1.60 8.10 -14.15
C PHE A 32 2.09 8.92 -15.34
N ASP A 33 1.48 8.76 -16.48
CA ASP A 33 1.95 9.47 -17.71
C ASP A 33 0.82 10.32 -18.29
N SER A 34 1.04 11.60 -18.42
CA SER A 34 -0.02 12.51 -18.95
C SER A 34 -0.25 12.27 -20.45
N SER A 35 0.76 11.79 -21.15
CA SER A 35 0.63 11.60 -22.63
C SER A 35 -0.48 10.60 -22.96
N ASN A 36 -0.48 9.46 -22.30
CA ASN A 36 -1.54 8.44 -22.56
C ASN A 36 -2.29 8.07 -21.27
N SER A 37 -2.07 8.79 -20.18
CA SER A 37 -2.74 8.47 -18.88
C SER A 37 -2.56 6.99 -18.51
N ILE A 38 -1.35 6.59 -18.23
CA ILE A 38 -1.08 5.15 -17.87
C ILE A 38 -0.59 5.06 -16.42
N LEU A 39 -1.16 4.15 -15.66
CA LEU A 39 -0.84 4.07 -14.21
C LEU A 39 -0.34 2.67 -13.85
N GLN A 40 0.85 2.59 -13.28
CA GLN A 40 1.36 1.28 -12.80
C GLN A 40 1.11 1.16 -11.29
N LEU A 41 0.52 0.07 -10.86
CA LEU A 41 0.29 -0.15 -9.40
C LEU A 41 1.18 -1.29 -8.91
N ARG A 42 2.04 -1.01 -7.96
CA ARG A 42 2.89 -2.09 -7.37
C ARG A 42 2.26 -2.59 -6.07
N LEU A 43 2.03 -3.88 -5.98
CA LEU A 43 1.29 -4.43 -4.80
C LEU A 43 2.27 -5.09 -3.81
N ALA A 44 1.90 -5.10 -2.55
CA ALA A 44 2.84 -5.57 -1.47
C ALA A 44 3.21 -7.05 -1.64
N ASN A 45 2.56 -7.76 -2.54
CA ASN A 45 2.95 -9.18 -2.81
C ASN A 45 4.09 -9.25 -3.84
N ASP A 46 4.97 -8.26 -3.89
CA ASP A 46 6.14 -8.29 -4.83
C ASP A 46 5.66 -8.44 -6.28
N SER A 47 4.48 -7.95 -6.59
CA SER A 47 3.97 -8.02 -8.00
C SER A 47 3.64 -6.62 -8.52
N THR A 48 3.98 -6.34 -9.75
CA THR A 48 3.69 -4.99 -10.33
C THR A 48 3.00 -5.14 -11.69
N LYS A 49 2.04 -4.30 -11.97
CA LYS A 49 1.28 -4.40 -13.26
C LYS A 49 0.93 -3.00 -13.79
N SER A 50 1.00 -2.82 -15.09
CA SER A 50 0.68 -1.49 -15.68
C SER A 50 -0.76 -1.47 -16.19
N ILE A 51 -1.55 -0.51 -15.76
CA ILE A 51 -2.97 -0.43 -16.23
C ILE A 51 -3.25 0.99 -16.74
N VAL A 52 -3.86 1.12 -17.89
CA VAL A 52 -4.18 2.47 -18.42
C VAL A 52 -5.41 3.03 -17.69
N THR A 53 -5.38 4.28 -17.31
CA THR A 53 -6.46 4.85 -16.45
C THR A 53 -7.82 4.84 -17.16
N LYS A 54 -7.83 4.84 -18.47
CA LYS A 54 -9.12 4.94 -19.22
C LYS A 54 -10.05 3.79 -18.85
N ASP A 55 -9.51 2.68 -18.40
CA ASP A 55 -10.39 1.55 -17.93
C ASP A 55 -10.76 1.71 -16.44
N ILE A 56 -10.45 2.84 -15.84
CA ILE A 56 -10.90 3.08 -14.43
C ILE A 56 -12.39 3.46 -14.41
N LYS A 57 -13.22 2.61 -13.86
CA LYS A 57 -14.65 3.00 -13.65
C LYS A 57 -14.78 3.83 -12.36
N ASP A 58 -14.06 3.47 -11.34
CA ASP A 58 -14.25 4.14 -10.01
C ASP A 58 -12.95 4.09 -9.18
N LEU A 59 -12.69 5.12 -8.41
CA LEU A 59 -11.42 5.18 -7.63
C LEU A 59 -11.69 5.43 -6.14
N ARG A 60 -10.90 4.84 -5.28
CA ARG A 60 -10.98 5.17 -3.82
C ARG A 60 -9.59 5.03 -3.18
N ILE A 61 -9.38 5.66 -2.05
CA ILE A 61 -8.08 5.53 -1.33
C ILE A 61 -8.29 4.79 -0.01
N LEU A 62 -7.52 3.78 0.26
CA LEU A 62 -7.73 2.96 1.49
C LEU A 62 -7.03 3.62 2.69
N PRO A 63 -7.50 3.33 3.89
CA PRO A 63 -6.92 3.95 5.10
C PRO A 63 -5.49 3.46 5.33
N LYS A 64 -4.53 4.36 5.31
CA LYS A 64 -3.11 3.95 5.54
C LYS A 64 -2.92 3.47 6.99
N ASN A 65 -3.65 4.06 7.92
CA ASN A 65 -3.53 3.68 9.37
C ASN A 65 -2.06 3.76 9.83
N GLU A 66 -1.32 4.72 9.33
CA GLU A 66 0.11 4.88 9.75
C GLU A 66 0.19 5.32 11.22
N ILE A 67 -0.77 6.09 11.67
CA ILE A 67 -0.75 6.59 13.09
C ILE A 67 -0.84 5.42 14.08
N MET A 68 -1.44 4.31 13.68
CA MET A 68 -1.54 3.14 14.58
C MET A 68 -0.40 2.13 14.30
N PRO A 69 0.45 1.92 15.28
CA PRO A 69 1.58 0.96 15.09
C PRO A 69 1.06 -0.47 14.94
N LYS A 70 -0.01 -0.79 15.64
CA LYS A 70 -0.58 -2.17 15.55
C LYS A 70 -2.10 -2.11 15.46
N ASN A 71 -2.68 -2.76 14.48
CA ASN A 71 -4.17 -2.75 14.34
C ASN A 71 -4.83 -3.48 15.52
N GLY A 72 -4.20 -4.53 16.00
CA GLY A 72 -4.77 -5.28 17.16
C GLY A 72 -4.03 -6.62 17.30
N THR A 73 -4.53 -7.65 16.67
CA THR A 73 -3.85 -8.98 16.75
C THR A 73 -3.72 -9.59 15.34
N LYS A 74 -2.74 -10.45 15.16
CA LYS A 74 -2.53 -11.08 13.82
C LYS A 74 -2.96 -12.55 13.85
N SER A 75 -3.64 -13.00 12.82
CA SER A 75 -4.08 -14.43 12.77
C SER A 75 -3.91 -14.99 11.34
N PRO A 76 -3.90 -16.30 11.22
CA PRO A 76 -3.74 -16.94 9.89
C PRO A 76 -4.93 -16.58 8.98
N SER A 77 -4.66 -16.21 7.75
CA SER A 77 -5.76 -15.86 6.81
C SER A 77 -5.37 -16.24 5.38
N THR A 78 -6.27 -16.84 4.65
CA THR A 78 -5.97 -17.23 3.23
C THR A 78 -7.07 -16.73 2.29
N ASN A 79 -6.76 -16.60 1.03
CA ASN A 79 -7.79 -16.12 0.04
C ASN A 79 -7.39 -16.55 -1.38
N SER A 80 -8.30 -17.18 -2.09
CA SER A 80 -7.98 -17.62 -3.48
C SER A 80 -9.01 -17.04 -4.47
N THR A 81 -8.56 -16.63 -5.63
CA THR A 81 -9.49 -16.08 -6.66
C THR A 81 -9.23 -16.73 -8.02
N LYS A 82 -10.27 -17.05 -8.75
CA LYS A 82 -10.09 -17.70 -10.09
C LYS A 82 -10.60 -16.76 -11.19
N LEU A 83 -9.75 -16.41 -12.13
CA LEU A 83 -10.18 -15.53 -13.25
C LEU A 83 -9.57 -16.02 -14.57
N LYS A 84 -10.38 -16.60 -15.42
CA LYS A 84 -9.86 -17.18 -16.70
C LYS A 84 -10.18 -16.27 -17.88
N SER A 85 -10.23 -14.98 -17.66
CA SER A 85 -10.55 -14.02 -18.76
C SER A 85 -9.45 -14.04 -19.82
N ALA A 86 -8.21 -14.18 -19.40
CA ALA A 86 -7.08 -14.23 -20.38
C ALA A 86 -7.14 -15.53 -21.19
N GLU A 87 -7.61 -16.60 -20.59
CA GLU A 87 -7.70 -17.92 -21.31
C GLU A 87 -6.34 -18.30 -21.93
N THR A 88 -5.48 -18.92 -21.15
CA THR A 88 -4.15 -19.34 -21.68
C THR A 88 -3.75 -20.70 -21.10
N TYR A 89 -2.81 -21.36 -21.74
CA TYR A 89 -2.36 -22.70 -21.23
C TYR A 89 -1.57 -22.53 -19.94
N SER A 90 -1.72 -23.46 -19.02
CA SER A 90 -0.98 -23.37 -17.72
C SER A 90 -0.47 -24.75 -17.30
N SER A 91 0.63 -24.79 -16.58
CA SER A 91 1.19 -26.11 -16.14
C SER A 91 0.21 -26.82 -15.19
N LYS A 92 -0.48 -26.05 -14.37
CA LYS A 92 -1.47 -26.66 -13.43
C LYS A 92 -2.90 -26.34 -13.89
N ASN A 93 -3.75 -27.34 -13.97
CA ASN A 93 -5.16 -27.09 -14.42
C ASN A 93 -6.13 -27.33 -13.26
N LYS A 94 -7.01 -26.39 -13.03
CA LYS A 94 -8.01 -26.55 -11.92
C LYS A 94 -9.38 -26.93 -12.51
N TRP A 95 -9.88 -28.10 -12.18
CA TRP A 95 -11.21 -28.53 -12.70
C TRP A 95 -12.17 -28.78 -11.54
N SER A 96 -13.40 -28.34 -11.66
CA SER A 96 -14.40 -28.57 -10.58
C SER A 96 -15.65 -29.25 -11.15
N MET A 97 -16.16 -30.24 -10.45
CA MET A 97 -17.39 -30.95 -10.93
C MET A 97 -18.24 -31.39 -9.73
N ASP A 98 -17.63 -31.99 -8.74
CA ASP A 98 -18.38 -32.44 -7.54
C ASP A 98 -18.49 -31.30 -6.52
N CYS A 99 -19.62 -31.16 -5.88
CA CYS A 99 -19.81 -30.06 -4.87
C CYS A 99 -20.20 -30.65 -3.52
N ASP A 100 -20.14 -29.86 -2.47
CA ASP A 100 -20.48 -30.37 -1.11
C ASP A 100 -22.00 -30.29 -0.87
N GLU A 101 -22.63 -31.42 -0.70
CA GLU A 101 -24.11 -31.44 -0.45
C GLU A 101 -24.39 -31.80 1.01
N GLU A 102 -25.39 -31.21 1.60
CA GLU A 102 -25.72 -31.51 3.02
C GLU A 102 -26.81 -32.58 3.10
N PHE A 103 -26.60 -33.60 3.90
CA PHE A 103 -27.63 -34.68 4.04
C PHE A 103 -28.85 -34.15 4.77
N ASP A 104 -28.64 -33.43 5.85
CA ASP A 104 -29.80 -32.90 6.65
C ASP A 104 -30.61 -31.88 5.82
N PHE A 105 -29.94 -31.10 5.02
CA PHE A 105 -30.65 -30.07 4.20
C PHE A 105 -30.78 -30.54 2.75
N ALA A 106 -31.98 -30.55 2.22
CA ALA A 106 -32.19 -30.97 0.81
C ALA A 106 -33.50 -30.40 0.27
N ALA A 107 -33.58 -30.19 -1.01
CA ALA A 107 -34.83 -29.62 -1.61
C ALA A 107 -35.00 -30.11 -3.06
N ASN A 108 -36.23 -30.25 -3.51
CA ASN A 108 -36.50 -30.70 -4.93
C ASN A 108 -35.76 -32.01 -5.23
N LEU A 109 -35.73 -32.92 -4.29
CA LEU A 109 -35.05 -34.23 -4.51
C LEU A 109 -36.09 -35.34 -4.67
N GLU A 110 -36.06 -36.06 -5.77
CA GLU A 110 -37.03 -37.17 -5.98
C GLU A 110 -36.29 -38.47 -6.28
N LYS A 111 -36.63 -39.53 -5.57
CA LYS A 111 -35.97 -40.84 -5.80
C LYS A 111 -37.00 -41.97 -5.87
N PHE A 112 -36.87 -42.86 -6.82
CA PHE A 112 -37.83 -43.99 -6.94
C PHE A 112 -37.20 -45.30 -6.45
N ASP A 113 -36.16 -45.22 -5.64
CA ASP A 113 -35.48 -46.46 -5.14
C ASP A 113 -36.42 -47.22 -4.20
N LYS A 114 -37.19 -46.53 -3.40
CA LYS A 114 -38.12 -47.21 -2.46
C LYS A 114 -39.56 -47.15 -3.00
N LYS A 115 -40.08 -48.28 -3.41
CA LYS A 115 -41.48 -48.32 -3.94
C LYS A 115 -42.19 -49.59 -3.45
N GLN A 116 -43.34 -49.45 -2.83
CA GLN A 116 -44.12 -50.63 -2.32
C GLN A 116 -43.23 -51.53 -1.45
N VAL A 117 -43.21 -51.28 -0.15
CA VAL A 117 -42.35 -52.09 0.79
C VAL A 117 -40.87 -52.02 0.38
N PHE A 118 -39.98 -52.42 1.28
CA PHE A 118 -38.53 -52.39 0.95
C PHE A 118 -38.04 -53.79 0.58
N ALA A 119 -37.26 -53.90 -0.46
CA ALA A 119 -36.72 -55.24 -0.87
C ALA A 119 -35.57 -55.64 0.04
N GLU A 120 -35.24 -56.93 0.07
CA GLU A 120 -34.13 -57.43 0.95
C GLU A 120 -34.32 -56.97 2.40
N PHE A 121 -33.36 -57.26 3.26
CA PHE A 121 -33.48 -56.86 4.69
C PHE A 121 -32.28 -56.00 5.11
N ARG A 122 -32.45 -55.19 6.12
CA ARG A 122 -31.32 -54.32 6.60
C ARG A 122 -30.23 -55.18 7.24
N GLU A 123 -29.01 -54.71 7.22
CA GLU A 123 -27.88 -55.50 7.83
C GLU A 123 -27.66 -55.06 9.27
N LYS A 124 -27.42 -56.00 10.16
CA LYS A 124 -27.21 -55.66 11.60
C LYS A 124 -25.98 -56.37 12.15
N ASP A 125 -24.94 -56.49 11.35
CA ASP A 125 -23.70 -57.18 11.80
C ASP A 125 -22.66 -56.15 12.26
N GLY A 1 -2.75 26.79 -11.09
CA GLY A 1 -1.88 26.97 -9.90
C GLY A 1 -1.08 25.69 -9.65
N ALA A 2 0.22 25.74 -9.77
CA ALA A 2 1.06 24.53 -9.54
C ALA A 2 1.76 24.61 -8.19
N MET A 3 1.13 25.23 -7.21
CA MET A 3 1.76 25.37 -5.86
C MET A 3 1.39 24.16 -5.00
N GLY A 4 0.12 24.01 -4.70
CA GLY A 4 -0.32 22.86 -3.85
C GLY A 4 -0.64 21.65 -4.75
N MET A 5 -1.10 20.57 -4.17
CA MET A 5 -1.43 19.34 -4.96
C MET A 5 -0.25 18.91 -5.85
N SER A 6 0.57 18.01 -5.36
CA SER A 6 1.75 17.55 -6.16
C SER A 6 1.61 16.07 -6.53
N VAL A 7 2.16 15.67 -7.64
CA VAL A 7 2.05 14.24 -8.09
C VAL A 7 2.81 13.32 -7.13
N ALA A 8 3.86 13.81 -6.51
CA ALA A 8 4.70 12.95 -5.61
C ALA A 8 3.85 12.42 -4.44
N ASP A 9 2.90 13.19 -3.99
CA ASP A 9 2.04 12.73 -2.85
C ASP A 9 1.20 11.51 -3.27
N PHE A 10 0.70 11.50 -4.47
CA PHE A 10 -0.11 10.33 -4.95
C PHE A 10 0.80 9.15 -5.29
N TYR A 11 2.02 9.42 -5.71
CA TYR A 11 2.98 8.31 -6.02
C TYR A 11 3.38 7.59 -4.73
N GLY A 12 3.28 6.29 -4.72
CA GLY A 12 3.63 5.51 -3.49
C GLY A 12 2.41 5.36 -2.56
N SER A 13 1.28 5.93 -2.93
CA SER A 13 0.07 5.80 -2.05
C SER A 13 -0.70 4.53 -2.40
N ASN A 14 -1.40 3.97 -1.45
CA ASN A 14 -2.20 2.73 -1.72
C ASN A 14 -3.65 3.11 -2.03
N VAL A 15 -4.09 2.86 -3.24
CA VAL A 15 -5.51 3.16 -3.60
C VAL A 15 -6.14 1.93 -4.26
N GLU A 16 -7.45 1.85 -4.28
CA GLU A 16 -8.13 0.74 -5.02
C GLU A 16 -9.01 1.33 -6.13
N VAL A 17 -9.12 0.63 -7.23
CA VAL A 17 -9.97 1.12 -8.35
C VAL A 17 -10.86 -0.01 -8.86
N LEU A 18 -12.08 0.29 -9.23
CA LEU A 18 -12.88 -0.71 -10.01
C LEU A 18 -12.70 -0.45 -11.50
N LEU A 19 -12.50 -1.48 -12.26
CA LEU A 19 -12.43 -1.30 -13.74
C LEU A 19 -13.84 -1.37 -14.34
N ASN A 20 -13.96 -1.12 -15.62
CA ASN A 20 -15.31 -1.08 -16.29
C ASN A 20 -16.09 -2.39 -16.09
N ASN A 21 -15.40 -3.47 -15.78
CA ASN A 21 -16.09 -4.78 -15.61
C ASN A 21 -16.44 -5.03 -14.13
N ASP A 22 -16.54 -3.99 -13.33
CA ASP A 22 -16.98 -4.14 -11.90
C ASP A 22 -16.06 -5.09 -11.14
N SER A 23 -14.82 -5.20 -11.57
CA SER A 23 -13.80 -5.94 -10.77
C SER A 23 -12.92 -4.94 -10.02
N LYS A 24 -12.49 -5.27 -8.83
CA LYS A 24 -11.73 -4.29 -8.00
C LYS A 24 -10.26 -4.69 -7.88
N ALA A 25 -9.38 -3.72 -7.86
CA ALA A 25 -7.93 -4.01 -7.63
C ALA A 25 -7.31 -2.93 -6.73
N ARG A 26 -6.42 -3.30 -5.86
CA ARG A 26 -5.81 -2.30 -4.92
C ARG A 26 -4.30 -2.53 -4.79
N GLY A 27 -3.55 -1.47 -4.66
CA GLY A 27 -2.06 -1.62 -4.53
C GLY A 27 -1.43 -0.22 -4.42
N VAL A 28 -0.12 -0.15 -4.46
CA VAL A 28 0.56 1.17 -4.32
C VAL A 28 0.81 1.78 -5.71
N ILE A 29 0.59 3.06 -5.86
CA ILE A 29 0.81 3.71 -7.19
C ILE A 29 2.31 3.96 -7.41
N THR A 30 2.79 3.74 -8.61
CA THR A 30 4.24 3.94 -8.89
C THR A 30 4.46 4.90 -10.08
N ASN A 31 3.62 4.85 -11.08
CA ASN A 31 3.89 5.65 -12.32
C ASN A 31 2.62 6.33 -12.83
N PHE A 32 2.76 7.49 -13.42
CA PHE A 32 1.60 8.17 -14.07
C PHE A 32 2.09 8.99 -15.27
N ASP A 33 1.46 8.84 -16.41
CA ASP A 33 1.93 9.55 -17.63
C ASP A 33 0.79 10.43 -18.19
N SER A 34 1.04 11.71 -18.31
CA SER A 34 -0.03 12.62 -18.84
C SER A 34 -0.26 12.40 -20.34
N SER A 35 0.73 11.90 -21.05
CA SER A 35 0.59 11.72 -22.53
C SER A 35 -0.54 10.74 -22.85
N ASN A 36 -0.55 9.59 -22.20
CA ASN A 36 -1.63 8.59 -22.46
C ASN A 36 -2.36 8.21 -21.17
N SER A 37 -2.13 8.92 -20.08
CA SER A 37 -2.78 8.60 -18.77
C SER A 37 -2.59 7.11 -18.41
N ILE A 38 -1.37 6.71 -18.15
CA ILE A 38 -1.10 5.27 -17.82
C ILE A 38 -0.62 5.16 -16.37
N LEU A 39 -1.17 4.22 -15.63
CA LEU A 39 -0.85 4.12 -14.17
C LEU A 39 -0.34 2.72 -13.84
N GLN A 40 0.82 2.63 -13.23
CA GLN A 40 1.33 1.31 -12.76
C GLN A 40 1.12 1.18 -11.25
N LEU A 41 0.55 0.08 -10.82
CA LEU A 41 0.33 -0.14 -9.36
C LEU A 41 1.23 -1.26 -8.87
N ARG A 42 2.10 -0.98 -7.94
CA ARG A 42 2.97 -2.04 -7.35
C ARG A 42 2.35 -2.58 -6.06
N LEU A 43 2.13 -3.87 -5.99
CA LEU A 43 1.40 -4.44 -4.82
C LEU A 43 2.38 -5.11 -3.84
N ALA A 44 2.06 -5.07 -2.57
CA ALA A 44 3.01 -5.57 -1.52
C ALA A 44 3.26 -7.09 -1.64
N ASN A 45 2.53 -7.77 -2.49
CA ASN A 45 2.79 -9.24 -2.72
C ASN A 45 3.87 -9.44 -3.79
N ASP A 46 4.80 -8.51 -3.95
CA ASP A 46 5.91 -8.66 -4.96
C ASP A 46 5.33 -8.76 -6.38
N SER A 47 4.17 -8.17 -6.62
CA SER A 47 3.58 -8.20 -7.99
C SER A 47 3.40 -6.77 -8.51
N THR A 48 3.65 -6.57 -9.79
CA THR A 48 3.48 -5.20 -10.38
C THR A 48 2.61 -5.27 -11.64
N LYS A 49 1.82 -4.25 -11.88
CA LYS A 49 0.91 -4.26 -13.07
C LYS A 49 0.79 -2.86 -13.66
N SER A 50 0.73 -2.78 -14.97
CA SER A 50 0.53 -1.46 -15.64
C SER A 50 -0.86 -1.39 -16.26
N ILE A 51 -1.68 -0.46 -15.82
CA ILE A 51 -3.07 -0.37 -16.35
C ILE A 51 -3.36 1.07 -16.79
N VAL A 52 -3.88 1.23 -17.99
CA VAL A 52 -4.21 2.61 -18.47
C VAL A 52 -5.44 3.14 -17.71
N THR A 53 -5.40 4.37 -17.28
CA THR A 53 -6.50 4.92 -16.41
C THR A 53 -7.85 4.91 -17.13
N LYS A 54 -7.84 4.94 -18.44
CA LYS A 54 -9.14 5.03 -19.19
C LYS A 54 -10.06 3.86 -18.83
N ASP A 55 -9.51 2.75 -18.40
CA ASP A 55 -10.37 1.61 -17.96
C ASP A 55 -10.77 1.74 -16.47
N ILE A 56 -10.48 2.86 -15.85
CA ILE A 56 -10.94 3.06 -14.43
C ILE A 56 -12.45 3.34 -14.42
N LYS A 57 -13.23 2.44 -13.88
CA LYS A 57 -14.68 2.73 -13.64
C LYS A 57 -14.84 3.57 -12.37
N ASP A 58 -14.08 3.27 -11.35
CA ASP A 58 -14.24 3.99 -10.04
C ASP A 58 -12.93 4.00 -9.25
N LEU A 59 -12.75 4.95 -8.37
CA LEU A 59 -11.48 5.06 -7.61
C LEU A 59 -11.75 5.31 -6.12
N ARG A 60 -10.95 4.74 -5.25
CA ARG A 60 -11.03 5.08 -3.80
C ARG A 60 -9.63 5.00 -3.16
N ILE A 61 -9.43 5.66 -2.06
CA ILE A 61 -8.12 5.56 -1.35
C ILE A 61 -8.33 4.89 0.01
N LEU A 62 -7.54 3.89 0.32
CA LEU A 62 -7.76 3.13 1.60
C LEU A 62 -7.10 3.87 2.77
N PRO A 63 -7.48 3.52 3.99
CA PRO A 63 -6.92 4.19 5.19
C PRO A 63 -5.40 3.96 5.27
N LYS A 64 -4.68 4.95 5.75
CA LYS A 64 -3.20 4.82 5.85
C LYS A 64 -2.79 4.47 7.29
N ASN A 65 -3.62 3.75 8.00
CA ASN A 65 -3.30 3.37 9.41
C ASN A 65 -3.67 1.90 9.66
N GLU A 66 -3.09 1.31 10.68
CA GLU A 66 -3.39 -0.13 10.98
C GLU A 66 -3.60 -0.32 12.49
N ILE A 67 -4.66 -1.00 12.87
CA ILE A 67 -4.94 -1.22 14.32
C ILE A 67 -4.27 -2.53 14.77
N MET A 68 -4.46 -3.59 14.03
CA MET A 68 -3.86 -4.91 14.42
C MET A 68 -2.80 -5.33 13.39
N PRO A 69 -1.92 -6.24 13.78
CA PRO A 69 -0.84 -6.70 12.86
C PRO A 69 -1.44 -7.46 11.67
N LYS A 70 -1.09 -7.06 10.48
CA LYS A 70 -1.62 -7.75 9.25
C LYS A 70 -1.10 -9.18 9.18
N ASN A 71 0.15 -9.39 9.51
CA ASN A 71 0.73 -10.77 9.45
C ASN A 71 1.74 -10.97 10.59
N GLY A 72 2.39 -12.11 10.62
CA GLY A 72 3.40 -12.38 11.69
C GLY A 72 4.52 -13.25 11.13
N THR A 73 5.39 -13.73 11.99
CA THR A 73 6.52 -14.59 11.52
C THR A 73 6.00 -15.90 10.91
N LYS A 74 4.88 -16.38 11.41
CA LYS A 74 4.28 -17.64 10.86
C LYS A 74 2.77 -17.48 10.70
N SER A 75 2.07 -17.30 11.80
CA SER A 75 0.59 -17.12 11.74
C SER A 75 0.13 -16.05 12.75
N PRO A 76 -1.01 -15.46 12.49
CA PRO A 76 -1.54 -14.41 13.40
C PRO A 76 -1.92 -15.03 14.75
N SER A 77 -1.68 -14.31 15.83
CA SER A 77 -2.03 -14.83 17.19
C SER A 77 -2.82 -13.80 17.98
N THR A 78 -3.66 -14.23 18.88
CA THR A 78 -4.46 -13.27 19.70
C THR A 78 -4.34 -13.61 21.19
N ASN A 79 -4.71 -12.69 22.05
CA ASN A 79 -4.64 -12.94 23.54
C ASN A 79 -3.21 -13.36 23.95
N SER A 80 -3.01 -13.65 25.22
CA SER A 80 -1.67 -14.08 25.70
C SER A 80 -1.59 -15.60 25.78
N THR A 81 -0.41 -16.15 25.69
CA THR A 81 -0.27 -17.64 25.73
C THR A 81 0.59 -18.05 26.94
N LYS A 82 0.63 -19.33 27.25
CA LYS A 82 1.44 -19.83 28.42
C LYS A 82 1.06 -19.09 29.71
N LEU A 83 -0.22 -18.98 29.97
CA LEU A 83 -0.69 -18.29 31.22
C LEU A 83 -0.90 -19.32 32.34
N LYS A 84 -0.44 -19.03 33.53
CA LYS A 84 -0.59 -20.00 34.66
C LYS A 84 -1.75 -19.56 35.57
N SER A 85 -2.75 -20.40 35.72
CA SER A 85 -3.91 -20.04 36.60
C SER A 85 -3.48 -19.95 38.06
N ALA A 86 -2.51 -20.75 38.46
CA ALA A 86 -2.08 -20.75 39.90
C ALA A 86 -1.46 -19.40 40.28
N GLU A 87 -0.79 -18.76 39.35
CA GLU A 87 -0.16 -17.44 39.64
C GLU A 87 -0.97 -16.31 39.01
N THR A 88 -1.48 -15.40 39.81
CA THR A 88 -2.27 -14.25 39.25
C THR A 88 -1.35 -13.29 38.49
N TYR A 89 -0.14 -13.10 38.97
CA TYR A 89 0.82 -12.18 38.30
C TYR A 89 2.08 -12.92 37.90
N SER A 90 2.82 -12.38 36.96
CA SER A 90 4.07 -13.06 36.51
C SER A 90 5.29 -12.48 37.25
N SER A 91 6.28 -13.29 37.51
CA SER A 91 7.48 -12.80 38.25
C SER A 91 8.72 -12.86 37.35
N LYS A 92 9.73 -12.10 37.67
CA LYS A 92 10.98 -12.11 36.83
C LYS A 92 11.72 -13.44 37.00
N ASN A 93 12.37 -13.89 35.96
CA ASN A 93 13.10 -15.20 36.04
C ASN A 93 14.57 -14.95 36.42
N LYS A 94 15.09 -15.76 37.33
CA LYS A 94 16.51 -15.58 37.77
C LYS A 94 17.47 -15.85 36.60
N TRP A 95 17.11 -16.76 35.72
CA TRP A 95 18.00 -17.09 34.57
C TRP A 95 17.56 -16.33 33.32
N SER A 96 18.50 -15.88 32.52
CA SER A 96 18.15 -15.13 31.28
C SER A 96 18.19 -16.07 30.06
N MET A 97 17.67 -15.63 28.94
CA MET A 97 17.68 -16.49 27.72
C MET A 97 19.02 -16.35 26.98
N ASP A 98 19.59 -17.46 26.57
CA ASP A 98 20.91 -17.41 25.85
C ASP A 98 20.68 -17.25 24.34
N CYS A 99 21.39 -16.34 23.72
CA CYS A 99 21.22 -16.14 22.25
C CYS A 99 22.18 -17.04 21.48
N ASP A 100 23.39 -17.20 21.96
CA ASP A 100 24.38 -18.06 21.26
C ASP A 100 25.28 -18.77 22.29
N GLU A 101 25.70 -19.97 21.99
CA GLU A 101 26.58 -20.73 22.93
C GLU A 101 27.98 -20.90 22.33
N GLU A 102 28.98 -21.06 23.17
CA GLU A 102 30.37 -21.23 22.67
C GLU A 102 30.80 -22.69 22.78
N PHE A 103 31.67 -23.13 21.90
CA PHE A 103 32.14 -24.55 21.95
C PHE A 103 33.60 -24.64 21.50
N ASP A 104 33.88 -24.28 20.27
CA ASP A 104 35.28 -24.37 19.76
C ASP A 104 36.21 -23.40 20.52
N PHE A 105 35.72 -22.23 20.83
CA PHE A 105 36.56 -21.23 21.56
C PHE A 105 35.91 -20.88 22.90
N ALA A 106 36.71 -20.66 23.91
CA ALA A 106 36.15 -20.27 25.25
C ALA A 106 36.40 -18.77 25.50
N ALA A 107 37.50 -18.25 25.03
CA ALA A 107 37.80 -16.80 25.23
C ALA A 107 38.47 -16.22 23.98
N ASN A 108 38.42 -14.93 23.80
CA ASN A 108 39.04 -14.29 22.61
C ASN A 108 40.45 -13.79 22.93
N LEU A 109 41.46 -14.46 22.44
CA LEU A 109 42.87 -14.05 22.75
C LEU A 109 43.18 -12.70 22.08
N GLU A 110 42.61 -12.45 20.93
CA GLU A 110 42.91 -11.18 20.20
C GLU A 110 41.87 -10.12 20.53
N LYS A 111 41.89 -9.02 19.81
CA LYS A 111 40.92 -7.89 20.05
C LYS A 111 41.01 -7.38 21.50
N PHE A 112 40.35 -8.03 22.43
CA PHE A 112 40.36 -7.55 23.85
C PHE A 112 41.39 -8.33 24.68
N ASP A 113 42.28 -7.62 25.35
CA ASP A 113 43.32 -8.29 26.20
C ASP A 113 44.09 -9.36 25.41
N LYS A 114 45.00 -10.06 26.05
CA LYS A 114 45.77 -11.14 25.37
C LYS A 114 46.41 -12.07 26.40
N LYS A 115 46.24 -13.36 26.24
CA LYS A 115 46.85 -14.33 27.20
C LYS A 115 48.16 -14.88 26.65
N GLN A 116 48.18 -15.27 25.38
CA GLN A 116 49.42 -15.83 24.76
C GLN A 116 50.02 -16.96 25.60
N VAL A 117 49.38 -18.11 25.61
CA VAL A 117 49.90 -19.27 26.40
C VAL A 117 50.24 -20.43 25.47
N PHE A 118 51.43 -20.99 25.60
CA PHE A 118 51.84 -22.12 24.72
C PHE A 118 51.01 -23.37 25.03
N ALA A 119 50.79 -23.65 26.30
CA ALA A 119 50.03 -24.88 26.68
C ALA A 119 48.59 -24.51 27.06
N GLU A 120 47.67 -25.43 26.91
CA GLU A 120 46.24 -25.14 27.25
C GLU A 120 45.92 -25.66 28.65
N PHE A 121 45.00 -25.03 29.34
CA PHE A 121 44.63 -25.49 30.71
C PHE A 121 43.96 -26.86 30.66
N ARG A 122 43.23 -27.15 29.62
CA ARG A 122 42.54 -28.47 29.51
C ARG A 122 43.32 -29.40 28.57
N GLU A 123 43.26 -30.68 28.84
CA GLU A 123 44.00 -31.66 27.98
C GLU A 123 43.01 -32.52 27.17
N LYS A 124 43.49 -33.14 26.13
CA LYS A 124 42.58 -34.00 25.29
C LYS A 124 42.42 -35.38 25.92
N ASP A 125 41.20 -35.86 25.99
CA ASP A 125 40.96 -37.21 26.61
C ASP A 125 39.91 -37.98 25.78
N GLY A 1 -4.13 27.14 -0.88
CA GLY A 1 -3.28 26.51 -1.93
C GLY A 1 -3.72 27.01 -3.31
N ALA A 2 -2.78 27.35 -4.16
CA ALA A 2 -3.13 27.85 -5.52
C ALA A 2 -2.86 26.76 -6.56
N MET A 3 -1.75 26.07 -6.44
CA MET A 3 -1.40 25.00 -7.44
C MET A 3 -2.43 23.86 -7.39
N GLY A 4 -2.95 23.58 -6.22
CA GLY A 4 -3.95 22.47 -6.08
C GLY A 4 -3.20 21.14 -5.89
N MET A 5 -2.47 21.01 -4.80
CA MET A 5 -1.70 19.74 -4.51
C MET A 5 -0.81 19.35 -5.70
N SER A 6 -0.10 18.25 -5.58
CA SER A 6 0.80 17.81 -6.68
C SER A 6 0.55 16.33 -7.01
N VAL A 7 0.90 15.92 -8.22
CA VAL A 7 0.70 14.49 -8.62
C VAL A 7 1.59 13.57 -7.78
N ALA A 8 2.72 14.08 -7.31
CA ALA A 8 3.65 13.23 -6.50
C ALA A 8 2.97 12.72 -5.23
N ASP A 9 1.98 13.44 -4.74
CA ASP A 9 1.24 12.97 -3.51
C ASP A 9 0.52 11.64 -3.79
N PHE A 10 -0.03 11.49 -4.97
CA PHE A 10 -0.71 10.20 -5.32
C PHE A 10 0.33 9.14 -5.70
N TYR A 11 1.46 9.56 -6.25
CA TYR A 11 2.53 8.58 -6.64
C TYR A 11 3.08 7.88 -5.40
N GLY A 12 3.10 6.57 -5.41
CA GLY A 12 3.60 5.80 -4.22
C GLY A 12 2.50 5.64 -3.17
N SER A 13 1.31 6.15 -3.41
CA SER A 13 0.20 5.96 -2.44
C SER A 13 -0.54 4.64 -2.72
N ASN A 14 -1.11 4.03 -1.70
CA ASN A 14 -1.87 2.76 -1.92
C ASN A 14 -3.35 3.07 -2.08
N VAL A 15 -3.90 2.80 -3.24
CA VAL A 15 -5.35 3.04 -3.49
C VAL A 15 -5.96 1.82 -4.17
N GLU A 16 -7.27 1.72 -4.17
CA GLU A 16 -7.93 0.61 -4.95
C GLU A 16 -8.83 1.21 -6.03
N VAL A 17 -8.93 0.55 -7.16
CA VAL A 17 -9.80 1.08 -8.26
C VAL A 17 -10.68 -0.05 -8.79
N LEU A 18 -11.91 0.26 -9.14
CA LEU A 18 -12.71 -0.73 -9.93
C LEU A 18 -12.54 -0.43 -11.41
N LEU A 19 -12.35 -1.44 -12.20
CA LEU A 19 -12.30 -1.22 -13.67
C LEU A 19 -13.71 -1.27 -14.26
N ASN A 20 -13.84 -0.95 -15.53
CA ASN A 20 -15.20 -0.88 -16.16
C ASN A 20 -15.98 -2.20 -16.01
N ASN A 21 -15.28 -3.29 -15.79
CA ASN A 21 -15.97 -4.61 -15.67
C ASN A 21 -16.24 -4.96 -14.19
N ASP A 22 -16.33 -3.97 -13.32
CA ASP A 22 -16.77 -4.20 -11.90
C ASP A 22 -15.82 -5.19 -11.20
N SER A 23 -14.58 -5.26 -11.63
CA SER A 23 -13.56 -6.02 -10.85
C SER A 23 -12.69 -5.03 -10.07
N LYS A 24 -12.31 -5.38 -8.87
CA LYS A 24 -11.56 -4.41 -8.00
C LYS A 24 -10.10 -4.83 -7.83
N ALA A 25 -9.19 -3.89 -7.88
CA ALA A 25 -7.76 -4.20 -7.63
C ALA A 25 -7.12 -3.05 -6.84
N ARG A 26 -6.14 -3.35 -6.01
CA ARG A 26 -5.49 -2.28 -5.19
C ARG A 26 -3.97 -2.46 -5.19
N GLY A 27 -3.24 -1.39 -4.98
CA GLY A 27 -1.76 -1.50 -4.88
C GLY A 27 -1.15 -0.12 -4.65
N VAL A 28 0.15 -0.03 -4.55
CA VAL A 28 0.81 1.29 -4.40
C VAL A 28 1.21 1.83 -5.78
N ILE A 29 0.90 3.07 -6.05
CA ILE A 29 1.20 3.65 -7.40
C ILE A 29 2.72 3.70 -7.64
N THR A 30 3.15 3.31 -8.80
CA THR A 30 4.61 3.28 -9.12
C THR A 30 4.94 4.10 -10.38
N ASN A 31 3.96 4.43 -11.20
CA ASN A 31 4.24 5.34 -12.37
C ASN A 31 2.96 6.04 -12.83
N PHE A 32 3.11 7.20 -13.41
CA PHE A 32 1.94 7.93 -14.00
C PHE A 32 2.40 8.77 -15.20
N ASP A 33 1.67 8.71 -16.28
CA ASP A 33 2.07 9.45 -17.51
C ASP A 33 0.96 10.42 -17.92
N SER A 34 1.29 11.68 -18.07
CA SER A 34 0.22 12.70 -18.37
C SER A 34 -0.16 12.67 -19.85
N SER A 35 0.77 12.35 -20.71
CA SER A 35 0.49 12.38 -22.18
C SER A 35 -0.49 11.26 -22.57
N ASN A 36 -0.39 10.13 -21.91
CA ASN A 36 -1.29 8.98 -22.25
C ASN A 36 -2.08 8.49 -21.02
N SER A 37 -1.87 9.10 -19.86
CA SER A 37 -2.61 8.68 -18.61
C SER A 37 -2.45 7.18 -18.36
N ILE A 38 -1.25 6.74 -18.06
CA ILE A 38 -1.01 5.29 -17.78
C ILE A 38 -0.48 5.12 -16.35
N LEU A 39 -1.01 4.18 -15.62
CA LEU A 39 -0.65 4.04 -14.17
C LEU A 39 -0.18 2.62 -13.87
N GLN A 40 1.01 2.48 -13.32
CA GLN A 40 1.47 1.15 -12.84
C GLN A 40 1.21 1.03 -11.33
N LEU A 41 0.54 -0.01 -10.92
CA LEU A 41 0.27 -0.19 -9.45
C LEU A 41 1.07 -1.38 -8.93
N ARG A 42 1.85 -1.18 -7.89
CA ARG A 42 2.62 -2.30 -7.28
C ARG A 42 2.06 -2.62 -5.89
N LEU A 43 1.60 -3.83 -5.68
CA LEU A 43 0.92 -4.19 -4.40
C LEU A 43 1.88 -4.98 -3.49
N ALA A 44 1.61 -4.96 -2.20
CA ALA A 44 2.58 -5.53 -1.21
C ALA A 44 2.69 -7.06 -1.33
N ASN A 45 1.94 -7.69 -2.21
CA ASN A 45 2.13 -9.15 -2.45
C ASN A 45 3.21 -9.41 -3.51
N ASP A 46 4.16 -8.50 -3.68
CA ASP A 46 5.27 -8.69 -4.67
C ASP A 46 4.70 -8.78 -6.09
N SER A 47 3.57 -8.15 -6.35
CA SER A 47 2.97 -8.19 -7.72
C SER A 47 2.78 -6.76 -8.26
N THR A 48 3.09 -6.54 -9.50
CA THR A 48 2.93 -5.18 -10.10
C THR A 48 2.21 -5.28 -11.45
N LYS A 49 1.42 -4.29 -11.79
CA LYS A 49 0.65 -4.34 -13.08
C LYS A 49 0.56 -2.95 -13.71
N SER A 50 0.66 -2.87 -15.01
CA SER A 50 0.50 -1.55 -15.70
C SER A 50 -0.90 -1.43 -16.30
N ILE A 51 -1.69 -0.49 -15.82
CA ILE A 51 -3.08 -0.35 -16.32
C ILE A 51 -3.34 1.11 -16.73
N VAL A 52 -3.91 1.32 -17.88
CA VAL A 52 -4.21 2.72 -18.33
C VAL A 52 -5.39 3.27 -17.51
N THR A 53 -5.30 4.49 -17.08
CA THR A 53 -6.35 5.07 -16.18
C THR A 53 -7.72 5.14 -16.90
N LYS A 54 -7.72 5.21 -18.20
CA LYS A 54 -9.01 5.37 -18.94
C LYS A 54 -9.97 4.21 -18.63
N ASP A 55 -9.44 3.07 -18.25
CA ASP A 55 -10.35 1.94 -17.86
C ASP A 55 -10.67 1.99 -16.36
N ILE A 56 -10.37 3.08 -15.68
CA ILE A 56 -10.82 3.23 -14.26
C ILE A 56 -12.32 3.49 -14.21
N LYS A 57 -13.09 2.56 -13.69
CA LYS A 57 -14.53 2.84 -13.42
C LYS A 57 -14.68 3.64 -12.13
N ASP A 58 -13.91 3.30 -11.13
CA ASP A 58 -14.06 3.99 -9.80
C ASP A 58 -12.75 3.96 -9.02
N LEU A 59 -12.56 4.89 -8.10
CA LEU A 59 -11.28 4.96 -7.34
C LEU A 59 -11.54 5.16 -5.84
N ARG A 60 -10.73 4.57 -5.00
CA ARG A 60 -10.80 4.85 -3.54
C ARG A 60 -9.41 4.72 -2.92
N ILE A 61 -9.19 5.32 -1.77
CA ILE A 61 -7.87 5.16 -1.09
C ILE A 61 -8.04 4.29 0.17
N LEU A 62 -7.20 3.29 0.33
CA LEU A 62 -7.39 2.34 1.46
C LEU A 62 -6.75 2.91 2.74
N PRO A 63 -7.17 2.40 3.89
CA PRO A 63 -6.66 2.91 5.18
C PRO A 63 -5.15 2.61 5.32
N LYS A 64 -4.53 3.10 6.37
CA LYS A 64 -3.07 2.88 6.56
C LYS A 64 -2.80 1.40 6.87
N ASN A 65 -1.55 0.98 6.80
CA ASN A 65 -1.21 -0.44 7.07
C ASN A 65 -0.78 -0.62 8.54
N GLU A 66 -1.53 -0.08 9.46
CA GLU A 66 -1.18 -0.21 10.91
C GLU A 66 -1.24 -1.68 11.34
N ILE A 67 -2.14 -2.44 10.75
CA ILE A 67 -2.23 -3.90 11.07
C ILE A 67 -1.82 -4.72 9.84
N MET A 68 -1.06 -5.77 10.04
CA MET A 68 -0.59 -6.60 8.89
C MET A 68 -1.79 -7.33 8.23
N PRO A 69 -2.06 -7.01 6.97
CA PRO A 69 -3.17 -7.69 6.25
C PRO A 69 -2.80 -9.14 5.96
N LYS A 70 -3.79 -9.99 5.77
CA LYS A 70 -3.50 -11.42 5.44
C LYS A 70 -2.94 -11.53 4.03
N ASN A 71 -1.89 -12.30 3.85
CA ASN A 71 -1.27 -12.44 2.49
C ASN A 71 -1.77 -13.72 1.82
N GLY A 72 -2.15 -13.62 0.56
CA GLY A 72 -2.66 -14.81 -0.18
C GLY A 72 -4.05 -15.17 0.36
N THR A 73 -5.06 -14.46 -0.10
CA THR A 73 -6.46 -14.74 0.38
C THR A 73 -6.89 -16.16 -0.01
N LYS A 74 -6.53 -16.59 -1.20
CA LYS A 74 -6.88 -17.98 -1.65
C LYS A 74 -5.66 -18.63 -2.32
N SER A 75 -4.85 -19.30 -1.56
CA SER A 75 -3.64 -19.97 -2.14
C SER A 75 -3.51 -21.40 -1.56
N PRO A 76 -4.27 -22.33 -2.12
CA PRO A 76 -4.23 -23.74 -1.64
C PRO A 76 -2.85 -24.37 -1.91
N SER A 77 -2.17 -23.92 -2.94
CA SER A 77 -0.85 -24.52 -3.29
C SER A 77 0.18 -24.25 -2.19
N THR A 78 0.05 -23.15 -1.49
CA THR A 78 1.05 -22.81 -0.44
C THR A 78 0.34 -22.56 0.90
N ASN A 79 1.05 -22.68 2.00
CA ASN A 79 0.45 -22.42 3.34
C ASN A 79 1.36 -21.51 4.15
N SER A 80 0.83 -20.42 4.66
CA SER A 80 1.67 -19.46 5.45
C SER A 80 1.20 -19.43 6.91
N THR A 81 2.13 -19.36 7.83
CA THR A 81 1.75 -19.32 9.28
C THR A 81 2.15 -17.97 9.90
N LYS A 82 2.15 -16.92 9.10
CA LYS A 82 2.51 -15.54 9.62
C LYS A 82 3.87 -15.57 10.34
N LEU A 83 4.76 -16.42 9.90
CA LEU A 83 6.11 -16.51 10.55
C LEU A 83 6.92 -15.24 10.28
N LYS A 84 6.89 -14.75 9.06
CA LYS A 84 7.67 -13.53 8.70
C LYS A 84 7.09 -12.30 9.43
N SER A 85 5.79 -12.23 9.55
CA SER A 85 5.15 -11.05 10.23
C SER A 85 5.51 -11.02 11.72
N ALA A 86 5.77 -12.17 12.31
CA ALA A 86 6.10 -12.22 13.77
C ALA A 86 7.41 -11.46 14.05
N GLU A 87 8.34 -11.52 13.13
CA GLU A 87 9.63 -10.79 13.33
C GLU A 87 9.88 -9.83 12.16
N THR A 88 10.22 -8.60 12.46
CA THR A 88 10.50 -7.60 11.38
C THR A 88 11.83 -6.88 11.65
N TYR A 89 12.54 -6.53 10.62
CA TYR A 89 13.83 -5.80 10.80
C TYR A 89 13.57 -4.38 11.32
N SER A 90 12.57 -3.72 10.81
CA SER A 90 12.26 -2.33 11.26
C SER A 90 10.86 -2.26 11.89
N SER A 91 10.69 -1.41 12.87
CA SER A 91 9.35 -1.27 13.52
C SER A 91 8.37 -0.59 12.56
N LYS A 92 7.09 -0.74 12.82
CA LYS A 92 6.06 -0.11 11.92
C LYS A 92 5.09 0.76 12.74
N ASN A 93 5.59 1.38 13.79
CA ASN A 93 4.72 2.25 14.64
C ASN A 93 5.08 3.73 14.42
N LYS A 94 4.34 4.41 13.58
CA LYS A 94 4.63 5.86 13.33
C LYS A 94 3.31 6.64 13.17
N TRP A 95 3.12 7.64 13.99
CA TRP A 95 1.88 8.47 13.88
C TRP A 95 2.17 9.92 14.29
N SER A 96 1.36 10.85 13.84
CA SER A 96 1.56 12.28 14.21
C SER A 96 0.65 12.65 15.39
N MET A 97 -0.65 12.62 15.17
CA MET A 97 -1.60 12.94 16.28
C MET A 97 -2.89 12.13 16.12
N ASP A 98 -2.80 10.96 15.54
CA ASP A 98 -4.02 10.12 15.35
C ASP A 98 -4.09 9.02 16.40
N CYS A 99 -5.23 8.83 17.03
CA CYS A 99 -5.39 7.79 18.10
C CYS A 99 -4.40 8.01 19.25
N ASP A 100 -4.61 7.35 20.36
CA ASP A 100 -3.66 7.48 21.51
C ASP A 100 -3.87 6.33 22.51
N GLU A 101 -2.86 6.03 23.28
CA GLU A 101 -2.99 4.94 24.30
C GLU A 101 -2.54 5.45 25.68
N GLU A 102 -3.27 5.11 26.71
CA GLU A 102 -2.89 5.57 28.08
C GLU A 102 -1.58 4.90 28.53
N PHE A 103 -1.41 3.64 28.20
CA PHE A 103 -0.17 2.92 28.61
C PHE A 103 0.70 2.62 27.38
N ASP A 104 1.98 2.91 27.48
CA ASP A 104 2.90 2.64 26.33
C ASP A 104 3.80 1.44 26.64
N PHE A 105 3.74 0.43 25.81
CA PHE A 105 4.58 -0.80 26.06
C PHE A 105 6.07 -0.47 25.86
N ALA A 106 6.39 0.23 24.80
CA ALA A 106 7.82 0.59 24.53
C ALA A 106 8.04 2.10 24.70
N ALA A 107 9.15 2.49 25.27
CA ALA A 107 9.43 3.95 25.46
C ALA A 107 10.93 4.18 25.65
N ASN A 108 11.43 5.31 25.22
CA ASN A 108 12.88 5.61 25.40
C ASN A 108 13.06 6.98 26.09
N LEU A 109 12.68 8.04 25.41
CA LEU A 109 12.81 9.43 25.99
C LEU A 109 14.24 9.67 26.52
N GLU A 110 15.14 10.07 25.65
CA GLU A 110 16.54 10.34 26.08
C GLU A 110 16.95 11.76 25.71
N LYS A 111 17.74 12.40 26.53
CA LYS A 111 18.19 13.80 26.23
C LYS A 111 19.09 13.80 24.98
N PHE A 112 19.88 12.78 24.81
CA PHE A 112 20.79 12.70 23.62
C PHE A 112 20.43 11.48 22.76
N ASP A 113 20.72 11.53 21.49
CA ASP A 113 20.40 10.39 20.58
C ASP A 113 21.37 10.37 19.39
N LYS A 114 21.40 9.27 18.66
CA LYS A 114 22.31 9.18 17.48
C LYS A 114 21.82 10.11 16.36
N LYS A 115 22.72 10.86 15.77
CA LYS A 115 22.31 11.79 14.67
C LYS A 115 22.53 11.15 13.31
N GLN A 116 21.59 11.30 12.41
CA GLN A 116 21.73 10.72 11.04
C GLN A 116 21.43 11.77 9.98
N VAL A 117 21.86 11.54 8.76
CA VAL A 117 21.61 12.53 7.66
C VAL A 117 20.51 12.00 6.73
N PHE A 118 19.51 12.80 6.47
CA PHE A 118 18.40 12.37 5.56
C PHE A 118 18.14 13.42 4.48
N ALA A 119 17.66 13.00 3.34
CA ALA A 119 17.37 13.97 2.24
C ALA A 119 15.87 14.33 2.24
N GLU A 120 15.55 15.58 2.08
CA GLU A 120 14.12 16.01 2.09
C GLU A 120 13.96 17.36 1.37
N PHE A 121 14.74 17.60 0.35
CA PHE A 121 14.64 18.89 -0.40
C PHE A 121 13.27 19.00 -1.09
N ARG A 122 12.79 17.90 -1.63
CA ARG A 122 11.45 17.91 -2.31
C ARG A 122 10.34 18.26 -1.31
N GLU A 123 10.47 17.81 -0.09
CA GLU A 123 9.41 18.10 0.94
C GLU A 123 9.36 19.59 1.25
N LYS A 124 10.50 20.25 1.23
CA LYS A 124 10.53 21.72 1.51
C LYS A 124 9.78 22.49 0.42
N ASP A 125 9.84 22.02 -0.80
CA ASP A 125 9.15 22.71 -1.92
C ASP A 125 8.51 21.68 -2.87
N GLY A 1 -4.61 23.60 -6.48
CA GLY A 1 -4.57 25.10 -6.44
C GLY A 1 -3.13 25.56 -6.16
N ALA A 2 -2.45 26.05 -7.18
CA ALA A 2 -1.01 26.50 -7.02
C ALA A 2 -0.13 25.35 -6.50
N MET A 3 -0.10 25.13 -5.20
CA MET A 3 0.76 24.05 -4.63
C MET A 3 0.05 23.37 -3.45
N GLY A 4 -1.25 23.26 -3.52
CA GLY A 4 -2.02 22.62 -2.40
C GLY A 4 -1.69 21.12 -2.36
N MET A 5 -1.60 20.49 -3.50
CA MET A 5 -1.26 19.04 -3.53
C MET A 5 -0.14 18.78 -4.56
N SER A 6 0.61 17.73 -4.36
CA SER A 6 1.73 17.41 -5.30
C SER A 6 1.54 16.01 -5.89
N VAL A 7 2.02 15.80 -7.09
CA VAL A 7 1.88 14.45 -7.74
C VAL A 7 2.71 13.40 -6.99
N ALA A 8 3.80 13.81 -6.39
CA ALA A 8 4.68 12.84 -5.65
C ALA A 8 3.92 12.21 -4.48
N ASP A 9 2.99 12.93 -3.91
CA ASP A 9 2.18 12.37 -2.77
C ASP A 9 1.34 11.18 -3.25
N PHE A 10 0.77 11.28 -4.43
CA PHE A 10 -0.03 10.15 -4.98
C PHE A 10 0.89 8.96 -5.33
N TYR A 11 2.09 9.24 -5.76
CA TYR A 11 3.06 8.15 -6.04
C TYR A 11 3.48 7.45 -4.74
N GLY A 12 3.40 6.15 -4.70
CA GLY A 12 3.73 5.41 -3.44
C GLY A 12 2.50 5.32 -2.53
N SER A 13 1.38 5.91 -2.92
CA SER A 13 0.16 5.83 -2.08
C SER A 13 -0.65 4.57 -2.43
N ASN A 14 -1.31 3.99 -1.47
CA ASN A 14 -2.13 2.77 -1.75
C ASN A 14 -3.56 3.17 -2.08
N VAL A 15 -3.99 2.92 -3.29
CA VAL A 15 -5.39 3.25 -3.70
C VAL A 15 -6.05 2.01 -4.31
N GLU A 16 -7.37 1.96 -4.31
CA GLU A 16 -8.07 0.86 -5.03
C GLU A 16 -8.94 1.44 -6.14
N VAL A 17 -9.08 0.75 -7.23
CA VAL A 17 -9.96 1.24 -8.34
C VAL A 17 -10.79 0.09 -8.89
N LEU A 18 -12.03 0.34 -9.25
CA LEU A 18 -12.80 -0.70 -10.00
C LEU A 18 -12.69 -0.43 -11.49
N LEU A 19 -12.47 -1.46 -12.27
CA LEU A 19 -12.42 -1.27 -13.74
C LEU A 19 -13.85 -1.31 -14.32
N ASN A 20 -13.97 -1.11 -15.60
CA ASN A 20 -15.34 -1.06 -16.25
C ASN A 20 -16.12 -2.37 -16.00
N ASN A 21 -15.44 -3.45 -15.71
CA ASN A 21 -16.14 -4.76 -15.55
C ASN A 21 -16.40 -5.08 -14.06
N ASP A 22 -16.46 -4.07 -13.20
CA ASP A 22 -16.78 -4.30 -11.76
C ASP A 22 -15.79 -5.27 -11.12
N SER A 23 -14.59 -5.34 -11.65
CA SER A 23 -13.51 -6.10 -10.96
C SER A 23 -12.64 -5.12 -10.17
N LYS A 24 -12.34 -5.44 -8.94
CA LYS A 24 -11.68 -4.43 -8.05
C LYS A 24 -10.23 -4.83 -7.77
N ALA A 25 -9.33 -3.87 -7.79
CA ALA A 25 -7.91 -4.16 -7.45
C ALA A 25 -7.31 -3.00 -6.64
N ARG A 26 -6.42 -3.29 -5.73
CA ARG A 26 -5.80 -2.22 -4.89
C ARG A 26 -4.30 -2.46 -4.71
N GLY A 27 -3.52 -1.41 -4.62
CA GLY A 27 -2.05 -1.57 -4.43
C GLY A 27 -1.40 -0.19 -4.38
N VAL A 28 -0.08 -0.14 -4.37
CA VAL A 28 0.62 1.17 -4.26
C VAL A 28 0.82 1.77 -5.66
N ILE A 29 0.71 3.07 -5.77
CA ILE A 29 0.91 3.74 -7.10
C ILE A 29 2.40 3.91 -7.39
N THR A 30 2.81 3.68 -8.62
CA THR A 30 4.25 3.86 -8.98
C THR A 30 4.43 4.83 -10.15
N ASN A 31 3.53 4.82 -11.12
CA ASN A 31 3.76 5.63 -12.36
C ASN A 31 2.49 6.34 -12.81
N PHE A 32 2.62 7.52 -13.35
CA PHE A 32 1.45 8.21 -13.97
C PHE A 32 1.93 9.09 -15.12
N ASP A 33 1.34 8.94 -16.29
CA ASP A 33 1.81 9.69 -17.49
C ASP A 33 0.66 10.53 -18.06
N SER A 34 0.86 11.83 -18.15
CA SER A 34 -0.22 12.72 -18.68
C SER A 34 -0.44 12.48 -20.18
N SER A 35 0.58 12.08 -20.89
CA SER A 35 0.46 11.92 -22.39
C SER A 35 -0.61 10.89 -22.74
N ASN A 36 -0.59 9.75 -22.11
CA ASN A 36 -1.62 8.69 -22.40
C ASN A 36 -2.38 8.28 -21.13
N SER A 37 -2.17 8.99 -20.02
CA SER A 37 -2.85 8.63 -18.73
C SER A 37 -2.64 7.14 -18.40
N ILE A 38 -1.41 6.74 -18.13
CA ILE A 38 -1.13 5.31 -17.81
C ILE A 38 -0.69 5.18 -16.35
N LEU A 39 -1.24 4.21 -15.65
CA LEU A 39 -0.96 4.09 -14.18
C LEU A 39 -0.44 2.70 -13.85
N GLN A 40 0.72 2.62 -13.24
CA GLN A 40 1.24 1.31 -12.75
C GLN A 40 1.00 1.19 -11.24
N LEU A 41 0.41 0.11 -10.81
CA LEU A 41 0.20 -0.11 -9.35
C LEU A 41 1.07 -1.26 -8.87
N ARG A 42 1.96 -0.99 -7.93
CA ARG A 42 2.81 -2.08 -7.38
C ARG A 42 2.21 -2.58 -6.06
N LEU A 43 2.00 -3.87 -5.94
CA LEU A 43 1.32 -4.42 -4.74
C LEU A 43 2.34 -5.06 -3.79
N ALA A 44 2.07 -5.00 -2.50
CA ALA A 44 3.07 -5.49 -1.49
C ALA A 44 3.30 -7.00 -1.60
N ASN A 45 2.53 -7.70 -2.40
CA ASN A 45 2.78 -9.17 -2.60
C ASN A 45 3.82 -9.40 -3.72
N ASP A 46 4.75 -8.48 -3.92
CA ASP A 46 5.82 -8.67 -4.97
C ASP A 46 5.19 -8.80 -6.36
N SER A 47 4.04 -8.19 -6.58
CA SER A 47 3.41 -8.23 -7.94
C SER A 47 3.20 -6.81 -8.46
N THR A 48 3.47 -6.59 -9.74
CA THR A 48 3.30 -5.23 -10.33
C THR A 48 2.52 -5.31 -11.64
N LYS A 49 1.69 -4.34 -11.90
CA LYS A 49 0.87 -4.36 -13.17
C LYS A 49 0.72 -2.94 -13.72
N SER A 50 0.75 -2.80 -15.02
CA SER A 50 0.54 -1.46 -15.66
C SER A 50 -0.84 -1.41 -16.30
N ILE A 51 -1.66 -0.48 -15.89
CA ILE A 51 -3.05 -0.39 -16.45
C ILE A 51 -3.33 1.06 -16.89
N VAL A 52 -3.83 1.23 -18.09
CA VAL A 52 -4.15 2.62 -18.56
C VAL A 52 -5.40 3.12 -17.82
N THR A 53 -5.38 4.36 -17.40
CA THR A 53 -6.48 4.89 -16.53
C THR A 53 -7.84 4.82 -17.25
N LYS A 54 -7.84 4.82 -18.56
CA LYS A 54 -9.14 4.86 -19.31
C LYS A 54 -10.04 3.68 -18.93
N ASP A 55 -9.45 2.60 -18.46
CA ASP A 55 -10.29 1.45 -17.99
C ASP A 55 -10.67 1.61 -16.50
N ILE A 56 -10.41 2.76 -15.91
CA ILE A 56 -10.88 3.00 -14.50
C ILE A 56 -12.37 3.34 -14.50
N LYS A 57 -13.18 2.47 -13.95
CA LYS A 57 -14.62 2.82 -13.75
C LYS A 57 -14.79 3.66 -12.48
N ASP A 58 -14.06 3.33 -11.44
CA ASP A 58 -14.27 4.02 -10.12
C ASP A 58 -12.99 4.01 -9.29
N LEU A 59 -12.74 5.07 -8.55
CA LEU A 59 -11.47 5.17 -7.76
C LEU A 59 -11.77 5.41 -6.27
N ARG A 60 -10.97 4.84 -5.40
CA ARG A 60 -11.05 5.20 -3.95
C ARG A 60 -9.64 5.16 -3.33
N ILE A 61 -9.45 5.86 -2.25
CA ILE A 61 -8.13 5.82 -1.54
C ILE A 61 -8.31 5.19 -0.16
N LEU A 62 -7.49 4.22 0.17
CA LEU A 62 -7.66 3.50 1.48
C LEU A 62 -7.02 4.30 2.62
N PRO A 63 -7.81 4.69 3.62
CA PRO A 63 -7.26 5.49 4.74
C PRO A 63 -6.18 4.71 5.50
N LYS A 64 -5.13 5.38 5.90
CA LYS A 64 -4.04 4.71 6.67
C LYS A 64 -4.27 4.86 8.17
N ASN A 65 -4.30 6.08 8.65
CA ASN A 65 -4.52 6.31 10.11
C ASN A 65 -5.43 7.52 10.31
N GLU A 66 -5.01 8.68 9.84
CA GLU A 66 -5.85 9.90 9.97
C GLU A 66 -6.15 10.50 8.59
N ILE A 67 -7.27 11.17 8.45
CA ILE A 67 -7.62 11.77 7.13
C ILE A 67 -8.38 13.10 7.34
N MET A 68 -7.80 13.99 8.10
CA MET A 68 -8.46 15.32 8.34
C MET A 68 -7.63 16.45 7.71
N PRO A 69 -8.28 17.57 7.47
CA PRO A 69 -7.57 18.73 6.85
C PRO A 69 -6.52 19.29 7.82
N LYS A 70 -6.77 19.22 9.10
CA LYS A 70 -5.78 19.74 10.10
C LYS A 70 -5.20 18.58 10.91
N ASN A 71 -3.89 18.47 10.94
CA ASN A 71 -3.25 17.36 11.71
C ASN A 71 -2.31 17.94 12.78
N GLY A 72 -2.17 17.26 13.89
CA GLY A 72 -1.26 17.76 14.97
C GLY A 72 -1.96 18.87 15.75
N THR A 73 -3.21 18.65 16.13
CA THR A 73 -3.95 19.70 16.90
C THR A 73 -3.30 19.95 18.25
N LYS A 74 -2.86 18.90 18.91
CA LYS A 74 -2.20 19.06 20.24
C LYS A 74 -0.95 18.17 20.33
N SER A 75 -0.28 17.95 19.22
CA SER A 75 0.94 17.10 19.22
C SER A 75 1.95 17.61 18.18
N PRO A 76 3.19 17.19 18.32
CA PRO A 76 4.25 17.62 17.36
C PRO A 76 3.92 17.13 15.93
N SER A 77 4.36 17.86 14.94
CA SER A 77 4.08 17.45 13.53
C SER A 77 4.85 16.17 13.17
N THR A 78 4.34 15.40 12.24
CA THR A 78 5.04 14.13 11.85
C THR A 78 5.29 14.12 10.34
N ASN A 79 6.44 13.62 9.93
CA ASN A 79 6.76 13.56 8.47
C ASN A 79 6.61 12.12 7.97
N SER A 80 6.27 11.96 6.71
CA SER A 80 6.09 10.58 6.15
C SER A 80 7.31 10.19 5.32
N THR A 81 7.79 8.98 5.48
CA THR A 81 8.98 8.52 4.70
C THR A 81 8.85 7.04 4.34
N LYS A 82 9.70 6.54 3.48
CA LYS A 82 9.63 5.10 3.07
C LYS A 82 9.90 4.19 4.28
N LEU A 83 10.70 4.64 5.21
CA LEU A 83 11.00 3.82 6.43
C LEU A 83 9.96 4.07 7.52
N LYS A 84 9.64 3.07 8.29
CA LYS A 84 8.61 3.24 9.37
C LYS A 84 9.28 3.68 10.67
N SER A 85 8.52 4.26 11.58
CA SER A 85 9.10 4.73 12.88
C SER A 85 9.69 3.54 13.67
N ALA A 86 9.12 2.37 13.52
CA ALA A 86 9.65 1.17 14.24
C ALA A 86 11.08 0.85 13.78
N GLU A 87 11.39 1.14 12.54
CA GLU A 87 12.77 0.89 12.03
C GLU A 87 13.61 2.18 12.10
N THR A 88 14.86 2.11 11.75
CA THR A 88 15.73 3.32 11.81
C THR A 88 15.32 4.33 10.74
N TYR A 89 15.50 5.60 11.00
CA TYR A 89 15.09 6.65 10.02
C TYR A 89 16.26 6.98 9.09
N SER A 90 17.35 7.47 9.64
CA SER A 90 18.53 7.81 8.80
C SER A 90 19.83 7.63 9.61
N SER A 91 20.80 6.96 9.05
CA SER A 91 22.10 6.77 9.76
C SER A 91 23.28 7.10 8.85
N LYS A 92 24.34 7.63 9.41
CA LYS A 92 25.54 7.97 8.58
C LYS A 92 26.81 7.81 9.41
N ASN A 93 26.82 6.89 10.34
CA ASN A 93 28.04 6.67 11.19
C ASN A 93 28.12 5.21 11.62
N LYS A 94 27.03 4.65 12.09
CA LYS A 94 27.04 3.22 12.53
C LYS A 94 26.48 2.32 11.41
N TRP A 95 26.71 1.04 11.50
CA TRP A 95 26.21 0.10 10.45
C TRP A 95 24.87 -0.50 10.89
N SER A 96 23.96 -0.70 9.95
CA SER A 96 22.62 -1.27 10.31
C SER A 96 22.77 -2.73 10.75
N MET A 97 21.85 -3.22 11.53
CA MET A 97 21.92 -4.63 12.02
C MET A 97 20.69 -5.41 11.55
N ASP A 98 20.83 -6.69 11.35
CA ASP A 98 19.66 -7.53 10.91
C ASP A 98 18.96 -8.15 12.12
N CYS A 99 17.65 -8.28 12.06
CA CYS A 99 16.90 -8.89 13.20
C CYS A 99 16.05 -10.06 12.71
N ASP A 100 16.23 -11.22 13.28
CA ASP A 100 15.45 -12.42 12.83
C ASP A 100 13.96 -12.24 13.15
N GLU A 101 13.65 -11.67 14.28
CA GLU A 101 12.22 -11.48 14.67
C GLU A 101 11.94 -9.99 14.93
N GLU A 102 10.74 -9.55 14.62
CA GLU A 102 10.39 -8.11 14.86
C GLU A 102 9.28 -8.01 15.91
N PHE A 103 9.43 -7.10 16.84
CA PHE A 103 8.39 -6.94 17.91
C PHE A 103 7.14 -6.26 17.35
N ASP A 104 7.30 -5.39 16.38
CA ASP A 104 6.12 -4.71 15.77
C ASP A 104 5.52 -5.59 14.67
N PHE A 105 4.24 -5.82 14.71
CA PHE A 105 3.58 -6.68 13.68
C PHE A 105 2.44 -5.92 12.99
N ALA A 106 2.03 -6.38 11.84
CA ALA A 106 0.92 -5.70 11.09
C ALA A 106 -0.39 -6.46 11.27
N ALA A 107 -1.50 -5.78 11.13
CA ALA A 107 -2.83 -6.45 11.30
C ALA A 107 -3.05 -7.51 10.21
N ASN A 108 -2.53 -7.26 9.02
CA ASN A 108 -2.69 -8.24 7.91
C ASN A 108 -1.38 -9.01 7.69
N LEU A 109 -1.25 -10.15 8.33
CA LEU A 109 -0.01 -10.97 8.16
C LEU A 109 -0.32 -12.44 8.44
N GLU A 110 -0.12 -13.29 7.45
CA GLU A 110 -0.39 -14.75 7.65
C GLU A 110 0.68 -15.58 6.95
N LYS A 111 1.57 -16.20 7.70
CA LYS A 111 2.66 -17.05 7.10
C LYS A 111 3.42 -16.28 6.02
N PHE A 112 4.33 -16.94 5.34
CA PHE A 112 5.12 -16.27 4.27
C PHE A 112 4.86 -16.95 2.92
N ASP A 113 4.92 -16.21 1.84
CA ASP A 113 4.68 -16.80 0.49
C ASP A 113 6.00 -17.35 -0.08
N LYS A 114 5.98 -18.57 -0.56
CA LYS A 114 7.22 -19.18 -1.12
C LYS A 114 7.14 -19.22 -2.65
N LYS A 115 8.23 -18.95 -3.33
CA LYS A 115 8.24 -18.99 -4.82
C LYS A 115 8.80 -20.33 -5.31
N GLN A 116 8.38 -20.77 -6.46
CA GLN A 116 8.88 -22.08 -7.00
C GLN A 116 10.05 -21.84 -7.96
N VAL A 117 11.27 -22.05 -7.50
CA VAL A 117 12.46 -21.85 -8.38
C VAL A 117 13.45 -23.01 -8.20
N PHE A 118 14.38 -23.16 -9.12
CA PHE A 118 15.37 -24.27 -9.01
C PHE A 118 16.68 -23.75 -8.41
N ALA A 119 17.13 -24.36 -7.33
CA ALA A 119 18.41 -23.93 -6.66
C ALA A 119 18.40 -22.41 -6.38
N GLU A 120 17.92 -22.02 -5.22
CA GLU A 120 17.90 -20.57 -4.86
C GLU A 120 19.32 -20.07 -4.61
N PHE A 121 20.16 -20.90 -4.03
CA PHE A 121 21.57 -20.48 -3.73
C PHE A 121 22.35 -20.25 -5.01
N ARG A 122 22.16 -21.10 -6.00
CA ARG A 122 22.91 -20.99 -7.30
C ARG A 122 24.43 -20.92 -7.06
N GLU A 123 25.20 -20.81 -8.11
CA GLU A 123 26.69 -20.72 -7.95
C GLU A 123 27.07 -19.38 -7.32
N LYS A 124 26.40 -18.32 -7.71
CA LYS A 124 26.71 -16.97 -7.13
C LYS A 124 25.40 -16.21 -6.86
N ASP A 125 25.28 -15.65 -5.68
CA ASP A 125 24.04 -14.89 -5.33
C ASP A 125 24.31 -13.95 -4.16
#